data_3UAP
# 
_entry.id   3UAP 
# 
_audit_conform.dict_name       mmcif_pdbx.dic 
_audit_conform.dict_version    5.379 
_audit_conform.dict_location   http://mmcif.pdb.org/dictionaries/ascii/mmcif_pdbx.dic 
# 
loop_
_database_2.database_id 
_database_2.database_code 
_database_2.pdbx_database_accession 
_database_2.pdbx_DOI 
PDB   3UAP         pdb_00003uap 10.2210/pdb3uap/pdb 
RCSB  RCSB068517   ?            ?                   
WWPDB D_1000068517 ?            ?                   
# 
loop_
_pdbx_database_related.db_name 
_pdbx_database_related.db_id 
_pdbx_database_related.details 
_pdbx_database_related.content_type 
PDB         3UAR       . unspecified 
TargetTrack EFI-501774 . unspecified 
# 
_pdbx_database_status.status_code                     REL 
_pdbx_database_status.entry_id                        3UAP 
_pdbx_database_status.recvd_initial_deposition_date   2011-10-21 
_pdbx_database_status.deposit_site                    RCSB 
_pdbx_database_status.process_site                    RCSB 
_pdbx_database_status.status_code_sf                  REL 
_pdbx_database_status.status_code_mr                  ? 
_pdbx_database_status.SG_entry                        Y 
_pdbx_database_status.status_code_cs                  ? 
_pdbx_database_status.pdb_format_compatible           Y 
_pdbx_database_status.methods_development_category    ? 
_pdbx_database_status.status_code_nmr_data            ? 
# 
loop_
_audit_author.name 
_audit_author.pdbx_ordinal 
'Patskovsky, Y.'                   1  
'Toro, R.'                         2  
'Bhosle, R.'                       3  
'Zencheck, W.D.'                   4  
'Hillerich, B.'                    5  
'Seidel, R.D.'                     6  
'Washington, E.'                   7  
'Scott Glenn, A.'                  8  
'Chowdhury, S.'                    9  
'Evans, B.'                        10 
'Hammonds, J.'                     11 
'Imker, H.J.'                      12 
'Armstrong, R.N.'                  13 
'Gerlt, J.A.'                      14 
'Almo, S.C.'                       15 
'Enzyme Function Initiative (EFI)' 16 
# 
_citation.id                        primary 
_citation.title                     'Crystal Structure of Glutathione S-Transferase from Methylococcus Capsulatus' 
_citation.journal_abbrev            'To be Published' 
_citation.journal_volume            ? 
_citation.page_first                ? 
_citation.page_last                 ? 
_citation.year                      ? 
_citation.journal_id_ASTM           ? 
_citation.country                   ? 
_citation.journal_id_ISSN           ? 
_citation.journal_id_CSD            0353 
_citation.book_publisher            ? 
_citation.pdbx_database_id_PubMed   ? 
_citation.pdbx_database_id_DOI      ? 
# 
loop_
_citation_author.citation_id 
_citation_author.name 
_citation_author.ordinal 
_citation_author.identifier_ORCID 
primary 'Patskovsky, Y.'  1  ? 
primary 'Toro, R.'        2  ? 
primary 'Bhosle, R.'      3  ? 
primary 'Zencheck, W.D.'  4  ? 
primary 'Hillerich, B.'   5  ? 
primary 'Seidel, R.D.'    6  ? 
primary 'Washington, E.'  7  ? 
primary 'Scott Glenn, A.' 8  ? 
primary 'Chowdhury, S.'   9  ? 
primary 'Evans, B.'       10 ? 
primary 'Hammonds, J.'    11 ? 
primary 'Imker, H.J.'     12 ? 
primary 'Armstrong, R.N.' 13 ? 
primary 'Gerlt, J.A.'     14 ? 
primary 'Almo, S.C.'      15 ? 
# 
_cell.entry_id           3UAP 
_cell.length_a           129.246 
_cell.length_b           129.246 
_cell.length_c           129.246 
_cell.angle_alpha        90.00 
_cell.angle_beta         90.00 
_cell.angle_gamma        90.00 
_cell.Z_PDB              24 
_cell.pdbx_unique_axis   ? 
_cell.length_a_esd       ? 
_cell.length_b_esd       ? 
_cell.length_c_esd       ? 
_cell.angle_alpha_esd    ? 
_cell.angle_beta_esd     ? 
_cell.angle_gamma_esd    ? 
# 
_symmetry.entry_id                         3UAP 
_symmetry.space_group_name_H-M             'P 43 3 2' 
_symmetry.pdbx_full_space_group_name_H-M   ? 
_symmetry.cell_setting                     ? 
_symmetry.Int_Tables_number                212 
_symmetry.space_group_name_Hall            ? 
# 
loop_
_entity.id 
_entity.type 
_entity.src_method 
_entity.pdbx_description 
_entity.formula_weight 
_entity.pdbx_number_of_molecules 
_entity.pdbx_ec 
_entity.pdbx_mutation 
_entity.pdbx_fragment 
_entity.details 
1 polymer     man 'Glutathione S-transferase' 25875.447 1 2.5.1.18 ? ? ? 
2 non-polymer syn GLYCEROL                    92.094    1 ?        ? ? ? 
3 water       nat water                       18.015    3 ?        ? ? ? 
# 
_entity_poly.entity_id                      1 
_entity_poly.type                           'polypeptide(L)' 
_entity_poly.nstd_linkage                   no 
_entity_poly.nstd_monomer                   no 
_entity_poly.pdbx_seq_one_letter_code       
;MVMKLYYFPGACSLAPHIVLREAGLDFELENVDLGTKKTGSGADFLQVNPKGYVPALQLDDGQVLTEDQVILQYLADLKP
ESGLMPPSGTFERYRLLEWLAFISTEIHKTFGPFWNPESPEASKQIALGLLSRRLDYVEDRLEAGGPWLMGDRYSVADAY
LSTVLGWCEYLKIDLSKWPRILAYLERNQARPAVQAAMKAEGLIQAENLYFQSHHHHHHWSHPQFEK
;
_entity_poly.pdbx_seq_one_letter_code_can   
;MVMKLYYFPGACSLAPHIVLREAGLDFELENVDLGTKKTGSGADFLQVNPKGYVPALQLDDGQVLTEDQVILQYLADLKP
ESGLMPPSGTFERYRLLEWLAFISTEIHKTFGPFWNPESPEASKQIALGLLSRRLDYVEDRLEAGGPWLMGDRYSVADAY
LSTVLGWCEYLKIDLSKWPRILAYLERNQARPAVQAAMKAEGLIQAENLYFQSHHHHHHWSHPQFEK
;
_entity_poly.pdbx_strand_id                 A 
_entity_poly.pdbx_target_identifier         EFI-501774 
# 
loop_
_entity_poly_seq.entity_id 
_entity_poly_seq.num 
_entity_poly_seq.mon_id 
_entity_poly_seq.hetero 
1 1   MET n 
1 2   VAL n 
1 3   MET n 
1 4   LYS n 
1 5   LEU n 
1 6   TYR n 
1 7   TYR n 
1 8   PHE n 
1 9   PRO n 
1 10  GLY n 
1 11  ALA n 
1 12  CYS n 
1 13  SER n 
1 14  LEU n 
1 15  ALA n 
1 16  PRO n 
1 17  HIS n 
1 18  ILE n 
1 19  VAL n 
1 20  LEU n 
1 21  ARG n 
1 22  GLU n 
1 23  ALA n 
1 24  GLY n 
1 25  LEU n 
1 26  ASP n 
1 27  PHE n 
1 28  GLU n 
1 29  LEU n 
1 30  GLU n 
1 31  ASN n 
1 32  VAL n 
1 33  ASP n 
1 34  LEU n 
1 35  GLY n 
1 36  THR n 
1 37  LYS n 
1 38  LYS n 
1 39  THR n 
1 40  GLY n 
1 41  SER n 
1 42  GLY n 
1 43  ALA n 
1 44  ASP n 
1 45  PHE n 
1 46  LEU n 
1 47  GLN n 
1 48  VAL n 
1 49  ASN n 
1 50  PRO n 
1 51  LYS n 
1 52  GLY n 
1 53  TYR n 
1 54  VAL n 
1 55  PRO n 
1 56  ALA n 
1 57  LEU n 
1 58  GLN n 
1 59  LEU n 
1 60  ASP n 
1 61  ASP n 
1 62  GLY n 
1 63  GLN n 
1 64  VAL n 
1 65  LEU n 
1 66  THR n 
1 67  GLU n 
1 68  ASP n 
1 69  GLN n 
1 70  VAL n 
1 71  ILE n 
1 72  LEU n 
1 73  GLN n 
1 74  TYR n 
1 75  LEU n 
1 76  ALA n 
1 77  ASP n 
1 78  LEU n 
1 79  LYS n 
1 80  PRO n 
1 81  GLU n 
1 82  SER n 
1 83  GLY n 
1 84  LEU n 
1 85  MET n 
1 86  PRO n 
1 87  PRO n 
1 88  SER n 
1 89  GLY n 
1 90  THR n 
1 91  PHE n 
1 92  GLU n 
1 93  ARG n 
1 94  TYR n 
1 95  ARG n 
1 96  LEU n 
1 97  LEU n 
1 98  GLU n 
1 99  TRP n 
1 100 LEU n 
1 101 ALA n 
1 102 PHE n 
1 103 ILE n 
1 104 SER n 
1 105 THR n 
1 106 GLU n 
1 107 ILE n 
1 108 HIS n 
1 109 LYS n 
1 110 THR n 
1 111 PHE n 
1 112 GLY n 
1 113 PRO n 
1 114 PHE n 
1 115 TRP n 
1 116 ASN n 
1 117 PRO n 
1 118 GLU n 
1 119 SER n 
1 120 PRO n 
1 121 GLU n 
1 122 ALA n 
1 123 SER n 
1 124 LYS n 
1 125 GLN n 
1 126 ILE n 
1 127 ALA n 
1 128 LEU n 
1 129 GLY n 
1 130 LEU n 
1 131 LEU n 
1 132 SER n 
1 133 ARG n 
1 134 ARG n 
1 135 LEU n 
1 136 ASP n 
1 137 TYR n 
1 138 VAL n 
1 139 GLU n 
1 140 ASP n 
1 141 ARG n 
1 142 LEU n 
1 143 GLU n 
1 144 ALA n 
1 145 GLY n 
1 146 GLY n 
1 147 PRO n 
1 148 TRP n 
1 149 LEU n 
1 150 MET n 
1 151 GLY n 
1 152 ASP n 
1 153 ARG n 
1 154 TYR n 
1 155 SER n 
1 156 VAL n 
1 157 ALA n 
1 158 ASP n 
1 159 ALA n 
1 160 TYR n 
1 161 LEU n 
1 162 SER n 
1 163 THR n 
1 164 VAL n 
1 165 LEU n 
1 166 GLY n 
1 167 TRP n 
1 168 CYS n 
1 169 GLU n 
1 170 TYR n 
1 171 LEU n 
1 172 LYS n 
1 173 ILE n 
1 174 ASP n 
1 175 LEU n 
1 176 SER n 
1 177 LYS n 
1 178 TRP n 
1 179 PRO n 
1 180 ARG n 
1 181 ILE n 
1 182 LEU n 
1 183 ALA n 
1 184 TYR n 
1 185 LEU n 
1 186 GLU n 
1 187 ARG n 
1 188 ASN n 
1 189 GLN n 
1 190 ALA n 
1 191 ARG n 
1 192 PRO n 
1 193 ALA n 
1 194 VAL n 
1 195 GLN n 
1 196 ALA n 
1 197 ALA n 
1 198 MET n 
1 199 LYS n 
1 200 ALA n 
1 201 GLU n 
1 202 GLY n 
1 203 LEU n 
1 204 ILE n 
1 205 GLN n 
1 206 ALA n 
1 207 GLU n 
1 208 ASN n 
1 209 LEU n 
1 210 TYR n 
1 211 PHE n 
1 212 GLN n 
1 213 SER n 
1 214 HIS n 
1 215 HIS n 
1 216 HIS n 
1 217 HIS n 
1 218 HIS n 
1 219 HIS n 
1 220 TRP n 
1 221 SER n 
1 222 HIS n 
1 223 PRO n 
1 224 GLN n 
1 225 PHE n 
1 226 GLU n 
1 227 LYS n 
# 
_entity_src_gen.entity_id                          1 
_entity_src_gen.pdbx_src_id                        1 
_entity_src_gen.pdbx_alt_source_flag               sample 
_entity_src_gen.pdbx_seq_type                      ? 
_entity_src_gen.pdbx_beg_seq_num                   ? 
_entity_src_gen.pdbx_end_seq_num                   ? 
_entity_src_gen.gene_src_common_name               ? 
_entity_src_gen.gene_src_genus                     ? 
_entity_src_gen.pdbx_gene_src_gene                 'gst, MCA0074' 
_entity_src_gen.gene_src_species                   ? 
_entity_src_gen.gene_src_strain                    'NCIMB 11132 / Bath' 
_entity_src_gen.gene_src_tissue                    ? 
_entity_src_gen.gene_src_tissue_fraction           ? 
_entity_src_gen.gene_src_details                   ? 
_entity_src_gen.pdbx_gene_src_fragment             ? 
_entity_src_gen.pdbx_gene_src_scientific_name      'Methylococcus capsulatus' 
_entity_src_gen.pdbx_gene_src_ncbi_taxonomy_id     243233 
_entity_src_gen.pdbx_gene_src_variant              ? 
_entity_src_gen.pdbx_gene_src_cell_line            ? 
_entity_src_gen.pdbx_gene_src_atcc                 33009 
_entity_src_gen.pdbx_gene_src_organ                ? 
_entity_src_gen.pdbx_gene_src_organelle            ? 
_entity_src_gen.pdbx_gene_src_cell                 ? 
_entity_src_gen.pdbx_gene_src_cellular_location    ? 
_entity_src_gen.host_org_common_name               ? 
_entity_src_gen.pdbx_host_org_scientific_name      'Escherichia coli' 
_entity_src_gen.pdbx_host_org_ncbi_taxonomy_id     469008 
_entity_src_gen.host_org_genus                     ? 
_entity_src_gen.pdbx_host_org_gene                 ? 
_entity_src_gen.pdbx_host_org_organ                ? 
_entity_src_gen.host_org_species                   ? 
_entity_src_gen.pdbx_host_org_tissue               ? 
_entity_src_gen.pdbx_host_org_tissue_fraction      ? 
_entity_src_gen.pdbx_host_org_strain               'BL21(DE3)' 
_entity_src_gen.pdbx_host_org_variant              ? 
_entity_src_gen.pdbx_host_org_cell_line            ? 
_entity_src_gen.pdbx_host_org_atcc                 ? 
_entity_src_gen.pdbx_host_org_culture_collection   ? 
_entity_src_gen.pdbx_host_org_cell                 ? 
_entity_src_gen.pdbx_host_org_organelle            ? 
_entity_src_gen.pdbx_host_org_cellular_location    ? 
_entity_src_gen.pdbx_host_org_vector_type          PLASMID 
_entity_src_gen.pdbx_host_org_vector               ? 
_entity_src_gen.host_org_details                   ? 
_entity_src_gen.expression_system_id               ? 
_entity_src_gen.plasmid_name                       PET 
_entity_src_gen.plasmid_details                    ? 
_entity_src_gen.pdbx_description                   ? 
# 
_struct_ref.id                         1 
_struct_ref.db_name                    UNP 
_struct_ref.db_code                    Q60CN1_METCA 
_struct_ref.pdbx_db_accession          Q60CN1 
_struct_ref.entity_id                  1 
_struct_ref.pdbx_seq_one_letter_code   
;MKLYYFPGACSLAPHIVLREAGLDFELENVDLGTKKTGSGADFLQVNPKGYVPALQLDDGQVLTEDQVILQYLADLKPES
GLMPPSGTFERYRLLEWLAFISTEIHKTFGPFWNPESPEASKQIALGLLSRRLDYVEDRLEAGGPWLMGDRYSVADAYLS
TVLGWCEYLKIDLSKWPRILAYLERNQARPAVQAAMKAEGLIQ
;
_struct_ref.pdbx_align_begin           1 
_struct_ref.pdbx_db_isoform            ? 
# 
_struct_ref_seq.align_id                      1 
_struct_ref_seq.ref_id                        1 
_struct_ref_seq.pdbx_PDB_id_code              3UAP 
_struct_ref_seq.pdbx_strand_id                A 
_struct_ref_seq.seq_align_beg                 3 
_struct_ref_seq.pdbx_seq_align_beg_ins_code   ? 
_struct_ref_seq.seq_align_end                 205 
_struct_ref_seq.pdbx_seq_align_end_ins_code   ? 
_struct_ref_seq.pdbx_db_accession             Q60CN1 
_struct_ref_seq.db_align_beg                  1 
_struct_ref_seq.pdbx_db_align_beg_ins_code    ? 
_struct_ref_seq.db_align_end                  203 
_struct_ref_seq.pdbx_db_align_end_ins_code    ? 
_struct_ref_seq.pdbx_auth_seq_align_beg       1 
_struct_ref_seq.pdbx_auth_seq_align_end       203 
# 
loop_
_struct_ref_seq_dif.align_id 
_struct_ref_seq_dif.pdbx_pdb_id_code 
_struct_ref_seq_dif.mon_id 
_struct_ref_seq_dif.pdbx_pdb_strand_id 
_struct_ref_seq_dif.seq_num 
_struct_ref_seq_dif.pdbx_pdb_ins_code 
_struct_ref_seq_dif.pdbx_seq_db_name 
_struct_ref_seq_dif.pdbx_seq_db_accession_code 
_struct_ref_seq_dif.db_mon_id 
_struct_ref_seq_dif.pdbx_seq_db_seq_num 
_struct_ref_seq_dif.details 
_struct_ref_seq_dif.pdbx_auth_seq_num 
_struct_ref_seq_dif.pdbx_ordinal 
1 3UAP MET A 1   ? UNP Q60CN1 ? ? 'expression tag' -1  1  
1 3UAP VAL A 2   ? UNP Q60CN1 ? ? 'expression tag' 0   2  
1 3UAP ALA A 206 ? UNP Q60CN1 ? ? 'expression tag' 204 3  
1 3UAP GLU A 207 ? UNP Q60CN1 ? ? 'expression tag' 205 4  
1 3UAP ASN A 208 ? UNP Q60CN1 ? ? 'expression tag' 206 5  
1 3UAP LEU A 209 ? UNP Q60CN1 ? ? 'expression tag' 207 6  
1 3UAP TYR A 210 ? UNP Q60CN1 ? ? 'expression tag' 208 7  
1 3UAP PHE A 211 ? UNP Q60CN1 ? ? 'expression tag' 209 8  
1 3UAP GLN A 212 ? UNP Q60CN1 ? ? 'expression tag' 210 9  
1 3UAP SER A 213 ? UNP Q60CN1 ? ? 'expression tag' 211 10 
1 3UAP HIS A 214 ? UNP Q60CN1 ? ? 'expression tag' 212 11 
1 3UAP HIS A 215 ? UNP Q60CN1 ? ? 'expression tag' 213 12 
1 3UAP HIS A 216 ? UNP Q60CN1 ? ? 'expression tag' 214 13 
1 3UAP HIS A 217 ? UNP Q60CN1 ? ? 'expression tag' 215 14 
1 3UAP HIS A 218 ? UNP Q60CN1 ? ? 'expression tag' 216 15 
1 3UAP HIS A 219 ? UNP Q60CN1 ? ? 'expression tag' 217 16 
1 3UAP TRP A 220 ? UNP Q60CN1 ? ? 'expression tag' 218 17 
1 3UAP SER A 221 ? UNP Q60CN1 ? ? 'expression tag' 219 18 
1 3UAP HIS A 222 ? UNP Q60CN1 ? ? 'expression tag' 220 19 
1 3UAP PRO A 223 ? UNP Q60CN1 ? ? 'expression tag' 221 20 
1 3UAP GLN A 224 ? UNP Q60CN1 ? ? 'expression tag' 222 21 
1 3UAP PHE A 225 ? UNP Q60CN1 ? ? 'expression tag' 223 22 
1 3UAP GLU A 226 ? UNP Q60CN1 ? ? 'expression tag' 224 23 
1 3UAP LYS A 227 ? UNP Q60CN1 ? ? 'expression tag' 225 24 
# 
loop_
_chem_comp.id 
_chem_comp.type 
_chem_comp.mon_nstd_flag 
_chem_comp.name 
_chem_comp.pdbx_synonyms 
_chem_comp.formula 
_chem_comp.formula_weight 
ALA 'L-peptide linking' y ALANINE         ?                               'C3 H7 N O2'     89.093  
ARG 'L-peptide linking' y ARGININE        ?                               'C6 H15 N4 O2 1' 175.209 
ASN 'L-peptide linking' y ASPARAGINE      ?                               'C4 H8 N2 O3'    132.118 
ASP 'L-peptide linking' y 'ASPARTIC ACID' ?                               'C4 H7 N O4'     133.103 
CYS 'L-peptide linking' y CYSTEINE        ?                               'C3 H7 N O2 S'   121.158 
GLN 'L-peptide linking' y GLUTAMINE       ?                               'C5 H10 N2 O3'   146.144 
GLU 'L-peptide linking' y 'GLUTAMIC ACID' ?                               'C5 H9 N O4'     147.129 
GLY 'peptide linking'   y GLYCINE         ?                               'C2 H5 N O2'     75.067  
GOL non-polymer         . GLYCEROL        'GLYCERIN; PROPANE-1,2,3-TRIOL' 'C3 H8 O3'       92.094  
HIS 'L-peptide linking' y HISTIDINE       ?                               'C6 H10 N3 O2 1' 156.162 
HOH non-polymer         . WATER           ?                               'H2 O'           18.015  
ILE 'L-peptide linking' y ISOLEUCINE      ?                               'C6 H13 N O2'    131.173 
LEU 'L-peptide linking' y LEUCINE         ?                               'C6 H13 N O2'    131.173 
LYS 'L-peptide linking' y LYSINE          ?                               'C6 H15 N2 O2 1' 147.195 
MET 'L-peptide linking' y METHIONINE      ?                               'C5 H11 N O2 S'  149.211 
PHE 'L-peptide linking' y PHENYLALANINE   ?                               'C9 H11 N O2'    165.189 
PRO 'L-peptide linking' y PROLINE         ?                               'C5 H9 N O2'     115.130 
SER 'L-peptide linking' y SERINE          ?                               'C3 H7 N O3'     105.093 
THR 'L-peptide linking' y THREONINE       ?                               'C4 H9 N O3'     119.119 
TRP 'L-peptide linking' y TRYPTOPHAN      ?                               'C11 H12 N2 O2'  204.225 
TYR 'L-peptide linking' y TYROSINE        ?                               'C9 H11 N O3'    181.189 
VAL 'L-peptide linking' y VALINE          ?                               'C5 H11 N O2'    117.146 
# 
_exptl.entry_id          3UAP 
_exptl.method            'X-RAY DIFFRACTION' 
_exptl.crystals_number   1 
# 
_exptl_crystal.id                    1 
_exptl_crystal.density_meas          ? 
_exptl_crystal.density_Matthews      3.50 
_exptl_crystal.density_percent_sol   64.86 
_exptl_crystal.description           ? 
_exptl_crystal.F_000                 ? 
_exptl_crystal.preparation           ? 
# 
_exptl_crystal_grow.crystal_id      1 
_exptl_crystal_grow.method          ? 
_exptl_crystal_grow.temp            ? 
_exptl_crystal_grow.temp_details    ? 
_exptl_crystal_grow.pH              7.0 
_exptl_crystal_grow.pdbx_details    
'0.2M SODIUM CHLORIDE, 0.1M TRIS-HCL, 30% PEG3000, PH 7.0, VAPOR DIFFUSION, SITTING DROP, TEMPERATURE 294K' 
_exptl_crystal_grow.pdbx_pH_range   ? 
# 
_diffrn.id                     1 
_diffrn.ambient_temp           100 
_diffrn.ambient_temp_details   ? 
_diffrn.crystal_id             1 
# 
_diffrn_detector.diffrn_id              1 
_diffrn_detector.detector               CCD 
_diffrn_detector.type                   'ADSC QUANTUM 315' 
_diffrn_detector.pdbx_collection_date   2011-10-07 
_diffrn_detector.details                MIRRORS 
# 
_diffrn_radiation.diffrn_id                        1 
_diffrn_radiation.wavelength_id                    1 
_diffrn_radiation.pdbx_monochromatic_or_laue_m_l   M 
_diffrn_radiation.monochromator                    ? 
_diffrn_radiation.pdbx_diffrn_protocol             'SINGLE WAVELENGTH' 
_diffrn_radiation.pdbx_scattering_type             x-ray 
# 
_diffrn_radiation_wavelength.id           1 
_diffrn_radiation_wavelength.wavelength   1.075 
_diffrn_radiation_wavelength.wt           1.0 
# 
_diffrn_source.diffrn_id                   1 
_diffrn_source.source                      SYNCHROTRON 
_diffrn_source.type                        'NSLS BEAMLINE X29A' 
_diffrn_source.pdbx_synchrotron_site       NSLS 
_diffrn_source.pdbx_synchrotron_beamline   X29A 
_diffrn_source.pdbx_wavelength             1.075 
_diffrn_source.pdbx_wavelength_list        ? 
# 
_reflns.entry_id                     3UAP 
_reflns.observed_criterion_sigma_I   -5.000 
_reflns.observed_criterion_sigma_F   ? 
_reflns.d_resolution_low             50.000 
_reflns.d_resolution_high            2.70 
_reflns.number_obs                   10645 
_reflns.number_all                   ? 
_reflns.percent_possible_obs         99.6 
_reflns.pdbx_Rsym_value              0.084 
_reflns.pdbx_netI_over_sigmaI        8.90 
_reflns.B_iso_Wilson_estimate        114.943 
_reflns.pdbx_redundancy              11.90 
_reflns.R_free_details               ? 
_reflns.limit_h_max                  ? 
_reflns.limit_h_min                  ? 
_reflns.limit_k_max                  ? 
_reflns.limit_k_min                  ? 
_reflns.limit_l_max                  ? 
_reflns.limit_l_min                  ? 
_reflns.observed_criterion_F_max     ? 
_reflns.observed_criterion_F_min     ? 
_reflns.pdbx_chi_squared             ? 
_reflns.pdbx_scaling_rejects         ? 
_reflns.pdbx_Rmerge_I_obs            ? 
_reflns.pdbx_ordinal                 1 
_reflns.pdbx_diffrn_id               1 
# 
_reflns_shell.d_res_high             2.70 
_reflns_shell.d_res_low              2.75 
_reflns_shell.percent_possible_all   100.0 
_reflns_shell.Rmerge_I_obs           ? 
_reflns_shell.pdbx_Rsym_value        ? 
_reflns_shell.meanI_over_sigI_obs    0.800 
_reflns_shell.pdbx_redundancy        11.9 
_reflns_shell.percent_possible_obs   ? 
_reflns_shell.number_unique_all      ? 
_reflns_shell.number_measured_all    ? 
_reflns_shell.number_measured_obs    ? 
_reflns_shell.number_unique_obs      ? 
_reflns_shell.pdbx_chi_squared       ? 
_reflns_shell.pdbx_ordinal           1 
_reflns_shell.pdbx_diffrn_id         1 
# 
_refine.entry_id                                 3UAP 
_refine.ls_number_reflns_obs                     9260 
_refine.ls_number_reflns_all                     ? 
_refine.pdbx_ls_sigma_I                          ? 
_refine.pdbx_ls_sigma_F                          ? 
_refine.pdbx_data_cutoff_high_absF               ? 
_refine.pdbx_data_cutoff_low_absF                ? 
_refine.pdbx_data_cutoff_high_rms_absF           ? 
_refine.ls_d_res_low                             43.08 
_refine.ls_d_res_high                            2.80 
_refine.ls_percent_reflns_obs                    99.51 
_refine.ls_R_factor_obs                          0.19464 
_refine.ls_R_factor_R_work                       0.19272 
_refine.ls_R_factor_R_free                       0.25921 
_refine.ls_R_factor_R_free_error                 ? 
_refine.ls_R_factor_R_free_error_details         ? 
_refine.ls_percent_reflns_R_free                 2.9 
_refine.ls_number_reflns_R_free                  281 
_refine.ls_number_parameters                     ? 
_refine.ls_number_restraints                     ? 
_refine.occupancy_min                            ? 
_refine.occupancy_max                            ? 
_refine.correlation_coeff_Fo_to_Fc               0.961 
_refine.correlation_coeff_Fo_to_Fc_free          0.936 
_refine.B_iso_mean                               102.557 
_refine.aniso_B[1][1]                            ? 
_refine.aniso_B[2][2]                            ? 
_refine.aniso_B[3][3]                            ? 
_refine.aniso_B[1][2]                            ? 
_refine.aniso_B[1][3]                            ? 
_refine.aniso_B[2][3]                            ? 
_refine.solvent_model_details                    'BABINET MODEL WITH MASK' 
_refine.solvent_model_param_ksol                 ? 
_refine.solvent_model_param_bsol                 ? 
_refine.pdbx_solvent_vdw_probe_radii             1.00 
_refine.pdbx_solvent_ion_probe_radii             0.80 
_refine.pdbx_solvent_shrinkage_radii             0.80 
_refine.pdbx_ls_cross_valid_method               THROUGHOUT 
_refine.details                                  'HYDROGENS HAVE BEEN ADDED IN THE RIDING POSITIONS' 
_refine.pdbx_starting_model                      'PDB ENTRY 2DSA' 
_refine.pdbx_method_to_determine_struct          MR 
_refine.pdbx_isotropic_thermal_model             ? 
_refine.pdbx_stereochemistry_target_values       'MAXIMUM LIKELIHOOD' 
_refine.pdbx_stereochem_target_val_spec_case     ? 
_refine.pdbx_R_Free_selection_details            RANDOM 
_refine.pdbx_overall_ESU_R_Free                  0.308 
_refine.overall_SU_ML                            0.225 
_refine.pdbx_overall_phase_error                 ? 
_refine.overall_SU_B                             12.375 
_refine.overall_SU_R_Cruickshank_DPI             ? 
_refine.ls_redundancy_reflns_obs                 ? 
_refine.B_iso_min                                ? 
_refine.B_iso_max                                ? 
_refine.overall_SU_R_free                        ? 
_refine.ls_wR_factor_R_free                      ? 
_refine.ls_wR_factor_R_work                      ? 
_refine.overall_FOM_free_R_set                   ? 
_refine.overall_FOM_work_R_set                   ? 
_refine.ls_R_factor_all                          ? 
_refine.pdbx_diffrn_id                           1 
_refine.pdbx_refine_id                           'X-RAY DIFFRACTION' 
_refine.pdbx_overall_ESU_R                       ? 
_refine.pdbx_TLS_residual_ADP_flag               ? 
_refine.pdbx_overall_SU_R_free_Cruickshank_DPI   ? 
_refine.pdbx_overall_SU_R_Blow_DPI               ? 
_refine.pdbx_overall_SU_R_free_Blow_DPI          ? 
# 
_refine_hist.pdbx_refine_id                   'X-RAY DIFFRACTION' 
_refine_hist.cycle_id                         LAST 
_refine_hist.pdbx_number_atoms_protein        1607 
_refine_hist.pdbx_number_atoms_nucleic_acid   0 
_refine_hist.pdbx_number_atoms_ligand         6 
_refine_hist.number_atoms_solvent             3 
_refine_hist.number_atoms_total               1616 
_refine_hist.d_res_high                       2.80 
_refine_hist.d_res_low                        43.08 
# 
loop_
_refine_ls_restr.type 
_refine_ls_restr.dev_ideal 
_refine_ls_restr.dev_ideal_target 
_refine_ls_restr.weight 
_refine_ls_restr.number 
_refine_ls_restr.pdbx_restraint_function 
_refine_ls_restr.pdbx_refine_id 
r_bond_refined_d             0.007  0.022  ? 1662 ? 'X-RAY DIFFRACTION' 
r_bond_other_d               ?      ?      ? ?    ? 'X-RAY DIFFRACTION' 
r_angle_refined_deg          1.050  1.987  ? 2258 ? 'X-RAY DIFFRACTION' 
r_angle_other_deg            ?      ?      ? ?    ? 'X-RAY DIFFRACTION' 
r_dihedral_angle_1_deg       4.789  5.000  ? 204  ? 'X-RAY DIFFRACTION' 
r_dihedral_angle_2_deg       36.623 23.784 ? 74   ? 'X-RAY DIFFRACTION' 
r_dihedral_angle_3_deg       17.629 15.000 ? 278  ? 'X-RAY DIFFRACTION' 
r_dihedral_angle_4_deg       16.097 15.000 ? 11   ? 'X-RAY DIFFRACTION' 
r_chiral_restr               0.058  0.200  ? 244  ? 'X-RAY DIFFRACTION' 
r_gen_planes_refined         0.004  0.021  ? 1266 ? 'X-RAY DIFFRACTION' 
r_gen_planes_other           ?      ?      ? ?    ? 'X-RAY DIFFRACTION' 
r_nbd_refined                ?      ?      ? ?    ? 'X-RAY DIFFRACTION' 
r_nbd_other                  ?      ?      ? ?    ? 'X-RAY DIFFRACTION' 
r_nbtor_refined              ?      ?      ? ?    ? 'X-RAY DIFFRACTION' 
r_nbtor_other                ?      ?      ? ?    ? 'X-RAY DIFFRACTION' 
r_xyhbond_nbd_refined        ?      ?      ? ?    ? 'X-RAY DIFFRACTION' 
r_xyhbond_nbd_other          ?      ?      ? ?    ? 'X-RAY DIFFRACTION' 
r_metal_ion_refined          ?      ?      ? ?    ? 'X-RAY DIFFRACTION' 
r_metal_ion_other            ?      ?      ? ?    ? 'X-RAY DIFFRACTION' 
r_symmetry_vdw_refined       ?      ?      ? ?    ? 'X-RAY DIFFRACTION' 
r_symmetry_vdw_other         ?      ?      ? ?    ? 'X-RAY DIFFRACTION' 
r_symmetry_hbond_refined     ?      ?      ? ?    ? 'X-RAY DIFFRACTION' 
r_symmetry_hbond_other       ?      ?      ? ?    ? 'X-RAY DIFFRACTION' 
r_symmetry_metal_ion_refined ?      ?      ? ?    ? 'X-RAY DIFFRACTION' 
r_symmetry_metal_ion_other   ?      ?      ? ?    ? 'X-RAY DIFFRACTION' 
r_mcbond_it                  2.856  2.000  ? 1014 ? 'X-RAY DIFFRACTION' 
r_mcbond_other               ?      ?      ? ?    ? 'X-RAY DIFFRACTION' 
r_mcangle_it                 5.401  3.000  ? 1626 ? 'X-RAY DIFFRACTION' 
r_scbond_it                  7.555  4.000  ? 648  ? 'X-RAY DIFFRACTION' 
r_scangle_it                 11.787 6.000  ? 631  ? 'X-RAY DIFFRACTION' 
r_rigid_bond_restr           ?      ?      ? ?    ? 'X-RAY DIFFRACTION' 
r_sphericity_free            ?      ?      ? ?    ? 'X-RAY DIFFRACTION' 
r_sphericity_bonded          ?      ?      ? ?    ? 'X-RAY DIFFRACTION' 
# 
_refine_ls_shell.pdbx_total_number_of_bins_used   20 
_refine_ls_shell.d_res_high                       2.800 
_refine_ls_shell.d_res_low                        2.873 
_refine_ls_shell.number_reflns_R_work             670 
_refine_ls_shell.R_factor_R_work                  0.354 
_refine_ls_shell.percent_reflns_obs               100.00 
_refine_ls_shell.R_factor_R_free                  0.425 
_refine_ls_shell.R_factor_R_free_error            ? 
_refine_ls_shell.percent_reflns_R_free            ? 
_refine_ls_shell.number_reflns_R_free             19 
_refine_ls_shell.number_reflns_all                ? 
_refine_ls_shell.R_factor_all                     ? 
_refine_ls_shell.number_reflns_obs                ? 
_refine_ls_shell.redundancy_reflns_obs            ? 
_refine_ls_shell.pdbx_refine_id                   'X-RAY DIFFRACTION' 
# 
_struct.entry_id                  3UAP 
_struct.title                     
'Crystal structure of glutathione transferase (TARGET EFI-501774) from methylococcus capsulatus str. bath' 
_struct.pdbx_model_details        ? 
_struct.pdbx_CASP_flag            ? 
_struct.pdbx_model_type_details   ? 
# 
_struct_keywords.entry_id        3UAP 
_struct_keywords.pdbx_keywords   TRANSFERASE 
_struct_keywords.text            'TRANSFERASE, GSH BINDING SITE, Structural Genomics' 
# 
loop_
_struct_asym.id 
_struct_asym.pdbx_blank_PDB_chainid_flag 
_struct_asym.pdbx_modified 
_struct_asym.entity_id 
_struct_asym.details 
A N N 1 ? 
B N N 2 ? 
C N N 3 ? 
# 
_struct_biol.id        1 
_struct_biol.details   ? 
# 
loop_
_struct_conf.conf_type_id 
_struct_conf.id 
_struct_conf.pdbx_PDB_helix_id 
_struct_conf.beg_label_comp_id 
_struct_conf.beg_label_asym_id 
_struct_conf.beg_label_seq_id 
_struct_conf.pdbx_beg_PDB_ins_code 
_struct_conf.end_label_comp_id 
_struct_conf.end_label_asym_id 
_struct_conf.end_label_seq_id 
_struct_conf.pdbx_end_PDB_ins_code 
_struct_conf.beg_auth_comp_id 
_struct_conf.beg_auth_asym_id 
_struct_conf.beg_auth_seq_id 
_struct_conf.end_auth_comp_id 
_struct_conf.end_auth_asym_id 
_struct_conf.end_auth_seq_id 
_struct_conf.pdbx_PDB_helix_class 
_struct_conf.details 
_struct_conf.pdbx_PDB_helix_length 
HELX_P HELX_P1  1  SER A 13  ? ALA A 23  ? SER A 11  ALA A 21  1 ? 11 
HELX_P HELX_P2  2  ASP A 44  ? ASN A 49  ? ASP A 42  ASN A 47  1 ? 6  
HELX_P HELX_P3  3  GLU A 67  ? LYS A 79  ? GLU A 65  LYS A 77  1 ? 13 
HELX_P HELX_P4  4  PRO A 80  ? GLY A 83  ? PRO A 78  GLY A 81  5 ? 4  
HELX_P HELX_P5  5  PHE A 91  ? ILE A 107 ? PHE A 89  ILE A 105 1 ? 17 
HELX_P HELX_P6  6  HIS A 108 ? ASN A 116 ? HIS A 106 ASN A 114 5 ? 9  
HELX_P HELX_P7  7  PRO A 120 ? GLY A 145 ? PRO A 118 GLY A 143 1 ? 26 
HELX_P HELX_P8  8  SER A 155 ? GLY A 166 ? SER A 153 GLY A 164 1 ? 12 
HELX_P HELX_P9  9  GLY A 166 ? LEU A 171 ? GLY A 164 LEU A 169 1 ? 6  
HELX_P HELX_P10 10 TRP A 178 ? ALA A 190 ? TRP A 176 ALA A 188 1 ? 13 
HELX_P HELX_P11 11 ARG A 191 ? GLU A 201 ? ARG A 189 GLU A 199 1 ? 11 
# 
_struct_conf_type.id          HELX_P 
_struct_conf_type.criteria    ? 
_struct_conf_type.reference   ? 
# 
_struct_mon_prot_cis.pdbx_id                1 
_struct_mon_prot_cis.label_comp_id          VAL 
_struct_mon_prot_cis.label_seq_id           54 
_struct_mon_prot_cis.label_asym_id          A 
_struct_mon_prot_cis.label_alt_id           . 
_struct_mon_prot_cis.pdbx_PDB_ins_code      ? 
_struct_mon_prot_cis.auth_comp_id           VAL 
_struct_mon_prot_cis.auth_seq_id            52 
_struct_mon_prot_cis.auth_asym_id           A 
_struct_mon_prot_cis.pdbx_label_comp_id_2   PRO 
_struct_mon_prot_cis.pdbx_label_seq_id_2    55 
_struct_mon_prot_cis.pdbx_label_asym_id_2   A 
_struct_mon_prot_cis.pdbx_PDB_ins_code_2    ? 
_struct_mon_prot_cis.pdbx_auth_comp_id_2    PRO 
_struct_mon_prot_cis.pdbx_auth_seq_id_2     53 
_struct_mon_prot_cis.pdbx_auth_asym_id_2    A 
_struct_mon_prot_cis.pdbx_PDB_model_num     1 
_struct_mon_prot_cis.pdbx_omega_angle       11.34 
# 
_struct_sheet.id               A 
_struct_sheet.type             ? 
_struct_sheet.number_strands   5 
_struct_sheet.details          ? 
# 
loop_
_struct_sheet_order.sheet_id 
_struct_sheet_order.range_id_1 
_struct_sheet_order.range_id_2 
_struct_sheet_order.offset 
_struct_sheet_order.sense 
A 1 2 ? anti-parallel 
A 2 3 ? parallel      
A 3 4 ? anti-parallel 
A 4 5 ? anti-parallel 
# 
loop_
_struct_sheet_range.sheet_id 
_struct_sheet_range.id 
_struct_sheet_range.beg_label_comp_id 
_struct_sheet_range.beg_label_asym_id 
_struct_sheet_range.beg_label_seq_id 
_struct_sheet_range.pdbx_beg_PDB_ins_code 
_struct_sheet_range.end_label_comp_id 
_struct_sheet_range.end_label_asym_id 
_struct_sheet_range.end_label_seq_id 
_struct_sheet_range.pdbx_end_PDB_ins_code 
_struct_sheet_range.beg_auth_comp_id 
_struct_sheet_range.beg_auth_asym_id 
_struct_sheet_range.beg_auth_seq_id 
_struct_sheet_range.end_auth_comp_id 
_struct_sheet_range.end_auth_asym_id 
_struct_sheet_range.end_auth_seq_id 
A 1 LYS A 38 ? THR A 39 ? LYS A 36 THR A 37 
A 2 PHE A 27 ? ASP A 33 ? PHE A 25 ASP A 31 
A 3 MET A 3  ? TYR A 7  ? MET A 1  TYR A 5  
A 4 ALA A 56 ? GLN A 58 ? ALA A 54 GLN A 56 
A 5 VAL A 64 ? THR A 66 ? VAL A 62 THR A 64 
# 
loop_
_pdbx_struct_sheet_hbond.sheet_id 
_pdbx_struct_sheet_hbond.range_id_1 
_pdbx_struct_sheet_hbond.range_id_2 
_pdbx_struct_sheet_hbond.range_1_label_atom_id 
_pdbx_struct_sheet_hbond.range_1_label_comp_id 
_pdbx_struct_sheet_hbond.range_1_label_asym_id 
_pdbx_struct_sheet_hbond.range_1_label_seq_id 
_pdbx_struct_sheet_hbond.range_1_PDB_ins_code 
_pdbx_struct_sheet_hbond.range_1_auth_atom_id 
_pdbx_struct_sheet_hbond.range_1_auth_comp_id 
_pdbx_struct_sheet_hbond.range_1_auth_asym_id 
_pdbx_struct_sheet_hbond.range_1_auth_seq_id 
_pdbx_struct_sheet_hbond.range_2_label_atom_id 
_pdbx_struct_sheet_hbond.range_2_label_comp_id 
_pdbx_struct_sheet_hbond.range_2_label_asym_id 
_pdbx_struct_sheet_hbond.range_2_label_seq_id 
_pdbx_struct_sheet_hbond.range_2_PDB_ins_code 
_pdbx_struct_sheet_hbond.range_2_auth_atom_id 
_pdbx_struct_sheet_hbond.range_2_auth_comp_id 
_pdbx_struct_sheet_hbond.range_2_auth_asym_id 
_pdbx_struct_sheet_hbond.range_2_auth_seq_id 
A 1 2 O LYS A 38 ? O LYS A 36 N ASP A 33 ? N ASP A 31 
A 2 3 O GLU A 30 ? O GLU A 28 N LEU A 5  ? N LEU A 3  
A 3 4 N LYS A 4  ? N LYS A 2  O GLN A 58 ? O GLN A 56 
A 4 5 N LEU A 57 ? N LEU A 55 O LEU A 65 ? O LEU A 63 
# 
_struct_site.id                   AC1 
_struct_site.pdbx_evidence_code   Software 
_struct_site.pdbx_auth_asym_id    A 
_struct_site.pdbx_auth_comp_id    GOL 
_struct_site.pdbx_auth_seq_id     226 
_struct_site.pdbx_auth_ins_code   ? 
_struct_site.pdbx_num_residues    4 
_struct_site.details              'BINDING SITE FOR RESIDUE GOL A 226' 
# 
loop_
_struct_site_gen.id 
_struct_site_gen.site_id 
_struct_site_gen.pdbx_num_res 
_struct_site_gen.label_comp_id 
_struct_site_gen.label_asym_id 
_struct_site_gen.label_seq_id 
_struct_site_gen.pdbx_auth_ins_code 
_struct_site_gen.auth_comp_id 
_struct_site_gen.auth_asym_id 
_struct_site_gen.auth_seq_id 
_struct_site_gen.label_atom_id 
_struct_site_gen.label_alt_id 
_struct_site_gen.symmetry 
_struct_site_gen.details 
1 AC1 4 LYS A 51  ? LYS A 49  . ? 18_454 ? 
2 AC1 4 GLU A 98  ? GLU A 96  . ? 1_555  ? 
3 AC1 4 TRP A 99  ? TRP A 97  . ? 1_555  ? 
4 AC1 4 TYR A 137 ? TYR A 135 . ? 1_555  ? 
# 
_atom_sites.entry_id                    3UAP 
_atom_sites.fract_transf_matrix[1][1]   -0.00540472 
_atom_sites.fract_transf_matrix[1][2]   -0.00548421 
_atom_sites.fract_transf_matrix[1][3]   -0.00075742 
_atom_sites.fract_transf_matrix[2][1]   0.00281602 
_atom_sites.fract_transf_matrix[2][2]   -0.00363461 
_atom_sites.fract_transf_matrix[2][3]   0.00622260 
_atom_sites.fract_transf_matrix[3][1]   -0.00476657 
_atom_sites.fract_transf_matrix[3][2]   0.00407115 
_atom_sites.fract_transf_matrix[3][3]   0.00453505 
_atom_sites.fract_transf_vector[1]      -0.051844 
_atom_sites.fract_transf_vector[2]      0.160532 
_atom_sites.fract_transf_vector[3]      -0.011100 
# 
loop_
_atom_type.symbol 
C 
N 
O 
S 
# 
loop_
_atom_site.group_PDB 
_atom_site.id 
_atom_site.type_symbol 
_atom_site.label_atom_id 
_atom_site.label_alt_id 
_atom_site.label_comp_id 
_atom_site.label_asym_id 
_atom_site.label_entity_id 
_atom_site.label_seq_id 
_atom_site.pdbx_PDB_ins_code 
_atom_site.Cartn_x 
_atom_site.Cartn_y 
_atom_site.Cartn_z 
_atom_site.occupancy 
_atom_site.B_iso_or_equiv 
_atom_site.pdbx_formal_charge 
_atom_site.auth_seq_id 
_atom_site.auth_comp_id 
_atom_site.auth_asym_id 
_atom_site.auth_atom_id 
_atom_site.pdbx_PDB_model_num 
ATOM   1    N N   . VAL A 1 2   ? -0.587  -18.494 -13.661 1.00 98.31  ? 0   VAL A N   1 
ATOM   2    C CA  . VAL A 1 2   ? -0.790  -17.055 -13.339 1.00 100.71 ? 0   VAL A CA  1 
ATOM   3    C C   . VAL A 1 2   ? -0.096  -16.673 -12.035 1.00 101.15 ? 0   VAL A C   1 
ATOM   4    O O   . VAL A 1 2   ? 0.359   -17.534 -11.290 1.00 103.60 ? 0   VAL A O   1 
ATOM   5    C CB  . VAL A 1 2   ? -2.279  -16.716 -13.212 1.00 100.59 ? 0   VAL A CB  1 
ATOM   6    C CG1 . VAL A 1 2   ? -3.071  -17.437 -14.289 1.00 107.04 ? 0   VAL A CG1 1 
ATOM   7    C CG2 . VAL A 1 2   ? -2.782  -17.101 -11.841 1.00 100.57 ? 0   VAL A CG2 1 
ATOM   8    N N   . MET A 1 3   ? -0.022  -15.376 -11.763 1.00 98.86  ? 1   MET A N   1 
ATOM   9    C CA  . MET A 1 3   ? 0.605   -14.892 -10.547 1.00 95.92  ? 1   MET A CA  1 
ATOM   10   C C   . MET A 1 3   ? -0.272  -15.149 -9.332  1.00 93.68  ? 1   MET A C   1 
ATOM   11   O O   . MET A 1 3   ? -1.503  -15.133 -9.437  1.00 92.17  ? 1   MET A O   1 
ATOM   12   C CB  . MET A 1 3   ? 0.846   -13.398 -10.656 1.00 98.95  ? 1   MET A CB  1 
ATOM   13   C CG  . MET A 1 3   ? 1.881   -12.995 -11.674 1.00 103.79 ? 1   MET A CG  1 
ATOM   14   S SD  . MET A 1 3   ? 1.902   -11.193 -11.805 1.00 103.57 ? 1   MET A SD  1 
ATOM   15   C CE  . MET A 1 3   ? 3.614   -10.950 -12.284 1.00 124.51 ? 1   MET A CE  1 
ATOM   16   N N   . LYS A 1 4   ? 0.364   -15.354 -8.177  1.00 89.87  ? 2   LYS A N   1 
ATOM   17   C CA  . LYS A 1 4   ? -0.358  -15.602 -6.927  1.00 88.07  ? 2   LYS A CA  1 
ATOM   18   C C   . LYS A 1 4   ? -0.011  -14.576 -5.849  1.00 89.34  ? 2   LYS A C   1 
ATOM   19   O O   . LYS A 1 4   ? 1.154   -14.408 -5.488  1.00 92.39  ? 2   LYS A O   1 
ATOM   20   C CB  . LYS A 1 4   ? -0.058  -17.000 -6.418  1.00 85.29  ? 2   LYS A CB  1 
ATOM   21   C CG  . LYS A 1 4   ? -1.188  -17.575 -5.615  1.00 94.19  ? 2   LYS A CG  1 
ATOM   22   C CD  . LYS A 1 4   ? -0.923  -19.020 -5.287  1.00 102.95 ? 2   LYS A CD  1 
ATOM   23   C CE  . LYS A 1 4   ? -2.050  -19.571 -4.445  1.00 113.83 ? 2   LYS A CE  1 
ATOM   24   N NZ  . LYS A 1 4   ? -1.702  -20.890 -3.856  1.00 123.34 ? 2   LYS A NZ  1 
ATOM   25   N N   . LEU A 1 5   ? -1.022  -13.883 -5.338  1.00 86.63  ? 3   LEU A N   1 
ATOM   26   C CA  . LEU A 1 5   ? -0.783  -12.849 -4.336  1.00 86.53  ? 3   LEU A CA  1 
ATOM   27   C C   . LEU A 1 5   ? -1.192  -13.332 -2.954  1.00 89.04  ? 3   LEU A C   1 
ATOM   28   O O   . LEU A 1 5   ? -2.359  -13.676 -2.729  1.00 88.45  ? 3   LEU A O   1 
ATOM   29   C CB  . LEU A 1 5   ? -1.554  -11.563 -4.666  1.00 84.51  ? 3   LEU A CB  1 
ATOM   30   C CG  . LEU A 1 5   ? -1.443  -10.434 -3.628  1.00 82.54  ? 3   LEU A CG  1 
ATOM   31   C CD1 . LEU A 1 5   ? -0.034  -9.838  -3.590  1.00 78.59  ? 3   LEU A CD1 1 
ATOM   32   C CD2 . LEU A 1 5   ? -2.470  -9.332  -3.855  1.00 82.82  ? 3   LEU A CD2 1 
ATOM   33   N N   . TYR A 1 6   ? -0.235  -13.346 -2.030  1.00 89.26  ? 4   TYR A N   1 
ATOM   34   C CA  . TYR A 1 6   ? -0.526  -13.689 -0.640  1.00 90.33  ? 4   TYR A CA  1 
ATOM   35   C C   . TYR A 1 6   ? -0.858  -12.422 0.116   1.00 88.77  ? 4   TYR A C   1 
ATOM   36   O O   . TYR A 1 6   ? -0.061  -11.485 0.139   1.00 90.06  ? 4   TYR A O   1 
ATOM   37   C CB  . TYR A 1 6   ? 0.665   -14.404 -0.008  1.00 90.63  ? 4   TYR A CB  1 
ATOM   38   C CG  . TYR A 1 6   ? 0.944   -15.721 -0.678  1.00 91.50  ? 4   TYR A CG  1 
ATOM   39   C CD1 . TYR A 1 6   ? 1.766   -15.790 -1.793  1.00 83.92  ? 4   TYR A CD1 1 
ATOM   40   C CD2 . TYR A 1 6   ? 0.354   -16.893 -0.219  1.00 96.04  ? 4   TYR A CD2 1 
ATOM   41   C CE1 . TYR A 1 6   ? 2.008   -16.992 -2.426  1.00 95.89  ? 4   TYR A CE1 1 
ATOM   42   C CE2 . TYR A 1 6   ? 0.592   -18.105 -0.845  1.00 98.05  ? 4   TYR A CE2 1 
ATOM   43   C CZ  . TYR A 1 6   ? 1.419   -18.147 -1.947  1.00 102.30 ? 4   TYR A CZ  1 
ATOM   44   O OH  . TYR A 1 6   ? 1.661   -19.343 -2.575  1.00 103.32 ? 4   TYR A OH  1 
ATOM   45   N N   . TYR A 1 7   ? -2.035  -12.382 0.727   1.00 88.95  ? 5   TYR A N   1 
ATOM   46   C CA  . TYR A 1 7   ? -2.472  -11.153 1.385   1.00 96.08  ? 5   TYR A CA  1 
ATOM   47   C C   . TYR A 1 7   ? -3.174  -11.384 2.723   1.00 101.03 ? 5   TYR A C   1 
ATOM   48   O O   . TYR A 1 7   ? -3.591  -12.500 3.054   1.00 99.05  ? 5   TYR A O   1 
ATOM   49   C CB  . TYR A 1 7   ? -3.439  -10.397 0.474   1.00 95.26  ? 5   TYR A CB  1 
ATOM   50   C CG  . TYR A 1 7   ? -4.816  -11.020 0.469   1.00 96.16  ? 5   TYR A CG  1 
ATOM   51   C CD1 . TYR A 1 7   ? -5.906  -10.371 1.051   1.00 92.96  ? 5   TYR A CD1 1 
ATOM   52   C CD2 . TYR A 1 7   ? -5.020  -12.280 -0.083  1.00 98.67  ? 5   TYR A CD2 1 
ATOM   53   C CE1 . TYR A 1 7   ? -7.166  -10.958 1.059   1.00 91.89  ? 5   TYR A CE1 1 
ATOM   54   C CE2 . TYR A 1 7   ? -6.272  -12.874 -0.077  1.00 96.40  ? 5   TYR A CE2 1 
ATOM   55   C CZ  . TYR A 1 7   ? -7.338  -12.213 0.491   1.00 91.81  ? 5   TYR A CZ  1 
ATOM   56   O OH  . TYR A 1 7   ? -8.571  -12.823 0.489   1.00 96.74  ? 5   TYR A OH  1 
ATOM   57   N N   . PHE A 1 8   ? -3.312  -10.302 3.483   1.00 105.88 ? 6   PHE A N   1 
ATOM   58   C CA  . PHE A 1 8   ? -4.260  -10.274 4.586   1.00 109.69 ? 6   PHE A CA  1 
ATOM   59   C C   . PHE A 1 8   ? -5.255  -9.128  4.380   1.00 108.57 ? 6   PHE A C   1 
ATOM   60   O O   . PHE A 1 8   ? -4.859  -7.976  4.171   1.00 107.55 ? 6   PHE A O   1 
ATOM   61   C CB  . PHE A 1 8   ? -3.559  -10.157 5.940   1.00 109.62 ? 6   PHE A CB  1 
ATOM   62   C CG  . PHE A 1 8   ? -4.443  -10.517 7.090   1.00 117.15 ? 6   PHE A CG  1 
ATOM   63   C CD1 . PHE A 1 8   ? -4.905  -9.543  7.958   1.00 114.19 ? 6   PHE A CD1 1 
ATOM   64   C CD2 . PHE A 1 8   ? -4.851  -11.832 7.272   1.00 125.46 ? 6   PHE A CD2 1 
ATOM   65   C CE1 . PHE A 1 8   ? -5.739  -9.878  9.003   1.00 116.32 ? 6   PHE A CE1 1 
ATOM   66   C CE2 . PHE A 1 8   ? -5.686  -12.175 8.315   1.00 120.80 ? 6   PHE A CE2 1 
ATOM   67   C CZ  . PHE A 1 8   ? -6.132  -11.195 9.182   1.00 119.41 ? 6   PHE A CZ  1 
ATOM   68   N N   . PRO A 1 9   ? -6.555  -9.443  4.419   1.00 106.85 ? 7   PRO A N   1 
ATOM   69   C CA  . PRO A 1 9   ? -7.549  -8.414  4.165   1.00 107.88 ? 7   PRO A CA  1 
ATOM   70   C C   . PRO A 1 9   ? -7.214  -7.128  4.907   1.00 108.09 ? 7   PRO A C   1 
ATOM   71   O O   . PRO A 1 9   ? -6.942  -7.164  6.105   1.00 112.03 ? 7   PRO A O   1 
ATOM   72   C CB  . PRO A 1 9   ? -8.833  -9.038  4.706   1.00 104.83 ? 7   PRO A CB  1 
ATOM   73   C CG  . PRO A 1 9   ? -8.643  -10.495 4.456   1.00 106.72 ? 7   PRO A CG  1 
ATOM   74   C CD  . PRO A 1 9   ? -7.171  -10.749 4.706   1.00 106.41 ? 7   PRO A CD  1 
ATOM   75   N N   . GLY A 1 10  ? -7.216  -6.009  4.189   1.00 108.57 ? 8   GLY A N   1 
ATOM   76   C CA  . GLY A 1 10  ? -6.947  -4.701  4.781   1.00 107.23 ? 8   GLY A CA  1 
ATOM   77   C C   . GLY A 1 10  ? -5.471  -4.373  4.900   1.00 109.16 ? 8   GLY A C   1 
ATOM   78   O O   . GLY A 1 10  ? -5.098  -3.204  5.005   1.00 110.65 ? 8   GLY A O   1 
ATOM   79   N N   . ALA A 1 11  ? -4.630  -5.404  4.882   1.00 109.78 ? 9   ALA A N   1 
ATOM   80   C CA  . ALA A 1 11  ? -3.185  -5.228  5.023   1.00 110.28 ? 9   ALA A CA  1 
ATOM   81   C C   . ALA A 1 11  ? -2.583  -4.458  3.846   1.00 113.58 ? 9   ALA A C   1 
ATOM   82   O O   . ALA A 1 11  ? -3.246  -4.227  2.834   1.00 115.89 ? 9   ALA A O   1 
ATOM   83   C CB  . ALA A 1 11  ? -2.508  -6.578  5.176   1.00 109.16 ? 9   ALA A CB  1 
ATOM   84   N N   . CYS A 1 12  ? -1.322  -4.064  3.983   1.00 115.98 ? 10  CYS A N   1 
ATOM   85   C CA  . CYS A 1 12  ? -0.609  -3.372  2.907   1.00 116.86 ? 10  CYS A CA  1 
ATOM   86   C C   . CYS A 1 12  ? -0.680  -4.136  1.575   1.00 110.57 ? 10  CYS A C   1 
ATOM   87   O O   . CYS A 1 12  ? -0.621  -3.538  0.501   1.00 109.00 ? 10  CYS A O   1 
ATOM   88   C CB  . CYS A 1 12  ? 0.851   -3.120  3.306   1.00 120.11 ? 10  CYS A CB  1 
ATOM   89   S SG  . CYS A 1 12  ? 1.854   -4.627  3.510   1.00 132.36 ? 10  CYS A SG  1 
ATOM   90   N N   . SER A 1 13  ? -0.799  -5.459  1.661   1.00 104.39 ? 11  SER A N   1 
ATOM   91   C CA  . SER A 1 13  ? -1.008  -6.306  0.491   1.00 100.73 ? 11  SER A CA  1 
ATOM   92   C C   . SER A 1 13  ? -2.159  -5.796  -0.404  1.00 99.16  ? 11  SER A C   1 
ATOM   93   O O   . SER A 1 13  ? -2.182  -6.052  -1.606  1.00 99.92  ? 11  SER A O   1 
ATOM   94   C CB  . SER A 1 13  ? -1.271  -7.746  0.939   1.00 98.39  ? 11  SER A CB  1 
ATOM   95   O OG  . SER A 1 13  ? -2.374  -7.796  1.833   1.00 95.74  ? 11  SER A OG  1 
ATOM   96   N N   . LEU A 1 14  ? -3.107  -5.076  0.189   1.00 95.30  ? 12  LEU A N   1 
ATOM   97   C CA  . LEU A 1 14  ? -4.173  -4.426  -0.571  1.00 92.41  ? 12  LEU A CA  1 
ATOM   98   C C   . LEU A 1 14  ? -3.663  -3.506  -1.688  1.00 93.35  ? 12  LEU A C   1 
ATOM   99   O O   . LEU A 1 14  ? -4.251  -3.454  -2.767  1.00 92.47  ? 12  LEU A O   1 
ATOM   100  C CB  . LEU A 1 14  ? -5.061  -3.607  0.362   1.00 91.38  ? 12  LEU A CB  1 
ATOM   101  C CG  . LEU A 1 14  ? -6.162  -2.840  -0.369  1.00 91.04  ? 12  LEU A CG  1 
ATOM   102  C CD1 . LEU A 1 14  ? -7.127  -3.810  -1.036  1.00 87.68  ? 12  LEU A CD1 1 
ATOM   103  C CD2 . LEU A 1 14  ? -6.910  -1.911  0.569   1.00 81.19  ? 12  LEU A CD2 1 
ATOM   104  N N   . ALA A 1 15  ? -2.589  -2.762  -1.428  1.00 90.09  ? 13  ALA A N   1 
ATOM   105  C CA  . ALA A 1 15  ? -2.010  -1.897  -2.457  1.00 86.63  ? 13  ALA A CA  1 
ATOM   106  C C   . ALA A 1 15  ? -1.719  -2.657  -3.765  1.00 90.20  ? 13  ALA A C   1 
ATOM   107  O O   . ALA A 1 15  ? -2.329  -2.380  -4.799  1.00 93.66  ? 13  ALA A O   1 
ATOM   108  C CB  . ALA A 1 15  ? -0.768  -1.204  -1.944  1.00 83.50  ? 13  ALA A CB  1 
ATOM   109  N N   . PRO A 1 16  ? -0.793  -3.629  -3.732  1.00 87.30  ? 14  PRO A N   1 
ATOM   110  C CA  . PRO A 1 16  ? -0.560  -4.355  -4.972  1.00 82.94  ? 14  PRO A CA  1 
ATOM   111  C C   . PRO A 1 16  ? -1.841  -5.003  -5.497  1.00 83.12  ? 14  PRO A C   1 
ATOM   112  O O   . PRO A 1 16  ? -2.015  -5.146  -6.703  1.00 86.60  ? 14  PRO A O   1 
ATOM   113  C CB  . PRO A 1 16  ? 0.466   -5.424  -4.571  1.00 80.87  ? 14  PRO A CB  1 
ATOM   114  C CG  . PRO A 1 16  ? 0.332   -5.557  -3.087  1.00 80.77  ? 14  PRO A CG  1 
ATOM   115  C CD  . PRO A 1 16  ? -0.005  -4.173  -2.615  1.00 88.06  ? 14  PRO A CD  1 
ATOM   116  N N   . HIS A 1 17  ? -2.743  -5.394  -4.607  1.00 84.79  ? 15  HIS A N   1 
ATOM   117  C CA  . HIS A 1 17  ? -4.001  -6.002  -5.057  1.00 88.96  ? 15  HIS A CA  1 
ATOM   118  C C   . HIS A 1 17  ? -4.761  -5.041  -5.979  1.00 90.11  ? 15  HIS A C   1 
ATOM   119  O O   . HIS A 1 17  ? -5.293  -5.430  -7.027  1.00 88.55  ? 15  HIS A O   1 
ATOM   120  C CB  . HIS A 1 17  ? -4.874  -6.387  -3.859  1.00 86.47  ? 15  HIS A CB  1 
ATOM   121  C CG  . HIS A 1 17  ? -6.170  -7.029  -4.240  1.00 91.09  ? 15  HIS A CG  1 
ATOM   122  N ND1 . HIS A 1 17  ? -7.156  -7.318  -3.319  1.00 93.60  ? 15  HIS A ND1 1 
ATOM   123  C CD2 . HIS A 1 17  ? -6.645  -7.435  -5.441  1.00 96.05  ? 15  HIS A CD2 1 
ATOM   124  C CE1 . HIS A 1 17  ? -8.178  -7.884  -3.936  1.00 96.85  ? 15  HIS A CE1 1 
ATOM   125  N NE2 . HIS A 1 17  ? -7.894  -7.965  -5.223  1.00 98.49  ? 15  HIS A NE2 1 
ATOM   126  N N   . ILE A 1 18  ? -4.809  -3.781  -5.564  1.00 86.32  ? 16  ILE A N   1 
ATOM   127  C CA  . ILE A 1 18  ? -5.430  -2.730  -6.341  1.00 81.80  ? 16  ILE A CA  1 
ATOM   128  C C   . ILE A 1 18  ? -4.717  -2.564  -7.674  1.00 85.09  ? 16  ILE A C   1 
ATOM   129  O O   . ILE A 1 18  ? -5.350  -2.475  -8.721  1.00 87.18  ? 16  ILE A O   1 
ATOM   130  C CB  . ILE A 1 18  ? -5.322  -1.399  -5.600  1.00 77.68  ? 16  ILE A CB  1 
ATOM   131  C CG1 . ILE A 1 18  ? -6.204  -1.409  -4.357  1.00 79.66  ? 16  ILE A CG1 1 
ATOM   132  C CG2 . ILE A 1 18  ? -5.704  -0.262  -6.508  1.00 84.15  ? 16  ILE A CG2 1 
ATOM   133  C CD1 . ILE A 1 18  ? -6.190  -0.107  -3.614  1.00 73.39  ? 16  ILE A CD1 1 
ATOM   134  N N   . VAL A 1 19  ? -3.389  -2.512  -7.625  1.00 83.56  ? 17  VAL A N   1 
ATOM   135  C CA  . VAL A 1 19  ? -2.602  -2.297  -8.824  1.00 83.08  ? 17  VAL A CA  1 
ATOM   136  C C   . VAL A 1 19  ? -2.802  -3.410  -9.853  1.00 84.13  ? 17  VAL A C   1 
ATOM   137  O O   . VAL A 1 19  ? -2.886  -3.136  -11.047 1.00 88.38  ? 17  VAL A O   1 
ATOM   138  C CB  . VAL A 1 19  ? -1.104  -2.139  -8.513  1.00 85.19  ? 17  VAL A CB  1 
ATOM   139  C CG1 . VAL A 1 19  ? -0.303  -2.182  -9.791  1.00 72.51  ? 17  VAL A CG1 1 
ATOM   140  C CG2 . VAL A 1 19  ? -0.851  -0.833  -7.784  1.00 82.33  ? 17  VAL A CG2 1 
ATOM   141  N N   . LEU A 1 20  ? -2.873  -4.658  -9.406  1.00 81.63  ? 18  LEU A N   1 
ATOM   142  C CA  . LEU A 1 20  ? -3.139  -5.751  -10.337 1.00 82.08  ? 18  LEU A CA  1 
ATOM   143  C C   . LEU A 1 20  ? -4.438  -5.462  -11.081 1.00 86.36  ? 18  LEU A C   1 
ATOM   144  O O   . LEU A 1 20  ? -4.548  -5.703  -12.285 1.00 90.27  ? 18  LEU A O   1 
ATOM   145  C CB  . LEU A 1 20  ? -3.236  -7.093  -9.617  1.00 77.66  ? 18  LEU A CB  1 
ATOM   146  C CG  . LEU A 1 20  ? -1.944  -7.692  -9.061  1.00 81.66  ? 18  LEU A CG  1 
ATOM   147  C CD1 . LEU A 1 20  ? -2.266  -8.584  -7.888  1.00 86.57  ? 18  LEU A CD1 1 
ATOM   148  C CD2 . LEU A 1 20  ? -1.182  -8.466  -10.132 1.00 74.01  ? 18  LEU A CD2 1 
ATOM   149  N N   . ARG A 1 21  ? -5.424  -4.936  -10.365 1.00 85.51  ? 19  ARG A N   1 
ATOM   150  C CA  . ARG A 1 21  ? -6.693  -4.597  -10.995 1.00 87.07  ? 19  ARG A CA  1 
ATOM   151  C C   . ARG A 1 21  ? -6.588  -3.362  -11.877 1.00 87.39  ? 19  ARG A C   1 
ATOM   152  O O   . ARG A 1 21  ? -7.099  -3.360  -12.990 1.00 87.50  ? 19  ARG A O   1 
ATOM   153  C CB  . ARG A 1 21  ? -7.791  -4.431  -9.956  1.00 81.54  ? 19  ARG A CB  1 
ATOM   154  C CG  . ARG A 1 21  ? -8.348  -5.748  -9.552  1.00 78.73  ? 19  ARG A CG  1 
ATOM   155  C CD  . ARG A 1 21  ? -8.882  -5.697  -8.156  1.00 100.28 ? 19  ARG A CD  1 
ATOM   156  N NE  . ARG A 1 21  ? -9.052  -7.050  -7.645  1.00 110.15 ? 19  ARG A NE  1 
ATOM   157  C CZ  . ARG A 1 21  ? -10.133 -7.791  -7.853  1.00 105.28 ? 19  ARG A CZ  1 
ATOM   158  N NH1 . ARG A 1 21  ? -11.150 -7.305  -8.553  1.00 95.43  ? 19  ARG A NH1 1 
ATOM   159  N NH2 . ARG A 1 21  ? -10.196 -9.017  -7.353  1.00 105.98 ? 19  ARG A NH2 1 
ATOM   160  N N   . GLU A 1 22  ? -5.921  -2.324  -11.383 1.00 86.19  ? 20  GLU A N   1 
ATOM   161  C CA  . GLU A 1 22  ? -5.692  -1.129  -12.182 1.00 88.39  ? 20  GLU A CA  1 
ATOM   162  C C   . GLU A 1 22  ? -4.970  -1.431  -13.502 1.00 89.48  ? 20  GLU A C   1 
ATOM   163  O O   . GLU A 1 22  ? -5.298  -0.846  -14.530 1.00 94.19  ? 20  GLU A O   1 
ATOM   164  C CB  . GLU A 1 22  ? -4.923  -0.080  -11.385 1.00 86.99  ? 20  GLU A CB  1 
ATOM   165  C CG  . GLU A 1 22  ? -5.723  0.523   -10.234 1.00 103.03 ? 20  GLU A CG  1 
ATOM   166  C CD  . GLU A 1 22  ? -6.610  1.682   -10.672 1.00 113.96 ? 20  GLU A CD  1 
ATOM   167  O OE1 . GLU A 1 22  ? -6.713  1.918   -11.893 1.00 113.64 ? 20  GLU A OE1 1 
ATOM   168  O OE2 . GLU A 1 22  ? -7.193  2.364   -9.797  1.00 110.92 ? 20  GLU A OE2 1 
ATOM   169  N N   . ALA A 1 23  ? -3.999  -2.336  -13.489 1.00 85.04  ? 21  ALA A N   1 
ATOM   170  C CA  . ALA A 1 23  ? -3.296  -2.673  -14.722 1.00 81.50  ? 21  ALA A CA  1 
ATOM   171  C C   . ALA A 1 23  ? -4.011  -3.790  -15.470 1.00 84.83  ? 21  ALA A C   1 
ATOM   172  O O   . ALA A 1 23  ? -3.617  -4.163  -16.571 1.00 90.01  ? 21  ALA A O   1 
ATOM   173  C CB  . ALA A 1 23  ? -1.867  -3.060  -14.440 1.00 77.81  ? 21  ALA A CB  1 
ATOM   174  N N   . GLY A 1 24  ? -5.064  -4.328  -14.873 1.00 86.56  ? 22  GLY A N   1 
ATOM   175  C CA  . GLY A 1 24  ? -5.832  -5.390  -15.518 1.00 86.69  ? 22  GLY A CA  1 
ATOM   176  C C   . GLY A 1 24  ? -5.054  -6.679  -15.719 1.00 88.95  ? 22  GLY A C   1 
ATOM   177  O O   . GLY A 1 24  ? -5.229  -7.361  -16.724 1.00 94.57  ? 22  GLY A O   1 
ATOM   178  N N   . LEU A 1 25  ? -4.203  -7.022  -14.752 1.00 88.06  ? 23  LEU A N   1 
ATOM   179  C CA  . LEU A 1 25  ? -3.411  -8.251  -14.791 1.00 83.08  ? 23  LEU A CA  1 
ATOM   180  C C   . LEU A 1 25  ? -4.179  -9.451  -14.258 1.00 83.81  ? 23  LEU A C   1 
ATOM   181  O O   . LEU A 1 25  ? -5.129  -9.294  -13.493 1.00 85.36  ? 23  LEU A O   1 
ATOM   182  C CB  . LEU A 1 25  ? -2.138  -8.053  -13.979 1.00 83.37  ? 23  LEU A CB  1 
ATOM   183  C CG  . LEU A 1 25  ? -1.171  -7.126  -14.705 1.00 82.84  ? 23  LEU A CG  1 
ATOM   184  C CD1 . LEU A 1 25  ? -0.031  -6.636  -13.820 1.00 76.82  ? 23  LEU A CD1 1 
ATOM   185  C CD2 . LEU A 1 25  ? -0.648  -7.882  -15.899 1.00 68.82  ? 23  LEU A CD2 1 
ATOM   186  N N   . ASP A 1 26  ? -3.761  -10.647 -14.666 1.00 84.57  ? 24  ASP A N   1 
ATOM   187  C CA  . ASP A 1 26  ? -4.379  -11.889 -14.203 1.00 87.50  ? 24  ASP A CA  1 
ATOM   188  C C   . ASP A 1 26  ? -3.668  -12.397 -12.949 1.00 90.95  ? 24  ASP A C   1 
ATOM   189  O O   . ASP A 1 26  ? -2.439  -12.501 -12.937 1.00 95.79  ? 24  ASP A O   1 
ATOM   190  C CB  . ASP A 1 26  ? -4.262  -12.965 -15.287 1.00 90.32  ? 24  ASP A CB  1 
ATOM   191  C CG  . ASP A 1 26  ? -5.150  -12.694 -16.489 1.00 108.17 ? 24  ASP A CG  1 
ATOM   192  O OD1 . ASP A 1 26  ? -6.202  -12.031 -16.327 1.00 114.37 ? 24  ASP A OD1 1 
ATOM   193  O OD2 . ASP A 1 26  ? -4.800  -13.158 -17.597 1.00 117.32 ? 24  ASP A OD2 1 
ATOM   194  N N   . PHE A 1 27  ? -4.423  -12.742 -11.907 1.00 88.00  ? 25  PHE A N   1 
ATOM   195  C CA  . PHE A 1 27  ? -3.814  -13.246 -10.678 1.00 88.51  ? 25  PHE A CA  1 
ATOM   196  C C   . PHE A 1 27  ? -4.788  -14.064 -9.838  1.00 91.86  ? 25  PHE A C   1 
ATOM   197  O O   . PHE A 1 27  ? -5.993  -14.032 -10.079 1.00 94.60  ? 25  PHE A O   1 
ATOM   198  C CB  . PHE A 1 27  ? -3.341  -12.072 -9.838  1.00 85.42  ? 25  PHE A CB  1 
ATOM   199  C CG  . PHE A 1 27  ? -4.459  -11.192 -9.356  1.00 89.59  ? 25  PHE A CG  1 
ATOM   200  C CD1 . PHE A 1 27  ? -4.954  -10.176 -10.157 1.00 100.58 ? 25  PHE A CD1 1 
ATOM   201  C CD2 . PHE A 1 27  ? -5.024  -11.385 -8.108  1.00 93.35  ? 25  PHE A CD2 1 
ATOM   202  C CE1 . PHE A 1 27  ? -5.991  -9.361  -9.717  1.00 96.24  ? 25  PHE A CE1 1 
ATOM   203  C CE2 . PHE A 1 27  ? -6.061  -10.572 -7.661  1.00 97.78  ? 25  PHE A CE2 1 
ATOM   204  C CZ  . PHE A 1 27  ? -6.542  -9.559  -8.467  1.00 96.03  ? 25  PHE A CZ  1 
ATOM   205  N N   . GLU A 1 28  ? -4.272  -14.786 -8.843  1.00 91.20  ? 26  GLU A N   1 
ATOM   206  C CA  . GLU A 1 28  ? -5.138  -15.327 -7.796  1.00 93.58  ? 26  GLU A CA  1 
ATOM   207  C C   . GLU A 1 28  ? -4.715  -14.827 -6.430  1.00 94.42  ? 26  GLU A C   1 
ATOM   208  O O   . GLU A 1 28  ? -3.522  -14.763 -6.111  1.00 97.14  ? 26  GLU A O   1 
ATOM   209  C CB  . GLU A 1 28  ? -5.124  -16.845 -7.744  1.00 94.91  ? 26  GLU A CB  1 
ATOM   210  C CG  . GLU A 1 28  ? -4.516  -17.537 -8.929  1.00 114.49 ? 26  GLU A CG  1 
ATOM   211  C CD  . GLU A 1 28  ? -4.104  -18.955 -8.580  1.00 129.55 ? 26  GLU A CD  1 
ATOM   212  O OE1 . GLU A 1 28  ? -3.858  -19.215 -7.379  1.00 140.02 ? 26  GLU A OE1 1 
ATOM   213  O OE2 . GLU A 1 28  ? -4.024  -19.805 -9.493  1.00 134.57 ? 26  GLU A OE2 1 
ATOM   214  N N   . LEU A 1 29  ? -5.706  -14.492 -5.622  1.00 92.24  ? 27  LEU A N   1 
ATOM   215  C CA  . LEU A 1 29  ? -5.471  -14.145 -4.243  1.00 95.59  ? 27  LEU A CA  1 
ATOM   216  C C   . LEU A 1 29  ? -5.331  -15.408 -3.399  1.00 99.45  ? 27  LEU A C   1 
ATOM   217  O O   . LEU A 1 29  ? -6.154  -16.314 -3.481  1.00 101.06 ? 27  LEU A O   1 
ATOM   218  C CB  . LEU A 1 29  ? -6.634  -13.316 -3.716  1.00 94.38  ? 27  LEU A CB  1 
ATOM   219  C CG  . LEU A 1 29  ? -6.858  -11.973 -4.396  1.00 95.34  ? 27  LEU A CG  1 
ATOM   220  C CD1 . LEU A 1 29  ? -7.973  -11.226 -3.691  1.00 94.77  ? 27  LEU A CD1 1 
ATOM   221  C CD2 . LEU A 1 29  ? -5.572  -11.168 -4.385  1.00 89.13  ? 27  LEU A CD2 1 
ATOM   222  N N   . GLU A 1 30  ? -4.280  -15.471 -2.593  1.00 103.28 ? 28  GLU A N   1 
ATOM   223  C CA  . GLU A 1 30  ? -4.174  -16.505 -1.582  1.00 104.72 ? 28  GLU A CA  1 
ATOM   224  C C   . GLU A 1 30  ? -4.153  -15.844 -0.215  1.00 104.78 ? 28  GLU A C   1 
ATOM   225  O O   . GLU A 1 30  ? -3.230  -15.095 0.119   1.00 105.29 ? 28  GLU A O   1 
ATOM   226  C CB  . GLU A 1 30  ? -2.916  -17.340 -1.776  1.00 108.22 ? 28  GLU A CB  1 
ATOM   227  C CG  . GLU A 1 30  ? -2.624  -18.273 -0.608  1.00 121.14 ? 28  GLU A CG  1 
ATOM   228  C CD  . GLU A 1 30  ? -3.238  -19.656 -0.775  1.00 133.52 ? 28  GLU A CD  1 
ATOM   229  O OE1 . GLU A 1 30  ? -4.099  -20.032 0.050   1.00 136.98 ? 28  GLU A OE1 1 
ATOM   230  O OE2 . GLU A 1 30  ? -2.854  -20.373 -1.727  1.00 137.45 ? 28  GLU A OE2 1 
ATOM   231  N N   . ASN A 1 31  ? -5.191  -16.114 0.564   1.00 106.41 ? 29  ASN A N   1 
ATOM   232  C CA  . ASN A 1 31  ? -5.319  -15.571 1.902   1.00 109.73 ? 29  ASN A CA  1 
ATOM   233  C C   . ASN A 1 31  ? -4.321  -16.200 2.876   1.00 110.14 ? 29  ASN A C   1 
ATOM   234  O O   . ASN A 1 31  ? -4.159  -17.416 2.904   1.00 110.40 ? 29  ASN A O   1 
ATOM   235  C CB  . ASN A 1 31  ? -6.740  -15.812 2.396   1.00 112.12 ? 29  ASN A CB  1 
ATOM   236  C CG  . ASN A 1 31  ? -6.969  -15.266 3.779   1.00 122.66 ? 29  ASN A CG  1 
ATOM   237  O OD1 . ASN A 1 31  ? -6.331  -14.297 4.191   1.00 129.43 ? 29  ASN A OD1 1 
ATOM   238  N ND2 . ASN A 1 31  ? -7.890  -15.884 4.512   1.00 134.55 ? 29  ASN A ND2 1 
ATOM   239  N N   . VAL A 1 32  ? -3.650  -15.374 3.673   1.00 111.74 ? 30  VAL A N   1 
ATOM   240  C CA  . VAL A 1 32  ? -2.716  -15.887 4.677   1.00 113.08 ? 30  VAL A CA  1 
ATOM   241  C C   . VAL A 1 32  ? -3.134  -15.543 6.105   1.00 118.05 ? 30  VAL A C   1 
ATOM   242  O O   . VAL A 1 32  ? -3.585  -14.429 6.387   1.00 114.99 ? 30  VAL A O   1 
ATOM   243  C CB  . VAL A 1 32  ? -1.280  -15.384 4.446   1.00 112.08 ? 30  VAL A CB  1 
ATOM   244  C CG1 . VAL A 1 32  ? -0.414  -15.692 5.652   1.00 104.67 ? 30  VAL A CG1 1 
ATOM   245  C CG2 . VAL A 1 32  ? -0.694  -16.020 3.198   1.00 115.90 ? 30  VAL A CG2 1 
ATOM   246  N N   . ASP A 1 33  ? -2.988  -16.514 7.000   1.00 126.01 ? 31  ASP A N   1 
ATOM   247  C CA  . ASP A 1 33  ? -3.220  -16.282 8.421   1.00 131.36 ? 31  ASP A CA  1 
ATOM   248  C C   . ASP A 1 33  ? -1.933  -15.799 9.066   1.00 132.23 ? 31  ASP A C   1 
ATOM   249  O O   . ASP A 1 33  ? -0.987  -16.571 9.246   1.00 129.68 ? 31  ASP A O   1 
ATOM   250  C CB  . ASP A 1 33  ? -3.689  -17.553 9.121   1.00 135.43 ? 31  ASP A CB  1 
ATOM   251  C CG  . ASP A 1 33  ? -3.704  -17.405 10.636  1.00 145.09 ? 31  ASP A CG  1 
ATOM   252  O OD1 . ASP A 1 33  ? -3.709  -18.440 11.341  1.00 147.59 ? 31  ASP A OD1 1 
ATOM   253  O OD2 . ASP A 1 33  ? -3.702  -16.250 11.119  1.00 154.11 ? 31  ASP A OD2 1 
ATOM   254  N N   . LEU A 1 34  ? -1.907  -14.519 9.417   1.00 134.19 ? 32  LEU A N   1 
ATOM   255  C CA  . LEU A 1 34  ? -0.704  -13.894 9.936   1.00 134.90 ? 32  LEU A CA  1 
ATOM   256  C C   . LEU A 1 34  ? -0.324  -14.458 11.294  1.00 137.78 ? 32  LEU A C   1 
ATOM   257  O O   . LEU A 1 34  ? 0.848   -14.445 11.674  1.00 139.36 ? 32  LEU A O   1 
ATOM   258  C CB  . LEU A 1 34  ? -0.901  -12.387 10.019  1.00 134.14 ? 32  LEU A CB  1 
ATOM   259  C CG  . LEU A 1 34  ? -1.014  -11.752 8.639   1.00 130.51 ? 32  LEU A CG  1 
ATOM   260  C CD1 . LEU A 1 34  ? -1.368  -10.279 8.749   1.00 127.53 ? 32  LEU A CD1 1 
ATOM   261  C CD2 . LEU A 1 34  ? 0.295   -11.959 7.886   1.00 125.71 ? 32  LEU A CD2 1 
ATOM   262  N N   . GLY A 1 35  ? -1.325  -14.952 12.019  1.00 138.75 ? 33  GLY A N   1 
ATOM   263  C CA  . GLY A 1 35  ? -1.111  -15.555 13.328  1.00 136.38 ? 33  GLY A CA  1 
ATOM   264  C C   . GLY A 1 35  ? -0.320  -16.850 13.262  1.00 136.18 ? 33  GLY A C   1 
ATOM   265  O O   . GLY A 1 35  ? 0.670   -17.016 13.971  1.00 136.00 ? 33  GLY A O   1 
ATOM   266  N N   . THR A 1 36  ? -0.747  -17.765 12.400  1.00 135.44 ? 34  THR A N   1 
ATOM   267  C CA  . THR A 1 36  ? -0.142  -19.092 12.333  1.00 135.04 ? 34  THR A CA  1 
ATOM   268  C C   . THR A 1 36  ? 0.713   -19.316 11.083  1.00 136.01 ? 34  THR A C   1 
ATOM   269  O O   . THR A 1 36  ? 1.137   -20.440 10.813  1.00 136.94 ? 34  THR A O   1 
ATOM   270  C CB  . THR A 1 36  ? -1.223  -20.180 12.381  1.00 135.84 ? 34  THR A CB  1 
ATOM   271  O OG1 . THR A 1 36  ? -1.728  -20.418 11.058  1.00 138.26 ? 34  THR A OG1 1 
ATOM   272  C CG2 . THR A 1 36  ? -2.364  -19.745 13.292  1.00 134.87 ? 34  THR A CG2 1 
ATOM   273  N N   . LYS A 1 37  ? 0.954   -18.247 10.325  1.00 134.86 ? 35  LYS A N   1 
ATOM   274  C CA  . LYS A 1 37  ? 1.735   -18.323 9.087   1.00 131.32 ? 35  LYS A CA  1 
ATOM   275  C C   . LYS A 1 37  ? 1.313   -19.484 8.179   1.00 129.98 ? 35  LYS A C   1 
ATOM   276  O O   . LYS A 1 37  ? 2.141   -20.077 7.477   1.00 127.41 ? 35  LYS A O   1 
ATOM   277  C CB  . LYS A 1 37  ? 3.234   -18.401 9.389   1.00 130.86 ? 35  LYS A CB  1 
ATOM   278  C CG  . LYS A 1 37  ? 3.760   -17.282 10.282  1.00 129.53 ? 35  LYS A CG  1 
ATOM   279  C CD  . LYS A 1 37  ? 3.579   -15.909 9.656   1.00 126.44 ? 35  LYS A CD  1 
ATOM   280  C CE  . LYS A 1 37  ? 4.758   -14.994 9.983   1.00 132.67 ? 35  LYS A CE  1 
ATOM   281  N NZ  . LYS A 1 37  ? 4.794   -14.546 11.406  1.00 130.60 ? 35  LYS A NZ  1 
ATOM   282  N N   . LYS A 1 38  ? 0.025   -19.807 8.202   1.00 128.65 ? 36  LYS A N   1 
ATOM   283  C CA  . LYS A 1 38  ? -0.521  -20.807 7.297   1.00 130.19 ? 36  LYS A CA  1 
ATOM   284  C C   . LYS A 1 38  ? -1.376  -20.112 6.245   1.00 130.39 ? 36  LYS A C   1 
ATOM   285  O O   . LYS A 1 38  ? -2.052  -19.120 6.544   1.00 128.36 ? 36  LYS A O   1 
ATOM   286  C CB  . LYS A 1 38  ? -1.371  -21.821 8.064   1.00 132.77 ? 36  LYS A CB  1 
ATOM   287  C CG  . LYS A 1 38  ? -0.631  -22.578 9.153   1.00 131.02 ? 36  LYS A CG  1 
ATOM   288  C CD  . LYS A 1 38  ? 0.342   -23.572 8.560   1.00 129.10 ? 36  LYS A CD  1 
ATOM   289  C CE  . LYS A 1 38  ? 1.107   -24.285 9.650   1.00 126.49 ? 36  LYS A CE  1 
ATOM   290  N NZ  . LYS A 1 38  ? 2.313   -24.925 9.080   1.00 135.59 ? 36  LYS A NZ  1 
ATOM   291  N N   . THR A 1 39  ? -1.338  -20.624 5.015   1.00 129.60 ? 37  THR A N   1 
ATOM   292  C CA  . THR A 1 39  ? -2.168  -20.089 3.935   1.00 126.76 ? 37  THR A CA  1 
ATOM   293  C C   . THR A 1 39  ? -3.558  -20.693 4.030   1.00 128.49 ? 37  THR A C   1 
ATOM   294  O O   . THR A 1 39  ? -3.742  -21.745 4.639   1.00 129.52 ? 37  THR A O   1 
ATOM   295  C CB  . THR A 1 39  ? -1.588  -20.382 2.527   1.00 124.28 ? 37  THR A CB  1 
ATOM   296  O OG1 . THR A 1 39  ? -1.900  -21.726 2.135   1.00 116.20 ? 37  THR A OG1 1 
ATOM   297  C CG2 . THR A 1 39  ? -0.078  -20.168 2.499   1.00 118.45 ? 37  THR A CG2 1 
ATOM   298  N N   . GLY A 1 40  ? -4.534  -20.021 3.430   1.00 131.22 ? 38  GLY A N   1 
ATOM   299  C CA  . GLY A 1 40  ? -5.918  -20.483 3.449   1.00 133.67 ? 38  GLY A CA  1 
ATOM   300  C C   . GLY A 1 40  ? -6.072  -21.939 3.050   1.00 135.24 ? 38  GLY A C   1 
ATOM   301  O O   . GLY A 1 40  ? -6.974  -22.627 3.525   1.00 136.93 ? 38  GLY A O   1 
ATOM   302  N N   . SER A 1 41  ? -5.189  -22.413 2.176   1.00 135.58 ? 39  SER A N   1 
ATOM   303  C CA  . SER A 1 41  ? -5.238  -23.797 1.719   1.00 137.03 ? 39  SER A CA  1 
ATOM   304  C C   . SER A 1 41  ? -4.505  -24.751 2.675   1.00 137.52 ? 39  SER A C   1 
ATOM   305  O O   . SER A 1 41  ? -4.398  -25.949 2.413   1.00 139.18 ? 39  SER A O   1 
ATOM   306  C CB  . SER A 1 41  ? -4.676  -23.905 0.299   1.00 136.32 ? 39  SER A CB  1 
ATOM   307  O OG  . SER A 1 41  ? -3.413  -23.271 0.209   1.00 140.09 ? 39  SER A OG  1 
ATOM   308  N N   . GLY A 1 42  ? -4.032  -24.199 3.785   1.00 137.01 ? 40  GLY A N   1 
ATOM   309  C CA  . GLY A 1 42  ? -3.319  -24.959 4.791   1.00 135.54 ? 40  GLY A CA  1 
ATOM   310  C C   . GLY A 1 42  ? -1.824  -25.094 4.597   1.00 134.68 ? 40  GLY A C   1 
ATOM   311  O O   . GLY A 1 42  ? -1.158  -25.783 5.351   1.00 136.79 ? 40  GLY A O   1 
ATOM   312  N N   . ALA A 1 43  ? -1.285  -24.427 3.593   1.00 131.52 ? 41  ALA A N   1 
ATOM   313  C CA  . ALA A 1 43  ? 0.144   -24.487 3.328   1.00 128.91 ? 41  ALA A CA  1 
ATOM   314  C C   . ALA A 1 43  ? 0.951   -23.691 4.339   1.00 126.98 ? 41  ALA A C   1 
ATOM   315  O O   . ALA A 1 43  ? 0.408   -22.891 5.088   1.00 125.16 ? 41  ALA A O   1 
ATOM   316  C CB  . ALA A 1 43  ? 0.439   -24.016 1.940   1.00 128.24 ? 41  ALA A CB  1 
ATOM   317  N N   . ASP A 1 44  ? 2.251   -23.942 4.379   1.00 127.08 ? 42  ASP A N   1 
ATOM   318  C CA  . ASP A 1 44  ? 3.121   -23.238 5.313   1.00 128.25 ? 42  ASP A CA  1 
ATOM   319  C C   . ASP A 1 44  ? 3.696   -21.970 4.680   1.00 127.27 ? 42  ASP A C   1 
ATOM   320  O O   . ASP A 1 44  ? 4.599   -22.035 3.837   1.00 125.56 ? 42  ASP A O   1 
ATOM   321  C CB  . ASP A 1 44  ? 4.257   -24.160 5.756   1.00 130.46 ? 42  ASP A CB  1 
ATOM   322  C CG  . ASP A 1 44  ? 5.378   -23.408 6.441   1.00 135.56 ? 42  ASP A CG  1 
ATOM   323  O OD1 . ASP A 1 44  ? 5.096   -22.367 7.074   1.00 141.72 ? 42  ASP A OD1 1 
ATOM   324  O OD2 . ASP A 1 44  ? 6.541   -23.860 6.344   1.00 134.58 ? 42  ASP A OD2 1 
ATOM   325  N N   . PHE A 1 45  ? 3.186   -20.817 5.102   1.00 124.67 ? 43  PHE A N   1 
ATOM   326  C CA  . PHE A 1 45  ? 3.508   -19.558 4.432   1.00 121.71 ? 43  PHE A CA  1 
ATOM   327  C C   . PHE A 1 45  ? 4.959   -19.104 4.566   1.00 119.76 ? 43  PHE A C   1 
ATOM   328  O O   . PHE A 1 45  ? 5.425   -18.271 3.789   1.00 119.63 ? 43  PHE A O   1 
ATOM   329  C CB  . PHE A 1 45  ? 2.593   -18.435 4.908   1.00 119.68 ? 43  PHE A CB  1 
ATOM   330  C CG  . PHE A 1 45  ? 2.980   -17.093 4.377   1.00 120.00 ? 43  PHE A CG  1 
ATOM   331  C CD1 . PHE A 1 45  ? 2.797   -16.787 3.039   1.00 116.69 ? 43  PHE A CD1 1 
ATOM   332  C CD2 . PHE A 1 45  ? 3.543   -16.143 5.208   1.00 119.54 ? 43  PHE A CD2 1 
ATOM   333  C CE1 . PHE A 1 45  ? 3.158   -15.552 2.544   1.00 114.40 ? 43  PHE A CE1 1 
ATOM   334  C CE2 . PHE A 1 45  ? 3.903   -14.903 4.717   1.00 120.79 ? 43  PHE A CE2 1 
ATOM   335  C CZ  . PHE A 1 45  ? 3.710   -14.606 3.385   1.00 113.50 ? 43  PHE A CZ  1 
ATOM   336  N N   . LEU A 1 46  ? 5.666   -19.626 5.556   1.00 117.34 ? 44  LEU A N   1 
ATOM   337  C CA  . LEU A 1 46  ? 7.054   -19.242 5.739   1.00 115.68 ? 44  LEU A CA  1 
ATOM   338  C C   . LEU A 1 46  ? 7.926   -19.975 4.738   1.00 114.89 ? 44  LEU A C   1 
ATOM   339  O O   . LEU A 1 46  ? 9.099   -19.658 4.567   1.00 114.88 ? 44  LEU A O   1 
ATOM   340  C CB  . LEU A 1 46  ? 7.506   -19.486 7.173   1.00 114.08 ? 44  LEU A CB  1 
ATOM   341  C CG  . LEU A 1 46  ? 6.786   -18.538 8.131   1.00 117.15 ? 44  LEU A CG  1 
ATOM   342  C CD1 . LEU A 1 46  ? 7.268   -18.718 9.554   1.00 121.43 ? 44  LEU A CD1 1 
ATOM   343  C CD2 . LEU A 1 46  ? 6.976   -17.101 7.677   1.00 117.42 ? 44  LEU A CD2 1 
ATOM   344  N N   . GLN A 1 47  ? 7.339   -20.953 4.062   1.00 113.85 ? 45  GLN A N   1 
ATOM   345  C CA  . GLN A 1 47  ? 8.014   -21.584 2.944   1.00 116.67 ? 45  GLN A CA  1 
ATOM   346  C C   . GLN A 1 47  ? 7.972   -20.622 1.773   1.00 116.58 ? 45  GLN A C   1 
ATOM   347  O O   . GLN A 1 47  ? 8.941   -20.492 1.029   1.00 116.74 ? 45  GLN A O   1 
ATOM   348  C CB  . GLN A 1 47  ? 7.331   -22.897 2.576   1.00 119.86 ? 45  GLN A CB  1 
ATOM   349  C CG  . GLN A 1 47  ? 7.595   -23.999 3.577   1.00 129.57 ? 45  GLN A CG  1 
ATOM   350  C CD  . GLN A 1 47  ? 9.078   -24.205 3.811   1.00 137.44 ? 45  GLN A CD  1 
ATOM   351  O OE1 . GLN A 1 47  ? 9.792   -24.684 2.930   1.00 143.99 ? 45  GLN A OE1 1 
ATOM   352  N NE2 . GLN A 1 47  ? 9.551   -23.838 4.999   1.00 134.60 ? 45  GLN A NE2 1 
ATOM   353  N N   . VAL A 1 48  ? 6.834   -19.949 1.627   1.00 116.28 ? 46  VAL A N   1 
ATOM   354  C CA  . VAL A 1 48  ? 6.658   -18.904 0.627   1.00 114.83 ? 46  VAL A CA  1 
ATOM   355  C C   . VAL A 1 48  ? 7.580   -17.715 0.928   1.00 116.21 ? 46  VAL A C   1 
ATOM   356  O O   . VAL A 1 48  ? 8.574   -17.504 0.232   1.00 117.19 ? 46  VAL A O   1 
ATOM   357  C CB  . VAL A 1 48  ? 5.189   -18.431 0.575   1.00 116.06 ? 46  VAL A CB  1 
ATOM   358  C CG1 . VAL A 1 48  ? 5.034   -17.250 -0.379  1.00 116.73 ? 46  VAL A CG1 1 
ATOM   359  C CG2 . VAL A 1 48  ? 4.278   -19.582 0.174   1.00 110.07 ? 46  VAL A CG2 1 
ATOM   360  N N   . ASN A 1 49  ? 7.258   -16.949 1.970   1.00 113.34 ? 47  ASN A N   1 
ATOM   361  C CA  . ASN A 1 49  ? 8.094   -15.822 2.379   1.00 111.18 ? 47  ASN A CA  1 
ATOM   362  C C   . ASN A 1 49  ? 8.788   -16.022 3.737   1.00 114.13 ? 47  ASN A C   1 
ATOM   363  O O   . ASN A 1 49  ? 8.182   -15.777 4.786   1.00 114.52 ? 47  ASN A O   1 
ATOM   364  C CB  . ASN A 1 49  ? 7.263   -14.541 2.416   1.00 109.23 ? 47  ASN A CB  1 
ATOM   365  C CG  . ASN A 1 49  ? 8.079   -13.326 2.828   1.00 111.21 ? 47  ASN A CG  1 
ATOM   366  O OD1 . ASN A 1 49  ? 9.290   -13.270 2.601   1.00 114.10 ? 47  ASN A OD1 1 
ATOM   367  N ND2 . ASN A 1 49  ? 7.417   -12.341 3.436   1.00 102.28 ? 47  ASN A ND2 1 
ATOM   368  N N   . PRO A 1 50  ? 10.061  -16.470 3.718   1.00 113.24 ? 48  PRO A N   1 
ATOM   369  C CA  . PRO A 1 50  ? 10.891  -16.586 4.915   1.00 111.28 ? 48  PRO A CA  1 
ATOM   370  C C   . PRO A 1 50  ? 10.699  -15.443 5.912   1.00 111.42 ? 48  PRO A C   1 
ATOM   371  O O   . PRO A 1 50  ? 10.338  -15.697 7.055   1.00 113.60 ? 48  PRO A O   1 
ATOM   372  C CB  . PRO A 1 50  ? 12.308  -16.576 4.344   1.00 111.88 ? 48  PRO A CB  1 
ATOM   373  C CG  . PRO A 1 50  ? 12.163  -17.309 3.034   1.00 111.53 ? 48  PRO A CG  1 
ATOM   374  C CD  . PRO A 1 50  ? 10.739  -17.047 2.540   1.00 114.64 ? 48  PRO A CD  1 
ATOM   375  N N   . LYS A 1 51  ? 10.761  -14.213 5.454   1.00 111.54 ? 49  LYS A N   1 
ATOM   376  C CA  . LYS A 1 51  ? 10.692  -13.067 6.340   1.00 108.50 ? 49  LYS A CA  1 
ATOM   377  C C   . LYS A 1 51  ? 9.359   -13.118 7.045   1.00 108.04 ? 49  LYS A C   1 
ATOM   378  O O   . LYS A 1 51  ? 9.113   -12.416 8.003   1.00 107.73 ? 49  LYS A O   1 
ATOM   379  C CB  . LYS A 1 51  ? 10.824  -11.781 5.543   1.00 106.53 ? 49  LYS A CB  1 
ATOM   380  C CG  . LYS A 1 51  ? 12.002  -11.770 4.596   1.00 100.47 ? 49  LYS A CG  1 
ATOM   381  C CD  . LYS A 1 51  ? 12.280  -10.381 4.083   1.00 102.00 ? 49  LYS A CD  1 
ATOM   382  C CE  . LYS A 1 51  ? 11.881  -10.210 2.643   1.00 104.64 ? 49  LYS A CE  1 
ATOM   383  N NZ  . LYS A 1 51  ? 13.004  -10.537 1.736   1.00 104.69 ? 49  LYS A NZ  1 
ATOM   384  N N   . GLY A 1 52  ? 8.483   -13.934 6.507   1.00 108.53 ? 50  GLY A N   1 
ATOM   385  C CA  . GLY A 1 52  ? 7.168   -14.189 7.075   1.00 111.18 ? 50  GLY A CA  1 
ATOM   386  C C   . GLY A 1 52  ? 6.194   -13.031 7.198   1.00 113.60 ? 50  GLY A C   1 
ATOM   387  O O   . GLY A 1 52  ? 5.532   -12.900 8.221   1.00 118.42 ? 50  GLY A O   1 
ATOM   388  N N   . TYR A 1 53  ? 6.089   -12.190 6.172   1.00 113.50 ? 51  TYR A N   1 
ATOM   389  C CA  . TYR A 1 53  ? 5.005   -11.194 6.122   1.00 111.77 ? 51  TYR A CA  1 
ATOM   390  C C   . TYR A 1 53  ? 4.353   -11.083 4.739   1.00 108.86 ? 51  TYR A C   1 
ATOM   391  O O   . TYR A 1 53  ? 4.904   -11.566 3.750   1.00 108.46 ? 51  TYR A O   1 
ATOM   392  C CB  . TYR A 1 53  ? 5.476   -9.824  6.619   1.00 110.61 ? 51  TYR A CB  1 
ATOM   393  C CG  . TYR A 1 53  ? 6.839   -9.388  6.120   1.00 125.63 ? 51  TYR A CG  1 
ATOM   394  C CD1 . TYR A 1 53  ? 7.102   -9.261  4.755   1.00 135.16 ? 51  TYR A CD1 1 
ATOM   395  C CD2 . TYR A 1 53  ? 7.858   -9.072  7.016   1.00 130.57 ? 51  TYR A CD2 1 
ATOM   396  C CE1 . TYR A 1 53  ? 8.353   -8.846  4.297   1.00 134.92 ? 51  TYR A CE1 1 
ATOM   397  C CE2 . TYR A 1 53  ? 9.108   -8.659  6.568   1.00 133.04 ? 51  TYR A CE2 1 
ATOM   398  C CZ  . TYR A 1 53  ? 9.350   -8.546  5.210   1.00 136.03 ? 51  TYR A CZ  1 
ATOM   399  O OH  . TYR A 1 53  ? 10.591  -8.133  4.772   1.00 132.62 ? 51  TYR A OH  1 
ATOM   400  N N   . VAL A 1 54  ? 3.166   -10.476 4.677   1.00 104.25 ? 52  VAL A N   1 
ATOM   401  C CA  . VAL A 1 54  ? 2.550   -10.157 3.385   1.00 101.67 ? 52  VAL A CA  1 
ATOM   402  C C   . VAL A 1 54  ? 2.700   -8.670  3.080   1.00 103.20 ? 52  VAL A C   1 
ATOM   403  O O   . VAL A 1 54  ? 2.782   -7.851  3.988   1.00 107.58 ? 52  VAL A O   1 
ATOM   404  C CB  . VAL A 1 54  ? 1.067   -10.557 3.313   1.00 98.31  ? 52  VAL A CB  1 
ATOM   405  C CG1 . VAL A 1 54  ? 0.897   -11.998 3.752   1.00 86.41  ? 52  VAL A CG1 1 
ATOM   406  C CG2 . VAL A 1 54  ? 0.222   -9.617  4.155   1.00 95.62  ? 52  VAL A CG2 1 
ATOM   407  N N   . PRO A 1 55  ? 2.702   -8.310  1.791   1.00 102.86 ? 53  PRO A N   1 
ATOM   408  C CA  . PRO A 1 55  ? 2.337   -9.202  0.716   1.00 98.54  ? 53  PRO A CA  1 
ATOM   409  C C   . PRO A 1 55  ? 3.544   -9.954  0.166   1.00 96.40  ? 53  PRO A C   1 
ATOM   410  O O   . PRO A 1 55  ? 4.687   -9.500  0.295   1.00 99.67  ? 53  PRO A O   1 
ATOM   411  C CB  . PRO A 1 55  ? 1.832   -8.229  -0.339  1.00 98.76  ? 53  PRO A CB  1 
ATOM   412  C CG  . PRO A 1 55  ? 2.772   -7.039  -0.179  1.00 98.02  ? 53  PRO A CG  1 
ATOM   413  C CD  . PRO A 1 55  ? 3.204   -7.022  1.275   1.00 101.02 ? 53  PRO A CD  1 
ATOM   414  N N   . ALA A 1 56  ? 3.282   -11.104 -0.438  1.00 93.23  ? 54  ALA A N   1 
ATOM   415  C CA  . ALA A 1 56  ? 4.287   -11.810 -1.208  1.00 91.40  ? 54  ALA A CA  1 
ATOM   416  C C   . ALA A 1 56  ? 3.653   -12.115 -2.542  1.00 90.26  ? 54  ALA A C   1 
ATOM   417  O O   . ALA A 1 56  ? 2.474   -12.460 -2.614  1.00 90.47  ? 54  ALA A O   1 
ATOM   418  C CB  . ALA A 1 56  ? 4.699   -13.088 -0.520  1.00 92.72  ? 54  ALA A CB  1 
ATOM   419  N N   . LEU A 1 57  ? 4.435   -11.974 -3.601  1.00 90.43  ? 55  LEU A N   1 
ATOM   420  C CA  . LEU A 1 57  ? 3.929   -12.152 -4.944  1.00 87.76  ? 55  LEU A CA  1 
ATOM   421  C C   . LEU A 1 57  ? 4.626   -13.343 -5.557  1.00 89.96  ? 55  LEU A C   1 
ATOM   422  O O   . LEU A 1 57  ? 5.858   -13.390 -5.637  1.00 89.27  ? 55  LEU A O   1 
ATOM   423  C CB  . LEU A 1 57  ? 4.213   -10.907 -5.779  1.00 89.45  ? 55  LEU A CB  1 
ATOM   424  C CG  . LEU A 1 57  ? 3.757   -10.948 -7.233  1.00 84.00  ? 55  LEU A CG  1 
ATOM   425  C CD1 . LEU A 1 57  ? 2.253   -10.887 -7.281  1.00 70.10  ? 55  LEU A CD1 1 
ATOM   426  C CD2 . LEU A 1 57  ? 4.357   -9.792  -8.015  1.00 86.72  ? 55  LEU A CD2 1 
ATOM   427  N N   . GLN A 1 58  ? 3.841   -14.317 -5.986  1.00 90.48  ? 56  GLN A N   1 
ATOM   428  C CA  . GLN A 1 58  ? 4.412   -15.489 -6.607  1.00 93.61  ? 56  GLN A CA  1 
ATOM   429  C C   . GLN A 1 58  ? 4.207   -15.471 -8.112  1.00 97.05  ? 56  GLN A C   1 
ATOM   430  O O   . GLN A 1 58  ? 3.079   -15.475 -8.604  1.00 97.12  ? 56  GLN A O   1 
ATOM   431  C CB  . GLN A 1 58  ? 3.807   -16.742 -6.011  1.00 95.32  ? 56  GLN A CB  1 
ATOM   432  C CG  . GLN A 1 58  ? 4.458   -18.008 -6.493  1.00 100.87 ? 56  GLN A CG  1 
ATOM   433  C CD  . GLN A 1 58  ? 3.828   -19.214 -5.853  1.00 113.08 ? 56  GLN A CD  1 
ATOM   434  O OE1 . GLN A 1 58  ? 3.815   -19.342 -4.625  1.00 103.46 ? 56  GLN A OE1 1 
ATOM   435  N NE2 . GLN A 1 58  ? 3.275   -20.100 -6.676  1.00 124.60 ? 56  GLN A NE2 1 
ATOM   436  N N   . LEU A 1 59  ? 5.316   -15.457 -8.836  1.00 102.07 ? 57  LEU A N   1 
ATOM   437  C CA  . LEU A 1 59  ? 5.287   -15.343 -10.280 1.00 107.60 ? 57  LEU A CA  1 
ATOM   438  C C   . LEU A 1 59  ? 5.084   -16.701 -10.943 1.00 115.14 ? 57  LEU A C   1 
ATOM   439  O O   . LEU A 1 59  ? 5.114   -17.744 -10.281 1.00 114.25 ? 57  LEU A O   1 
ATOM   440  C CB  . LEU A 1 59  ? 6.586   -14.705 -10.759 1.00 104.09 ? 57  LEU A CB  1 
ATOM   441  C CG  . LEU A 1 59  ? 7.019   -13.577 -9.829  1.00 99.00  ? 57  LEU A CG  1 
ATOM   442  C CD1 . LEU A 1 59  ? 8.274   -12.912 -10.341 1.00 92.31  ? 57  LEU A CD1 1 
ATOM   443  C CD2 . LEU A 1 59  ? 5.891   -12.566 -9.662  1.00 95.26  ? 57  LEU A CD2 1 
ATOM   444  N N   . ASP A 1 60  ? 4.878   -16.676 -12.258 1.00 122.35 ? 58  ASP A N   1 
ATOM   445  C CA  . ASP A 1 60  ? 4.679   -17.901 -13.021 1.00 127.33 ? 58  ASP A CA  1 
ATOM   446  C C   . ASP A 1 60  ? 5.936   -18.758 -13.008 1.00 126.69 ? 58  ASP A C   1 
ATOM   447  O O   . ASP A 1 60  ? 5.879   -19.935 -12.676 1.00 128.54 ? 58  ASP A O   1 
ATOM   448  C CB  . ASP A 1 60  ? 4.229   -17.600 -14.454 1.00 130.42 ? 58  ASP A CB  1 
ATOM   449  C CG  . ASP A 1 60  ? 2.830   -16.996 -14.510 1.00 139.73 ? 58  ASP A CG  1 
ATOM   450  O OD1 . ASP A 1 60  ? 1.856   -17.760 -14.714 1.00 138.90 ? 58  ASP A OD1 1 
ATOM   451  O OD2 . ASP A 1 60  ? 2.704   -15.762 -14.332 1.00 143.69 ? 58  ASP A OD2 1 
ATOM   452  N N   . ASP A 1 61  ? 7.077   -18.176 -13.354 1.00 126.47 ? 59  ASP A N   1 
ATOM   453  C CA  . ASP A 1 61  ? 8.319   -18.939 -13.287 1.00 126.16 ? 59  ASP A CA  1 
ATOM   454  C C   . ASP A 1 61  ? 8.569   -19.428 -11.854 1.00 123.30 ? 59  ASP A C   1 
ATOM   455  O O   . ASP A 1 61  ? 9.610   -20.021 -11.558 1.00 123.27 ? 59  ASP A O   1 
ATOM   456  C CB  . ASP A 1 61  ? 9.507   -18.139 -13.839 1.00 127.51 ? 59  ASP A CB  1 
ATOM   457  C CG  . ASP A 1 61  ? 9.909   -16.984 -12.941 1.00 136.59 ? 59  ASP A CG  1 
ATOM   458  O OD1 . ASP A 1 61  ? 9.712   -15.817 -13.350 1.00 146.02 ? 59  ASP A OD1 1 
ATOM   459  O OD2 . ASP A 1 61  ? 10.420  -17.243 -11.828 1.00 130.38 ? 59  ASP A OD2 1 
ATOM   460  N N   . GLY A 1 62  ? 7.606   -19.169 -10.972 1.00 118.15 ? 60  GLY A N   1 
ATOM   461  C CA  . GLY A 1 62  ? 7.610   -19.756 -9.635  1.00 112.20 ? 60  GLY A CA  1 
ATOM   462  C C   . GLY A 1 62  ? 8.299   -18.993 -8.513  1.00 112.39 ? 60  GLY A C   1 
ATOM   463  O O   . GLY A 1 62  ? 8.184   -19.372 -7.352  1.00 113.69 ? 60  GLY A O   1 
ATOM   464  N N   . GLN A 1 63  ? 9.012   -17.919 -8.836  1.00 109.46 ? 61  GLN A N   1 
ATOM   465  C CA  . GLN A 1 63  ? 9.755   -17.174 -7.817  1.00 101.67 ? 61  GLN A CA  1 
ATOM   466  C C   . GLN A 1 63  ? 8.857   -16.285 -6.976  1.00 99.37  ? 61  GLN A C   1 
ATOM   467  O O   . GLN A 1 63  ? 7.719   -16.011 -7.346  1.00 102.59 ? 61  GLN A O   1 
ATOM   468  C CB  . GLN A 1 63  ? 10.816  -16.318 -8.476  1.00 100.46 ? 61  GLN A CB  1 
ATOM   469  C CG  . GLN A 1 63  ? 11.474  -16.999 -9.628  1.00 105.86 ? 61  GLN A CG  1 
ATOM   470  C CD  . GLN A 1 63  ? 12.881  -16.517 -9.826  1.00 122.03 ? 61  GLN A CD  1 
ATOM   471  O OE1 . GLN A 1 63  ? 13.543  -16.104 -8.873  1.00 125.63 ? 61  GLN A OE1 1 
ATOM   472  N NE2 . GLN A 1 63  ? 13.357  -16.567 -11.064 1.00 135.95 ? 61  GLN A NE2 1 
ATOM   473  N N   . VAL A 1 64  ? 9.368   -15.816 -5.844  1.00 93.33  ? 62  VAL A N   1 
ATOM   474  C CA  . VAL A 1 64  ? 8.555   -14.949 -5.011  1.00 89.68  ? 62  VAL A CA  1 
ATOM   475  C C   . VAL A 1 64  ? 9.167   -13.590 -4.755  1.00 92.45  ? 62  VAL A C   1 
ATOM   476  O O   . VAL A 1 64  ? 10.360  -13.459 -4.495  1.00 94.06  ? 62  VAL A O   1 
ATOM   477  C CB  . VAL A 1 64  ? 8.205   -15.594 -3.674  1.00 85.89  ? 62  VAL A CB  1 
ATOM   478  C CG1 . VAL A 1 64  ? 7.483   -14.583 -2.782  1.00 79.67  ? 62  VAL A CG1 1 
ATOM   479  C CG2 . VAL A 1 64  ? 7.340   -16.817 -3.910  1.00 82.75  ? 62  VAL A CG2 1 
ATOM   480  N N   . LEU A 1 65  ? 8.317   -12.577 -4.829  1.00 94.51  ? 63  LEU A N   1 
ATOM   481  C CA  . LEU A 1 65  ? 8.730   -11.213 -4.610  1.00 94.29  ? 63  LEU A CA  1 
ATOM   482  C C   . LEU A 1 65  ? 8.047   -10.710 -3.341  1.00 96.42  ? 63  LEU A C   1 
ATOM   483  O O   . LEU A 1 65  ? 6.880   -11.030 -3.079  1.00 93.23  ? 63  LEU A O   1 
ATOM   484  C CB  . LEU A 1 65  ? 8.336   -10.361 -5.815  1.00 96.58  ? 63  LEU A CB  1 
ATOM   485  C CG  . LEU A 1 65  ? 9.351   -9.336  -6.304  1.00 94.91  ? 63  LEU A CG  1 
ATOM   486  C CD1 . LEU A 1 65  ? 10.709  -9.989  -6.457  1.00 101.31 ? 63  LEU A CD1 1 
ATOM   487  C CD2 . LEU A 1 65  ? 8.880   -8.758  -7.620  1.00 98.95  ? 63  LEU A CD2 1 
ATOM   488  N N   . THR A 1 66  ? 8.788   -9.938  -2.551  1.00 97.47  ? 64  THR A N   1 
ATOM   489  C CA  . THR A 1 66  ? 8.298   -9.410  -1.282  1.00 100.86 ? 64  THR A CA  1 
ATOM   490  C C   . THR A 1 66  ? 8.605   -7.916  -1.221  1.00 104.07 ? 64  THR A C   1 
ATOM   491  O O   . THR A 1 66  ? 9.339   -7.396  -2.065  1.00 105.27 ? 64  THR A O   1 
ATOM   492  C CB  . THR A 1 66  ? 8.979   -10.109 -0.096  1.00 100.79 ? 64  THR A CB  1 
ATOM   493  O OG1 . THR A 1 66  ? 10.401  -10.076 -0.281  1.00 104.42 ? 64  THR A OG1 1 
ATOM   494  C CG2 . THR A 1 66  ? 8.539   -11.559 -0.006  1.00 94.80  ? 64  THR A CG2 1 
ATOM   495  N N   . GLU A 1 67  ? 8.059   -7.227  -0.224  1.00 103.55 ? 65  GLU A N   1 
ATOM   496  C CA  . GLU A 1 67  ? 8.304   -5.794  -0.088  1.00 105.09 ? 65  GLU A CA  1 
ATOM   497  C C   . GLU A 1 67  ? 7.346   -4.995  -0.960  1.00 106.72 ? 65  GLU A C   1 
ATOM   498  O O   . GLU A 1 67  ? 7.516   -4.886  -2.175  1.00 107.81 ? 65  GLU A O   1 
ATOM   499  C CB  . GLU A 1 67  ? 9.747   -5.442  -0.445  1.00 103.76 ? 65  GLU A CB  1 
ATOM   500  C CG  . GLU A 1 67  ? 10.793  -6.308  0.240   1.00 113.79 ? 65  GLU A CG  1 
ATOM   501  C CD  . GLU A 1 67  ? 10.727  -6.236  1.754   1.00 123.31 ? 65  GLU A CD  1 
ATOM   502  O OE1 . GLU A 1 67  ? 11.088  -7.242  2.408   1.00 128.03 ? 65  GLU A OE1 1 
ATOM   503  O OE2 . GLU A 1 67  ? 10.317  -5.177  2.288   1.00 120.06 ? 65  GLU A OE2 1 
ATOM   504  N N   . ASP A 1 68  ? 6.345   -4.424  -0.309  1.00 108.09 ? 66  ASP A N   1 
ATOM   505  C CA  . ASP A 1 68  ? 5.258   -3.752  -0.984  1.00 106.19 ? 66  ASP A CA  1 
ATOM   506  C C   . ASP A 1 68  ? 5.729   -2.873  -2.140  1.00 98.92  ? 66  ASP A C   1 
ATOM   507  O O   . ASP A 1 68  ? 5.163   -2.916  -3.230  1.00 97.49  ? 66  ASP A O   1 
ATOM   508  C CB  . ASP A 1 68  ? 4.465   -2.922  0.033   1.00 113.07 ? 66  ASP A CB  1 
ATOM   509  C CG  . ASP A 1 68  ? 2.969   -3.200  -0.026  1.00 129.29 ? 66  ASP A CG  1 
ATOM   510  O OD1 . ASP A 1 68  ? 2.573   -4.183  -0.693  1.00 144.43 ? 66  ASP A OD1 1 
ATOM   511  O OD2 . ASP A 1 68  ? 2.188   -2.443  0.598   1.00 138.81 ? 66  ASP A OD2 1 
ATOM   512  N N   . GLN A 1 69  ? 6.762   -2.074  -1.913  1.00 90.08  ? 67  GLN A N   1 
ATOM   513  C CA  . GLN A 1 69  ? 7.128   -1.083  -2.913  1.00 87.58  ? 67  GLN A CA  1 
ATOM   514  C C   . GLN A 1 69  ? 7.835   -1.685  -4.115  1.00 87.27  ? 67  GLN A C   1 
ATOM   515  O O   . GLN A 1 69  ? 7.858   -1.094  -5.193  1.00 87.90  ? 67  GLN A O   1 
ATOM   516  C CB  . GLN A 1 69  ? 7.989   0.013   -2.302  1.00 87.15  ? 67  GLN A CB  1 
ATOM   517  C CG  . GLN A 1 69  ? 9.363   -0.446  -1.904  1.00 89.80  ? 67  GLN A CG  1 
ATOM   518  C CD  . GLN A 1 69  ? 10.181  0.683   -1.330  1.00 96.87  ? 67  GLN A CD  1 
ATOM   519  O OE1 . GLN A 1 69  ? 10.636  0.621   -0.187  1.00 106.94 ? 67  GLN A OE1 1 
ATOM   520  N NE2 . GLN A 1 69  ? 10.359  1.738   -2.114  1.00 103.11 ? 67  GLN A NE2 1 
ATOM   521  N N   . VAL A 1 70  ? 8.432   -2.853  -3.942  1.00 87.24  ? 68  VAL A N   1 
ATOM   522  C CA  . VAL A 1 70  ? 9.068   -3.490  -5.082  1.00 85.78  ? 68  VAL A CA  1 
ATOM   523  C C   . VAL A 1 70  ? 8.021   -4.238  -5.891  1.00 87.88  ? 68  VAL A C   1 
ATOM   524  O O   . VAL A 1 70  ? 8.027   -4.210  -7.122  1.00 89.11  ? 68  VAL A O   1 
ATOM   525  C CB  . VAL A 1 70  ? 10.200  -4.424  -4.676  1.00 81.49  ? 68  VAL A CB  1 
ATOM   526  C CG1 . VAL A 1 70  ? 10.735  -5.128  -5.896  1.00 78.35  ? 68  VAL A CG1 1 
ATOM   527  C CG2 . VAL A 1 70  ? 11.305  -3.629  -4.001  1.00 78.39  ? 68  VAL A CG2 1 
ATOM   528  N N   . ILE A 1 71  ? 7.104   -4.897  -5.195  1.00 87.36  ? 69  ILE A N   1 
ATOM   529  C CA  . ILE A 1 71  ? 6.021   -5.583  -5.881  1.00 86.46  ? 69  ILE A CA  1 
ATOM   530  C C   . ILE A 1 71  ? 5.259   -4.601  -6.770  1.00 88.16  ? 69  ILE A C   1 
ATOM   531  O O   . ILE A 1 71  ? 4.924   -4.916  -7.914  1.00 91.62  ? 69  ILE A O   1 
ATOM   532  C CB  . ILE A 1 71  ? 5.062   -6.263  -4.899  1.00 84.43  ? 69  ILE A CB  1 
ATOM   533  C CG1 . ILE A 1 71  ? 5.747   -7.459  -4.229  1.00 82.16  ? 69  ILE A CG1 1 
ATOM   534  C CG2 . ILE A 1 71  ? 3.810   -6.714  -5.620  1.00 81.76  ? 69  ILE A CG2 1 
ATOM   535  C CD1 . ILE A 1 71  ? 4.935   -8.059  -3.097  1.00 79.37  ? 69  ILE A CD1 1 
ATOM   536  N N   . LEU A 1 72  ? 4.995   -3.409  -6.250  1.00 83.67  ? 70  LEU A N   1 
ATOM   537  C CA  . LEU A 1 72  ? 4.283   -2.417  -7.031  1.00 82.08  ? 70  LEU A CA  1 
ATOM   538  C C   . LEU A 1 72  ? 5.072   -2.086  -8.293  1.00 84.45  ? 70  LEU A C   1 
ATOM   539  O O   . LEU A 1 72  ? 4.542   -2.136  -9.399  1.00 83.14  ? 70  LEU A O   1 
ATOM   540  C CB  . LEU A 1 72  ? 4.026   -1.159  -6.210  1.00 79.65  ? 70  LEU A CB  1 
ATOM   541  C CG  . LEU A 1 72  ? 3.179   -1.378  -4.955  1.00 78.77  ? 70  LEU A CG  1 
ATOM   542  C CD1 . LEU A 1 72  ? 3.140   -0.116  -4.103  1.00 71.03  ? 70  LEU A CD1 1 
ATOM   543  C CD2 . LEU A 1 72  ? 1.758   -1.854  -5.295  1.00 77.35  ? 70  LEU A CD2 1 
ATOM   544  N N   . GLN A 1 73  ? 6.347   -1.751  -8.131  1.00 86.06  ? 71  GLN A N   1 
ATOM   545  C CA  . GLN A 1 73  ? 7.189   -1.469  -9.291  1.00 82.04  ? 71  GLN A CA  1 
ATOM   546  C C   . GLN A 1 73  ? 7.088   -2.607  -10.280 1.00 81.23  ? 71  GLN A C   1 
ATOM   547  O O   . GLN A 1 73  ? 6.713   -2.415  -11.426 1.00 82.11  ? 71  GLN A O   1 
ATOM   548  C CB  . GLN A 1 73  ? 8.640   -1.322  -8.879  1.00 74.84  ? 71  GLN A CB  1 
ATOM   549  C CG  . GLN A 1 73  ? 8.899   -0.134  -8.028  1.00 80.29  ? 71  GLN A CG  1 
ATOM   550  C CD  . GLN A 1 73  ? 10.365  0.174   -7.953  1.00 89.49  ? 71  GLN A CD  1 
ATOM   551  O OE1 . GLN A 1 73  ? 10.896  0.423   -6.874  1.00 92.37  ? 71  GLN A OE1 1 
ATOM   552  N NE2 . GLN A 1 73  ? 11.044  0.139   -9.104  1.00 82.64  ? 71  GLN A NE2 1 
ATOM   553  N N   . TYR A 1 74  ? 7.429   -3.802  -9.827  1.00 80.82  ? 72  TYR A N   1 
ATOM   554  C CA  . TYR A 1 74  ? 7.408   -4.958  -10.694 1.00 80.73  ? 72  TYR A CA  1 
ATOM   555  C C   . TYR A 1 74  ? 6.083   -5.092  -11.446 1.00 81.95  ? 72  TYR A C   1 
ATOM   556  O O   . TYR A 1 74  ? 6.070   -5.379  -12.639 1.00 86.21  ? 72  TYR A O   1 
ATOM   557  C CB  . TYR A 1 74  ? 7.680   -6.223  -9.896  1.00 81.20  ? 72  TYR A CB  1 
ATOM   558  C CG  . TYR A 1 74  ? 7.465   -7.453  -10.722 1.00 83.26  ? 72  TYR A CG  1 
ATOM   559  C CD1 . TYR A 1 74  ? 6.225   -8.063  -10.774 1.00 79.27  ? 72  TYR A CD1 1 
ATOM   560  C CD2 . TYR A 1 74  ? 8.499   -7.989  -11.480 1.00 83.51  ? 72  TYR A CD2 1 
ATOM   561  C CE1 . TYR A 1 74  ? 6.022   -9.187  -11.541 1.00 84.92  ? 72  TYR A CE1 1 
ATOM   562  C CE2 . TYR A 1 74  ? 8.308   -9.114  -12.248 1.00 82.18  ? 72  TYR A CE2 1 
ATOM   563  C CZ  . TYR A 1 74  ? 7.067   -9.707  -12.277 1.00 87.68  ? 72  TYR A CZ  1 
ATOM   564  O OH  . TYR A 1 74  ? 6.870   -10.829 -13.047 1.00 99.21  ? 72  TYR A OH  1 
ATOM   565  N N   . LEU A 1 75  ? 4.971   -4.897  -10.749 1.00 79.95  ? 73  LEU A N   1 
ATOM   566  C CA  . LEU A 1 75  ? 3.661   -4.955  -11.392 1.00 80.96  ? 73  LEU A CA  1 
ATOM   567  C C   . LEU A 1 75  ? 3.502   -3.890  -12.472 1.00 83.36  ? 73  LEU A C   1 
ATOM   568  O O   . LEU A 1 75  ? 3.137   -4.188  -13.602 1.00 88.94  ? 73  LEU A O   1 
ATOM   569  C CB  . LEU A 1 75  ? 2.550   -4.791  -10.365 1.00 76.87  ? 73  LEU A CB  1 
ATOM   570  C CG  . LEU A 1 75  ? 2.252   -6.001  -9.487  1.00 84.18  ? 73  LEU A CG  1 
ATOM   571  C CD1 . LEU A 1 75  ? 0.992   -5.738  -8.699  1.00 83.96  ? 73  LEU A CD1 1 
ATOM   572  C CD2 . LEU A 1 75  ? 2.099   -7.261  -10.327 1.00 81.12  ? 73  LEU A CD2 1 
ATOM   573  N N   . ALA A 1 76  ? 3.760   -2.638  -12.120 1.00 85.43  ? 74  ALA A N   1 
ATOM   574  C CA  . ALA A 1 76  ? 3.663   -1.546  -13.085 1.00 86.06  ? 74  ALA A CA  1 
ATOM   575  C C   . ALA A 1 76  ? 4.472   -1.816  -14.363 1.00 89.10  ? 74  ALA A C   1 
ATOM   576  O O   . ALA A 1 76  ? 4.072   -1.420  -15.453 1.00 95.38  ? 74  ALA A O   1 
ATOM   577  C CB  . ALA A 1 76  ? 4.100   -0.233  -12.448 1.00 81.10  ? 74  ALA A CB  1 
ATOM   578  N N   . ASP A 1 77  ? 5.606   -2.492  -14.233 1.00 87.93  ? 75  ASP A N   1 
ATOM   579  C CA  . ASP A 1 77  ? 6.476   -2.713  -15.381 1.00 87.51  ? 75  ASP A CA  1 
ATOM   580  C C   . ASP A 1 77  ? 5.994   -3.845  -16.278 1.00 87.59  ? 75  ASP A C   1 
ATOM   581  O O   . ASP A 1 77  ? 6.441   -3.980  -17.402 1.00 92.03  ? 75  ASP A O   1 
ATOM   582  C CB  . ASP A 1 77  ? 7.906   -2.958  -14.921 1.00 90.62  ? 75  ASP A CB  1 
ATOM   583  C CG  . ASP A 1 77  ? 8.423   -1.839  -14.024 1.00 109.78 ? 75  ASP A CG  1 
ATOM   584  O OD1 . ASP A 1 77  ? 9.179   -2.128  -13.061 1.00 110.95 ? 75  ASP A OD1 1 
ATOM   585  O OD2 . ASP A 1 77  ? 8.053   -0.669  -14.279 1.00 123.31 ? 75  ASP A OD2 1 
ATOM   586  N N   . LEU A 1 78  ? 5.085   -4.668  -15.784 1.00 86.43  ? 76  LEU A N   1 
ATOM   587  C CA  . LEU A 1 78  ? 4.441   -5.633  -16.648 1.00 87.01  ? 76  LEU A CA  1 
ATOM   588  C C   . LEU A 1 78  ? 3.563   -4.934  -17.678 1.00 92.68  ? 76  LEU A C   1 
ATOM   589  O O   . LEU A 1 78  ? 3.332   -5.466  -18.760 1.00 99.87  ? 76  LEU A O   1 
ATOM   590  C CB  . LEU A 1 78  ? 3.582   -6.589  -15.839 1.00 85.93  ? 76  LEU A CB  1 
ATOM   591  C CG  . LEU A 1 78  ? 4.397   -7.546  -14.991 1.00 85.43  ? 76  LEU A CG  1 
ATOM   592  C CD1 . LEU A 1 78  ? 3.466   -8.604  -14.447 1.00 80.28  ? 76  LEU A CD1 1 
ATOM   593  C CD2 . LEU A 1 78  ? 5.486   -8.153  -15.852 1.00 71.70  ? 76  LEU A CD2 1 
ATOM   594  N N   . LYS A 1 79  ? 3.057   -3.749  -17.347 1.00 89.57  ? 77  LYS A N   1 
ATOM   595  C CA  . LYS A 1 79  ? 2.190   -3.034  -18.276 1.00 86.60  ? 77  LYS A CA  1 
ATOM   596  C C   . LYS A 1 79  ? 2.542   -1.571  -18.347 1.00 87.74  ? 77  LYS A C   1 
ATOM   597  O O   . LYS A 1 79  ? 1.809   -0.734  -17.832 1.00 91.00  ? 77  LYS A O   1 
ATOM   598  C CB  . LYS A 1 79  ? 0.730   -3.191  -17.883 1.00 80.52  ? 77  LYS A CB  1 
ATOM   599  C CG  . LYS A 1 79  ? 0.353   -4.621  -17.653 1.00 88.38  ? 77  LYS A CG  1 
ATOM   600  C CD  . LYS A 1 79  ? -0.938  -4.955  -18.353 1.00 99.25  ? 77  LYS A CD  1 
ATOM   601  C CE  . LYS A 1 79  ? -0.714  -5.129  -19.842 1.00 106.59 ? 77  LYS A CE  1 
ATOM   602  N NZ  . LYS A 1 79  ? -1.856  -5.833  -20.495 1.00 116.88 ? 77  LYS A NZ  1 
ATOM   603  N N   . PRO A 1 80  ? 3.657   -1.257  -19.007 1.00 89.76  ? 78  PRO A N   1 
ATOM   604  C CA  . PRO A 1 80  ? 4.130   0.116   -19.092 1.00 93.59  ? 78  PRO A CA  1 
ATOM   605  C C   . PRO A 1 80  ? 3.128   0.962   -19.858 1.00 101.42 ? 78  PRO A C   1 
ATOM   606  O O   . PRO A 1 80  ? 3.078   2.177   -19.687 1.00 104.70 ? 78  PRO A O   1 
ATOM   607  C CB  . PRO A 1 80  ? 5.440   -0.004  -19.881 1.00 93.36  ? 78  PRO A CB  1 
ATOM   608  C CG  . PRO A 1 80  ? 5.724   -1.494  -20.001 1.00 90.99  ? 78  PRO A CG  1 
ATOM   609  C CD  . PRO A 1 80  ? 4.402   -2.162  -19.893 1.00 89.20  ? 78  PRO A CD  1 
ATOM   610  N N   . GLU A 1 81  ? 2.323   0.314   -20.690 1.00 108.45 ? 79  GLU A N   1 
ATOM   611  C CA  . GLU A 1 81  ? 1.316   1.026   -21.465 1.00 112.82 ? 79  GLU A CA  1 
ATOM   612  C C   . GLU A 1 81  ? 0.252   1.637   -20.557 1.00 111.38 ? 79  GLU A C   1 
ATOM   613  O O   . GLU A 1 81  ? -0.516  2.497   -20.992 1.00 116.77 ? 79  GLU A O   1 
ATOM   614  C CB  . GLU A 1 81  ? 0.647   0.087   -22.469 1.00 115.37 ? 79  GLU A CB  1 
ATOM   615  C CG  . GLU A 1 81  ? 1.479   -1.137  -22.828 1.00 132.39 ? 79  GLU A CG  1 
ATOM   616  C CD  . GLU A 1 81  ? 1.131   -2.349  -21.979 1.00 140.03 ? 79  GLU A CD  1 
ATOM   617  O OE1 . GLU A 1 81  ? 1.910   -3.328  -21.987 1.00 141.84 ? 79  GLU A OE1 1 
ATOM   618  O OE2 . GLU A 1 81  ? 0.070   -2.322  -21.311 1.00 144.83 ? 79  GLU A OE2 1 
ATOM   619  N N   . SER A 1 82  ? 0.199   1.194   -19.304 1.00 105.60 ? 80  SER A N   1 
ATOM   620  C CA  . SER A 1 82  ? -0.839  1.659   -18.379 1.00 101.56 ? 80  SER A CA  1 
ATOM   621  C C   . SER A 1 82  ? -0.426  2.891   -17.553 1.00 98.14  ? 80  SER A C   1 
ATOM   622  O O   . SER A 1 82  ? -1.241  3.466   -16.832 1.00 96.08  ? 80  SER A O   1 
ATOM   623  C CB  . SER A 1 82  ? -1.308  0.528   -17.460 1.00 99.88  ? 80  SER A CB  1 
ATOM   624  O OG  . SER A 1 82  ? -0.447  0.418   -16.343 1.00 102.52 ? 80  SER A OG  1 
ATOM   625  N N   . GLY A 1 83  ? 0.834   3.299   -17.661 1.00 91.81  ? 81  GLY A N   1 
ATOM   626  C CA  . GLY A 1 83  ? 1.269   4.557   -17.063 1.00 86.03  ? 81  GLY A CA  1 
ATOM   627  C C   . GLY A 1 83  ? 1.045   4.711   -15.569 1.00 87.84  ? 81  GLY A C   1 
ATOM   628  O O   . GLY A 1 83  ? 0.859   5.827   -15.073 1.00 90.49  ? 81  GLY A O   1 
ATOM   629  N N   . LEU A 1 84  ? 1.069   3.596   -14.846 1.00 86.11  ? 82  LEU A N   1 
ATOM   630  C CA  . LEU A 1 84  ? 1.002   3.621   -13.389 1.00 82.13  ? 82  LEU A CA  1 
ATOM   631  C C   . LEU A 1 84  ? 2.333   4.064   -12.809 1.00 84.25  ? 82  LEU A C   1 
ATOM   632  O O   . LEU A 1 84  ? 2.558   3.992   -11.600 1.00 83.16  ? 82  LEU A O   1 
ATOM   633  C CB  . LEU A 1 84  ? 0.659   2.236   -12.857 1.00 80.47  ? 82  LEU A CB  1 
ATOM   634  C CG  . LEU A 1 84  ? -0.785  1.885   -13.174 1.00 81.50  ? 82  LEU A CG  1 
ATOM   635  C CD1 . LEU A 1 84  ? -1.082  0.439   -12.799 1.00 85.62  ? 82  LEU A CD1 1 
ATOM   636  C CD2 . LEU A 1 84  ? -1.730  2.881   -12.468 1.00 70.42  ? 82  LEU A CD2 1 
ATOM   637  N N   . MET A 1 85  ? 3.211   4.540   -13.678 1.00 87.59  ? 83  MET A N   1 
ATOM   638  C CA  . MET A 1 85  ? 4.572   4.812   -13.274 1.00 90.01  ? 83  MET A CA  1 
ATOM   639  C C   . MET A 1 85  ? 5.278   5.570   -14.392 1.00 89.05  ? 83  MET A C   1 
ATOM   640  O O   . MET A 1 85  ? 5.125   5.231   -15.562 1.00 93.60  ? 83  MET A O   1 
ATOM   641  C CB  . MET A 1 85  ? 5.259   3.475   -13.003 1.00 86.41  ? 83  MET A CB  1 
ATOM   642  C CG  . MET A 1 85  ? 6.082   3.447   -11.741 1.00 97.73  ? 83  MET A CG  1 
ATOM   643  S SD  . MET A 1 85  ? 6.873   1.855   -11.462 1.00 101.98 ? 83  MET A SD  1 
ATOM   644  C CE  . MET A 1 85  ? 8.349   2.398   -10.602 1.00 107.47 ? 83  MET A CE  1 
ATOM   645  N N   . PRO A 1 86  ? 6.030   6.622   -14.051 1.00 88.20  ? 84  PRO A N   1 
ATOM   646  C CA  . PRO A 1 86  ? 6.777   7.327   -15.092 1.00 89.79  ? 84  PRO A CA  1 
ATOM   647  C C   . PRO A 1 86  ? 7.735   6.375   -15.824 1.00 95.00  ? 84  PRO A C   1 
ATOM   648  O O   . PRO A 1 86  ? 8.274   5.452   -15.212 1.00 96.96  ? 84  PRO A O   1 
ATOM   649  C CB  . PRO A 1 86  ? 7.559   8.380   -14.312 1.00 88.51  ? 84  PRO A CB  1 
ATOM   650  C CG  . PRO A 1 86  ? 6.772   8.594   -13.076 1.00 88.52  ? 84  PRO A CG  1 
ATOM   651  C CD  . PRO A 1 86  ? 6.150   7.268   -12.737 1.00 88.48  ? 84  PRO A CD  1 
ATOM   652  N N   . PRO A 1 87  ? 7.946   6.595   -17.133 1.00 97.35  ? 85  PRO A N   1 
ATOM   653  C CA  . PRO A 1 87  ? 8.725   5.686   -17.980 1.00 95.13  ? 85  PRO A CA  1 
ATOM   654  C C   . PRO A 1 87  ? 10.199  5.654   -17.602 1.00 95.39  ? 85  PRO A C   1 
ATOM   655  O O   . PRO A 1 87  ? 10.749  6.684   -17.214 1.00 93.31  ? 85  PRO A O   1 
ATOM   656  C CB  . PRO A 1 87  ? 8.577   6.304   -19.365 1.00 95.64  ? 85  PRO A CB  1 
ATOM   657  C CG  . PRO A 1 87  ? 8.310   7.748   -19.099 1.00 88.44  ? 85  PRO A CG  1 
ATOM   658  C CD  . PRO A 1 87  ? 7.469   7.772   -17.882 1.00 94.74  ? 85  PRO A CD  1 
ATOM   659  N N   . SER A 1 88  ? 10.829  4.485   -17.722 1.00 96.48  ? 86  SER A N   1 
ATOM   660  C CA  . SER A 1 88  ? 12.258  4.350   -17.430 1.00 98.22  ? 86  SER A CA  1 
ATOM   661  C C   . SER A 1 88  ? 13.043  5.430   -18.127 1.00 98.37  ? 86  SER A C   1 
ATOM   662  O O   . SER A 1 88  ? 12.793  5.735   -19.289 1.00 102.18 ? 86  SER A O   1 
ATOM   663  C CB  . SER A 1 88  ? 12.793  3.010   -17.911 1.00 97.25  ? 86  SER A CB  1 
ATOM   664  O OG  . SER A 1 88  ? 12.280  1.955   -17.129 1.00 114.81 ? 86  SER A OG  1 
ATOM   665  N N   . GLY A 1 89  ? 14.007  5.999   -17.426 1.00 99.19  ? 87  GLY A N   1 
ATOM   666  C CA  . GLY A 1 89  ? 14.872  6.986   -18.041 1.00 102.57 ? 87  GLY A CA  1 
ATOM   667  C C   . GLY A 1 89  ? 14.499  8.403   -17.670 1.00 107.18 ? 87  GLY A C   1 
ATOM   668  O O   . GLY A 1 89  ? 15.360  9.280   -17.645 1.00 112.99 ? 87  GLY A O   1 
ATOM   669  N N   . THR A 1 90  ? 13.221  8.635   -17.380 1.00 105.43 ? 88  THR A N   1 
ATOM   670  C CA  . THR A 1 90  ? 12.761  9.963   -16.980 1.00 99.43  ? 88  THR A CA  1 
ATOM   671  C C   . THR A 1 90  ? 13.193  10.247  -15.553 1.00 97.27  ? 88  THR A C   1 
ATOM   672  O O   . THR A 1 90  ? 13.388  9.327   -14.759 1.00 96.03  ? 88  THR A O   1 
ATOM   673  C CB  . THR A 1 90  ? 11.232  10.079  -17.047 1.00 100.01 ? 88  THR A CB  1 
ATOM   674  O OG1 . THR A 1 90  ? 10.650  9.354   -15.956 1.00 106.42 ? 88  THR A OG1 1 
ATOM   675  C CG2 . THR A 1 90  ? 10.709  9.506   -18.350 1.00 103.54 ? 88  THR A CG2 1 
ATOM   676  N N   . PHE A 1 91  ? 13.339  11.522  -15.221 1.00 94.86  ? 89  PHE A N   1 
ATOM   677  C CA  . PHE A 1 91  ? 13.669  11.888  -13.859 1.00 93.12  ? 89  PHE A CA  1 
ATOM   678  C C   . PHE A 1 91  ? 12.419  11.832  -12.990 1.00 96.78  ? 89  PHE A C   1 
ATOM   679  O O   . PHE A 1 91  ? 12.498  11.577  -11.790 1.00 99.96  ? 89  PHE A O   1 
ATOM   680  C CB  . PHE A 1 91  ? 14.286  13.279  -13.801 1.00 89.34  ? 89  PHE A CB  1 
ATOM   681  C CG  . PHE A 1 91  ? 14.593  13.738  -12.407 1.00 94.39  ? 89  PHE A CG  1 
ATOM   682  C CD1 . PHE A 1 91  ? 15.781  13.367  -11.785 1.00 98.12  ? 89  PHE A CD1 1 
ATOM   683  C CD2 . PHE A 1 91  ? 13.686  14.524  -11.704 1.00 92.41  ? 89  PHE A CD2 1 
ATOM   684  C CE1 . PHE A 1 91  ? 16.068  13.782  -10.487 1.00 96.46  ? 89  PHE A CE1 1 
ATOM   685  C CE2 . PHE A 1 91  ? 13.963  14.946  -10.404 1.00 97.55  ? 89  PHE A CE2 1 
ATOM   686  C CZ  . PHE A 1 91  ? 15.160  14.575  -9.797  1.00 99.59  ? 89  PHE A CZ  1 
ATOM   687  N N   . GLU A 1 92  ? 11.264  12.072  -13.600 1.00 97.27  ? 90  GLU A N   1 
ATOM   688  C CA  . GLU A 1 92  ? 10.004  11.992  -12.879 1.00 95.58  ? 90  GLU A CA  1 
ATOM   689  C C   . GLU A 1 92  ? 9.895   10.625  -12.196 1.00 91.33  ? 90  GLU A C   1 
ATOM   690  O O   . GLU A 1 92  ? 9.379   10.497  -11.086 1.00 93.41  ? 90  GLU A O   1 
ATOM   691  C CB  . GLU A 1 92  ? 8.840   12.200  -13.840 1.00 93.27  ? 90  GLU A CB  1 
ATOM   692  C CG  . GLU A 1 92  ? 7.504   12.380  -13.138 1.00 120.10 ? 90  GLU A CG  1 
ATOM   693  C CD  . GLU A 1 92  ? 6.317   12.004  -14.019 1.00 139.60 ? 90  GLU A CD  1 
ATOM   694  O OE1 . GLU A 1 92  ? 6.551   11.553  -15.162 1.00 149.67 ? 90  GLU A OE1 1 
ATOM   695  O OE2 . GLU A 1 92  ? 5.154   12.152  -13.569 1.00 137.67 ? 90  GLU A OE2 1 
ATOM   696  N N   . ARG A 1 93  ? 10.402  9.603   -12.871 1.00 83.59  ? 91  ARG A N   1 
ATOM   697  C CA  . ARG A 1 93  ? 10.417  8.254   -12.334 1.00 83.34  ? 91  ARG A CA  1 
ATOM   698  C C   . ARG A 1 93  ? 11.024  8.212   -10.934 1.00 85.06  ? 91  ARG A C   1 
ATOM   699  O O   . ARG A 1 93  ? 10.531  7.505   -10.054 1.00 88.12  ? 91  ARG A O   1 
ATOM   700  C CB  . ARG A 1 93  ? 11.246  7.370   -13.247 1.00 83.25  ? 91  ARG A CB  1 
ATOM   701  C CG  . ARG A 1 93  ? 11.348  5.947   -12.800 1.00 82.90  ? 91  ARG A CG  1 
ATOM   702  C CD  . ARG A 1 93  ? 10.676  5.031   -13.779 1.00 89.48  ? 91  ARG A CD  1 
ATOM   703  N NE  . ARG A 1 93  ? 10.732  3.644   -13.338 1.00 90.57  ? 91  ARG A NE  1 
ATOM   704  C CZ  . ARG A 1 93  ? 9.998   2.678   -13.875 1.00 94.95  ? 91  ARG A CZ  1 
ATOM   705  N NH1 . ARG A 1 93  ? 9.169   2.957   -14.871 1.00 88.78  ? 91  ARG A NH1 1 
ATOM   706  N NH2 . ARG A 1 93  ? 10.085  1.440   -13.417 1.00 103.44 ? 91  ARG A NH2 1 
ATOM   707  N N   . TYR A 1 94  ? 12.107  8.952   -10.730 1.00 82.50  ? 92  TYR A N   1 
ATOM   708  C CA  . TYR A 1 94  ? 12.741  9.005   -9.416  1.00 83.83  ? 92  TYR A CA  1 
ATOM   709  C C   . TYR A 1 94  ? 11.846  9.676   -8.390  1.00 84.62  ? 92  TYR A C   1 
ATOM   710  O O   . TYR A 1 94  ? 11.818  9.277   -7.223  1.00 86.11  ? 92  TYR A O   1 
ATOM   711  C CB  . TYR A 1 94  ? 14.081  9.729   -9.483  1.00 87.72  ? 92  TYR A CB  1 
ATOM   712  C CG  . TYR A 1 94  ? 15.142  8.925   -10.180 1.00 92.78  ? 92  TYR A CG  1 
ATOM   713  C CD1 . TYR A 1 94  ? 15.638  9.316   -11.413 1.00 94.75  ? 92  TYR A CD1 1 
ATOM   714  C CD2 . TYR A 1 94  ? 15.630  7.755   -9.615  1.00 88.39  ? 92  TYR A CD2 1 
ATOM   715  C CE1 . TYR A 1 94  ? 16.602  8.572   -12.055 1.00 85.65  ? 92  TYR A CE1 1 
ATOM   716  C CE2 . TYR A 1 94  ? 16.588  7.008   -10.249 1.00 93.12  ? 92  TYR A CE2 1 
ATOM   717  C CZ  . TYR A 1 94  ? 17.071  7.419   -11.471 1.00 92.83  ? 92  TYR A CZ  1 
ATOM   718  O OH  . TYR A 1 94  ? 18.036  6.674   -12.110 1.00 93.39  ? 92  TYR A OH  1 
ATOM   719  N N   . ARG A 1 95  ? 11.122  10.702  -8.825  1.00 80.21  ? 93  ARG A N   1 
ATOM   720  C CA  . ARG A 1 95  ? 10.162  11.355  -7.959  1.00 80.97  ? 93  ARG A CA  1 
ATOM   721  C C   . ARG A 1 95  ? 9.135   10.352  -7.440  1.00 84.09  ? 93  ARG A C   1 
ATOM   722  O O   . ARG A 1 95  ? 8.776   10.374  -6.258  1.00 85.84  ? 93  ARG A O   1 
ATOM   723  C CB  . ARG A 1 95  ? 9.481   12.500  -8.690  1.00 80.74  ? 93  ARG A CB  1 
ATOM   724  C CG  . ARG A 1 95  ? 10.392  13.699  -8.884  1.00 83.06  ? 93  ARG A CG  1 
ATOM   725  C CD  . ARG A 1 95  ? 11.004  14.127  -7.561  1.00 97.30  ? 93  ARG A CD  1 
ATOM   726  N NE  . ARG A 1 95  ? 11.933  15.246  -7.725  1.00 104.69 ? 93  ARG A NE  1 
ATOM   727  C CZ  . ARG A 1 95  ? 12.690  15.740  -6.747  1.00 107.44 ? 93  ARG A CZ  1 
ATOM   728  N NH1 . ARG A 1 95  ? 13.503  16.760  -6.988  1.00 105.35 ? 93  ARG A NH1 1 
ATOM   729  N NH2 . ARG A 1 95  ? 12.634  15.216  -5.526  1.00 110.93 ? 93  ARG A NH2 1 
ATOM   730  N N   . LEU A 1 96  ? 8.667   9.461   -8.307  1.00 84.02  ? 94  LEU A N   1 
ATOM   731  C CA  . LEU A 1 96  ? 7.748   8.426   -7.849  1.00 84.99  ? 94  LEU A CA  1 
ATOM   732  C C   . LEU A 1 96  ? 8.434   7.525   -6.833  1.00 85.06  ? 94  LEU A C   1 
ATOM   733  O O   . LEU A 1 96  ? 7.928   7.316   -5.738  1.00 88.52  ? 94  LEU A O   1 
ATOM   734  C CB  . LEU A 1 96  ? 7.231   7.576   -8.999  1.00 83.92  ? 94  LEU A CB  1 
ATOM   735  C CG  . LEU A 1 96  ? 6.463   6.371   -8.462  1.00 84.85  ? 94  LEU A CG  1 
ATOM   736  C CD1 . LEU A 1 96  ? 5.005   6.725   -8.273  1.00 87.10  ? 94  LEU A CD1 1 
ATOM   737  C CD2 . LEU A 1 96  ? 6.602   5.187   -9.394  1.00 97.16  ? 94  LEU A CD2 1 
ATOM   738  N N   . LEU A 1 97  ? 9.589   6.985   -7.200  1.00 81.73  ? 95  LEU A N   1 
ATOM   739  C CA  . LEU A 1 97  ? 10.336  6.133   -6.287  1.00 79.14  ? 95  LEU A CA  1 
ATOM   740  C C   . LEU A 1 97  ? 10.545  6.824   -4.944  1.00 82.07  ? 95  LEU A C   1 
ATOM   741  O O   . LEU A 1 97  ? 10.476  6.198   -3.893  1.00 85.46  ? 95  LEU A O   1 
ATOM   742  C CB  . LEU A 1 97  ? 11.691  5.771   -6.883  1.00 77.33  ? 95  LEU A CB  1 
ATOM   743  C CG  . LEU A 1 97  ? 11.765  4.832   -8.092  1.00 76.60  ? 95  LEU A CG  1 
ATOM   744  C CD1 . LEU A 1 97  ? 13.232  4.510   -8.334  1.00 69.86  ? 95  LEU A CD1 1 
ATOM   745  C CD2 . LEU A 1 97  ? 10.927  3.529   -7.918  1.00 57.90  ? 95  LEU A CD2 1 
ATOM   746  N N   . GLU A 1 98  ? 10.811  8.120   -4.988  1.00 83.54  ? 96  GLU A N   1 
ATOM   747  C CA  . GLU A 1 98  ? 10.996  8.918   -3.785  1.00 82.96  ? 96  GLU A CA  1 
ATOM   748  C C   . GLU A 1 98  ? 9.740   8.857   -2.916  1.00 83.23  ? 96  GLU A C   1 
ATOM   749  O O   . GLU A 1 98  ? 9.823   8.868   -1.687  1.00 87.49  ? 96  GLU A O   1 
ATOM   750  C CB  . GLU A 1 98  ? 11.252  10.361  -4.194  1.00 80.61  ? 96  GLU A CB  1 
ATOM   751  C CG  . GLU A 1 98  ? 12.393  11.045  -3.510  1.00 94.37  ? 96  GLU A CG  1 
ATOM   752  C CD  . GLU A 1 98  ? 12.467  12.514  -3.906  1.00 120.38 ? 96  GLU A CD  1 
ATOM   753  O OE1 . GLU A 1 98  ? 13.356  13.228  -3.398  1.00 129.34 ? 96  GLU A OE1 1 
ATOM   754  O OE2 . GLU A 1 98  ? 11.624  12.955  -4.726  1.00 122.49 ? 96  GLU A OE2 1 
ATOM   755  N N   . TRP A 1 99  ? 8.574   8.806   -3.555  1.00 78.81  ? 97  TRP A N   1 
ATOM   756  C CA  . TRP A 1 99  ? 7.314   8.711   -2.822  1.00 79.38  ? 97  TRP A CA  1 
ATOM   757  C C   . TRP A 1 99  ? 7.160   7.333   -2.214  1.00 79.31  ? 97  TRP A C   1 
ATOM   758  O O   . TRP A 1 99  ? 6.829   7.201   -1.043  1.00 84.16  ? 97  TRP A O   1 
ATOM   759  C CB  . TRP A 1 99  ? 6.104   9.006   -3.716  1.00 76.99  ? 97  TRP A CB  1 
ATOM   760  C CG  . TRP A 1 99  ? 5.775   10.464  -3.847  1.00 82.88  ? 97  TRP A CG  1 
ATOM   761  C CD1 . TRP A 1 99  ? 5.862   11.218  -4.973  1.00 79.96  ? 97  TRP A CD1 1 
ATOM   762  C CD2 . TRP A 1 99  ? 5.301   11.342  -2.811  1.00 85.58  ? 97  TRP A CD2 1 
ATOM   763  N NE1 . TRP A 1 99  ? 5.472   12.512  -4.711  1.00 88.17  ? 97  TRP A NE1 1 
ATOM   764  C CE2 . TRP A 1 99  ? 5.124   12.613  -3.391  1.00 90.64  ? 97  TRP A CE2 1 
ATOM   765  C CE3 . TRP A 1 99  ? 5.009   11.175  -1.453  1.00 85.07  ? 97  TRP A CE3 1 
ATOM   766  C CZ2 . TRP A 1 99  ? 4.670   13.717  -2.659  1.00 88.11  ? 97  TRP A CZ2 1 
ATOM   767  C CZ3 . TRP A 1 99  ? 4.556   12.270  -0.728  1.00 83.26  ? 97  TRP A CZ3 1 
ATOM   768  C CH2 . TRP A 1 99  ? 4.394   13.525  -1.334  1.00 77.39  ? 97  TRP A CH2 1 
ATOM   769  N N   . LEU A 1 100 ? 7.396   6.305   -3.015  1.00 80.07  ? 98  LEU A N   1 
ATOM   770  C CA  . LEU A 1 100 ? 7.296   4.933   -2.530  1.00 80.81  ? 98  LEU A CA  1 
ATOM   771  C C   . LEU A 1 100 ? 8.204   4.693   -1.322  1.00 82.71  ? 98  LEU A C   1 
ATOM   772  O O   . LEU A 1 100 ? 7.817   4.013   -0.367  1.00 83.19  ? 98  LEU A O   1 
ATOM   773  C CB  . LEU A 1 100 ? 7.660   3.952   -3.635  1.00 78.83  ? 98  LEU A CB  1 
ATOM   774  C CG  . LEU A 1 100 ? 6.623   3.784   -4.734  1.00 81.73  ? 98  LEU A CG  1 
ATOM   775  C CD1 . LEU A 1 100 ? 7.096   2.721   -5.721  1.00 72.05  ? 98  LEU A CD1 1 
ATOM   776  C CD2 . LEU A 1 100 ? 5.280   3.417   -4.126  1.00 70.40  ? 98  LEU A CD2 1 
ATOM   777  N N   . ALA A 1 101 ? 9.415   5.238   -1.367  1.00 80.57  ? 99  ALA A N   1 
ATOM   778  C CA  . ALA A 1 101 ? 10.346  5.073   -0.259  1.00 83.44  ? 99  ALA A CA  1 
ATOM   779  C C   . ALA A 1 101 ? 9.784   5.804   0.953   1.00 87.91  ? 99  ALA A C   1 
ATOM   780  O O   . ALA A 1 101 ? 9.711   5.259   2.059   1.00 89.68  ? 99  ALA A O   1 
ATOM   781  C CB  . ALA A 1 101 ? 11.724  5.614   -0.624  1.00 77.24  ? 99  ALA A CB  1 
ATOM   782  N N   . PHE A 1 102 ? 9.368   7.043   0.724   1.00 89.14  ? 100 PHE A N   1 
ATOM   783  C CA  . PHE A 1 102 ? 8.866   7.886   1.789   1.00 85.91  ? 100 PHE A CA  1 
ATOM   784  C C   . PHE A 1 102 ? 7.668   7.262   2.477   1.00 84.01  ? 100 PHE A C   1 
ATOM   785  O O   . PHE A 1 102 ? 7.599   7.206   3.693   1.00 88.46  ? 100 PHE A O   1 
ATOM   786  C CB  . PHE A 1 102 ? 8.476   9.233   1.229   1.00 86.10  ? 100 PHE A CB  1 
ATOM   787  C CG  . PHE A 1 102 ? 7.754   10.081  2.202   1.00 93.20  ? 100 PHE A CG  1 
ATOM   788  C CD1 . PHE A 1 102 ? 8.443   10.957  3.016   1.00 98.74  ? 100 PHE A CD1 1 
ATOM   789  C CD2 . PHE A 1 102 ? 6.385   10.000  2.318   1.00 96.20  ? 100 PHE A CD2 1 
ATOM   790  C CE1 . PHE A 1 102 ? 7.773   11.746  3.915   1.00 95.53  ? 100 PHE A CE1 1 
ATOM   791  C CE2 . PHE A 1 102 ? 5.710   10.791  3.218   1.00 96.91  ? 100 PHE A CE2 1 
ATOM   792  C CZ  . PHE A 1 102 ? 6.405   11.663  4.016   1.00 88.95  ? 100 PHE A CZ  1 
ATOM   793  N N   . ILE A 1 103 ? 6.722   6.784   1.689   1.00 84.49  ? 101 ILE A N   1 
ATOM   794  C CA  . ILE A 1 103 ? 5.551   6.126   2.245   1.00 83.97  ? 101 ILE A CA  1 
ATOM   795  C C   . ILE A 1 103 ? 5.959   4.894   3.037   1.00 86.32  ? 101 ILE A C   1 
ATOM   796  O O   . ILE A 1 103 ? 5.380   4.602   4.070   1.00 92.18  ? 101 ILE A O   1 
ATOM   797  C CB  . ILE A 1 103 ? 4.559   5.709   1.142   1.00 82.75  ? 101 ILE A CB  1 
ATOM   798  C CG1 . ILE A 1 103 ? 4.054   6.939   0.379   1.00 81.72  ? 101 ILE A CG1 1 
ATOM   799  C CG2 . ILE A 1 103 ? 3.406   4.930   1.729   1.00 73.09  ? 101 ILE A CG2 1 
ATOM   800  C CD1 . ILE A 1 103 ? 3.208   6.603   -0.849  1.00 82.17  ? 101 ILE A CD1 1 
ATOM   801  N N   . SER A 1 104 ? 6.958   4.171   2.548   1.00 90.11  ? 102 SER A N   1 
ATOM   802  C CA  . SER A 1 104 ? 7.373   2.916   3.176   1.00 91.73  ? 102 SER A CA  1 
ATOM   803  C C   . SER A 1 104 ? 7.995   3.087   4.548   1.00 91.75  ? 102 SER A C   1 
ATOM   804  O O   . SER A 1 104 ? 7.615   2.418   5.502   1.00 91.32  ? 102 SER A O   1 
ATOM   805  C CB  . SER A 1 104 ? 8.359   2.175   2.288   1.00 87.03  ? 102 SER A CB  1 
ATOM   806  O OG  . SER A 1 104 ? 7.662   1.225   1.511   1.00 111.40 ? 102 SER A OG  1 
ATOM   807  N N   . THR A 1 105 ? 9.070   3.846   4.606   1.00 93.64  ? 103 THR A N   1 
ATOM   808  C CA  . THR A 1 105 ? 9.699   4.081   5.877   1.00 96.00  ? 103 THR A CA  1 
ATOM   809  C C   . THR A 1 105 ? 8.950   5.032   6.769   1.00 96.57  ? 103 THR A C   1 
ATOM   810  O O   . THR A 1 105 ? 8.698   4.749   7.916   1.00 101.43 ? 103 THR A O   1 
ATOM   811  C CB  . THR A 1 105 ? 11.029  4.735   5.672   1.00 94.62  ? 103 THR A CB  1 
ATOM   812  O OG1 . THR A 1 105 ? 10.830  6.144   5.636   1.00 93.06  ? 103 THR A OG1 1 
ATOM   813  C CG2 . THR A 1 105 ? 11.616  4.307   4.384   1.00 93.30  ? 103 THR A CG2 1 
ATOM   814  N N   . GLU A 1 106 ? 8.608   6.183   6.223   1.00 95.03  ? 104 GLU A N   1 
ATOM   815  C CA  . GLU A 1 106 ? 7.989   7.236   7.004   1.00 93.78  ? 104 GLU A CA  1 
ATOM   816  C C   . GLU A 1 106 ? 6.576   7.041   7.488   1.00 94.38  ? 104 GLU A C   1 
ATOM   817  O O   . GLU A 1 106 ? 6.242   7.427   8.585   1.00 100.28 ? 104 GLU A O   1 
ATOM   818  C CB  . GLU A 1 106 ? 8.128   8.565   6.300   1.00 94.16  ? 104 GLU A CB  1 
ATOM   819  C CG  . GLU A 1 106 ? 9.553   8.894   5.999   1.00 107.33 ? 104 GLU A CG  1 
ATOM   820  C CD  . GLU A 1 106 ? 10.440  8.715   7.192   1.00 117.55 ? 104 GLU A CD  1 
ATOM   821  O OE1 . GLU A 1 106 ? 10.330  9.509   8.138   1.00 124.86 ? 104 GLU A OE1 1 
ATOM   822  O OE2 . GLU A 1 106 ? 11.260  7.785   7.188   1.00 121.76 ? 104 GLU A OE2 1 
ATOM   823  N N   . ILE A 1 107 ? 5.723   6.494   6.653   1.00 90.15  ? 105 ILE A N   1 
ATOM   824  C CA  . ILE A 1 107 ? 4.348   6.359   7.050   1.00 85.55  ? 105 ILE A CA  1 
ATOM   825  C C   . ILE A 1 107 ? 3.930   4.961   7.389   1.00 88.56  ? 105 ILE A C   1 
ATOM   826  O O   . ILE A 1 107 ? 3.321   4.723   8.401   1.00 92.10  ? 105 ILE A O   1 
ATOM   827  C CB  . ILE A 1 107 ? 3.463   6.864   5.963   1.00 84.28  ? 105 ILE A CB  1 
ATOM   828  C CG1 . ILE A 1 107 ? 3.739   8.339   5.757   1.00 78.50  ? 105 ILE A CG1 1 
ATOM   829  C CG2 . ILE A 1 107 ? 2.040   6.648   6.329   1.00 79.37  ? 105 ILE A CG2 1 
ATOM   830  C CD1 . ILE A 1 107 ? 2.712   9.012   4.973   1.00 76.40  ? 105 ILE A CD1 1 
ATOM   831  N N   . HIS A 1 108 ? 4.268   4.027   6.532   1.00 87.82  ? 106 HIS A N   1 
ATOM   832  C CA  . HIS A 1 108 ? 3.850   2.670   6.742   1.00 92.72  ? 106 HIS A CA  1 
ATOM   833  C C   . HIS A 1 108 ? 4.453   2.166   8.016   1.00 94.95  ? 106 HIS A C   1 
ATOM   834  O O   . HIS A 1 108 ? 3.820   1.479   8.783   1.00 97.80  ? 106 HIS A O   1 
ATOM   835  C CB  . HIS A 1 108 ? 4.310   1.828   5.572   1.00 92.99  ? 106 HIS A CB  1 
ATOM   836  C CG  . HIS A 1 108 ? 3.911   0.397   5.659   1.00 91.61  ? 106 HIS A CG  1 
ATOM   837  N ND1 . HIS A 1 108 ? 4.682   -0.614  5.141   1.00 105.22 ? 106 HIS A ND1 1 
ATOM   838  C CD2 . HIS A 1 108 ? 2.825   -0.196  6.195   1.00 102.22 ? 106 HIS A CD2 1 
ATOM   839  C CE1 . HIS A 1 108 ? 4.088   -1.770  5.353   1.00 106.70 ? 106 HIS A CE1 1 
ATOM   840  N NE2 . HIS A 1 108 ? 2.960   -1.543  5.992   1.00 109.07 ? 106 HIS A NE2 1 
ATOM   841  N N   . LYS A 1 109 ? 5.700   2.516   8.242   1.00 98.25  ? 107 LYS A N   1 
ATOM   842  C CA  . LYS A 1 109 ? 6.411   2.066   9.444   1.00 101.42 ? 107 LYS A CA  1 
ATOM   843  C C   . LYS A 1 109 ? 5.897   2.726   10.713  1.00 100.41 ? 107 LYS A C   1 
ATOM   844  O O   . LYS A 1 109 ? 5.774   2.082   11.757  1.00 99.75  ? 107 LYS A O   1 
ATOM   845  C CB  . LYS A 1 109 ? 7.921   2.296   9.314   1.00 103.26 ? 107 LYS A CB  1 
ATOM   846  C CG  . LYS A 1 109 ? 8.693   1.046   8.921   1.00 111.59 ? 107 LYS A CG  1 
ATOM   847  C CD  . LYS A 1 109 ? 7.977   0.283   7.797   1.00 123.33 ? 107 LYS A CD  1 
ATOM   848  C CE  . LYS A 1 109 ? 7.020   -0.781  8.328   1.00 120.13 ? 107 LYS A CE  1 
ATOM   849  N NZ  . LYS A 1 109 ? 7.721   -2.066  8.666   1.00 114.69 ? 107 LYS A NZ  1 
ATOM   850  N N   . THR A 1 110 ? 5.603   4.014   10.619  1.00 99.42  ? 108 THR A N   1 
ATOM   851  C CA  . THR A 1 110 ? 5.084   4.765   11.750  1.00 99.16  ? 108 THR A CA  1 
ATOM   852  C C   . THR A 1 110 ? 3.914   4.099   12.476  1.00 100.46 ? 108 THR A C   1 
ATOM   853  O O   . THR A 1 110 ? 3.669   4.377   13.642  1.00 105.17 ? 108 THR A O   1 
ATOM   854  C CB  . THR A 1 110 ? 4.660   6.146   11.299  1.00 100.33 ? 108 THR A CB  1 
ATOM   855  O OG1 . THR A 1 110 ? 5.807   6.824   10.769  1.00 100.44 ? 108 THR A OG1 1 
ATOM   856  C CG2 . THR A 1 110 ? 4.069   6.930   12.469  1.00 106.02 ? 108 THR A CG2 1 
ATOM   857  N N   . PHE A 1 111 ? 3.186   3.228   11.792  1.00 102.26 ? 109 PHE A N   1 
ATOM   858  C CA  . PHE A 1 111 ? 2.055   2.555   12.408  1.00 103.68 ? 109 PHE A CA  1 
ATOM   859  C C   . PHE A 1 111 ? 2.512   1.333   13.173  1.00 108.71 ? 109 PHE A C   1 
ATOM   860  O O   . PHE A 1 111 ? 1.695   0.493   13.554  1.00 115.95 ? 109 PHE A O   1 
ATOM   861  C CB  . PHE A 1 111 ? 1.038   2.138   11.351  1.00 102.22 ? 109 PHE A CB  1 
ATOM   862  C CG  . PHE A 1 111 ? 0.246   3.281   10.801  1.00 106.27 ? 109 PHE A CG  1 
ATOM   863  C CD1 . PHE A 1 111 ? -1.083  3.450   11.148  1.00 110.50 ? 109 PHE A CD1 1 
ATOM   864  C CD2 . PHE A 1 111 ? 0.833   4.198   9.947   1.00 110.37 ? 109 PHE A CD2 1 
ATOM   865  C CE1 . PHE A 1 111 ? -1.816  4.509   10.649  1.00 106.29 ? 109 PHE A CE1 1 
ATOM   866  C CE2 . PHE A 1 111 ? 0.105   5.260   9.441   1.00 106.77 ? 109 PHE A CE2 1 
ATOM   867  C CZ  . PHE A 1 111 ? -1.220  5.414   9.793   1.00 101.88 ? 109 PHE A CZ  1 
ATOM   868  N N   . GLY A 1 112 ? 3.820   1.232   13.391  1.00 110.20 ? 110 GLY A N   1 
ATOM   869  C CA  . GLY A 1 112 ? 4.398   0.056   14.046  1.00 110.11 ? 110 GLY A CA  1 
ATOM   870  C C   . GLY A 1 112 ? 3.743   -0.254  15.380  1.00 108.67 ? 110 GLY A C   1 
ATOM   871  O O   . GLY A 1 112 ? 3.104   -1.301  15.534  1.00 106.40 ? 110 GLY A O   1 
ATOM   872  N N   . PRO A 1 113 ? 3.916   0.658   16.353  1.00 106.98 ? 111 PRO A N   1 
ATOM   873  C CA  . PRO A 1 113 ? 3.306   0.630   17.675  1.00 109.19 ? 111 PRO A CA  1 
ATOM   874  C C   . PRO A 1 113 ? 1.833   0.212   17.656  1.00 112.31 ? 111 PRO A C   1 
ATOM   875  O O   . PRO A 1 113 ? 1.476   -0.806  18.247  1.00 116.21 ? 111 PRO A O   1 
ATOM   876  C CB  . PRO A 1 113 ? 3.430   2.082   18.134  1.00 110.55 ? 111 PRO A CB  1 
ATOM   877  C CG  . PRO A 1 113 ? 4.685   2.561   17.486  1.00 105.05 ? 111 PRO A CG  1 
ATOM   878  C CD  . PRO A 1 113 ? 4.859   1.784   16.208  1.00 103.31 ? 111 PRO A CD  1 
ATOM   879  N N   . PHE A 1 114 ? 0.988   0.989   16.984  1.00 111.34 ? 112 PHE A N   1 
ATOM   880  C CA  . PHE A 1 114 ? -0.453  0.730   16.990  1.00 108.29 ? 112 PHE A CA  1 
ATOM   881  C C   . PHE A 1 114 ? -0.822  -0.698  16.597  1.00 110.30 ? 112 PHE A C   1 
ATOM   882  O O   . PHE A 1 114 ? -1.887  -1.189  16.961  1.00 112.41 ? 112 PHE A O   1 
ATOM   883  C CB  . PHE A 1 114 ? -1.181  1.727   16.094  1.00 105.08 ? 112 PHE A CB  1 
ATOM   884  C CG  . PHE A 1 114 ? -0.800  3.151   16.354  1.00 100.31 ? 112 PHE A CG  1 
ATOM   885  C CD1 . PHE A 1 114 ? 0.164   3.776   15.580  1.00 110.65 ? 112 PHE A CD1 1 
ATOM   886  C CD2 . PHE A 1 114 ? -1.395  3.862   17.376  1.00 97.81  ? 112 PHE A CD2 1 
ATOM   887  C CE1 . PHE A 1 114 ? 0.524   5.096   15.813  1.00 119.01 ? 112 PHE A CE1 1 
ATOM   888  C CE2 . PHE A 1 114 ? -1.040  5.181   17.622  1.00 111.86 ? 112 PHE A CE2 1 
ATOM   889  C CZ  . PHE A 1 114 ? -0.078  5.801   16.835  1.00 118.46 ? 112 PHE A CZ  1 
ATOM   890  N N   . TRP A 1 115 ? 0.054   -1.372  15.864  1.00 112.96 ? 113 TRP A N   1 
ATOM   891  C CA  . TRP A 1 115 ? -0.220  -2.753  15.477  1.00 116.88 ? 113 TRP A CA  1 
ATOM   892  C C   . TRP A 1 115 ? 0.395   -3.772  16.431  1.00 118.59 ? 113 TRP A C   1 
ATOM   893  O O   . TRP A 1 115 ? 0.267   -4.977  16.225  1.00 115.87 ? 113 TRP A O   1 
ATOM   894  C CB  . TRP A 1 115 ? 0.246   -3.018  14.044  1.00 117.67 ? 113 TRP A CB  1 
ATOM   895  C CG  . TRP A 1 115 ? -0.656  -2.410  13.034  1.00 121.27 ? 113 TRP A CG  1 
ATOM   896  C CD1 . TRP A 1 115 ? -0.344  -1.436  12.138  1.00 116.56 ? 113 TRP A CD1 1 
ATOM   897  C CD2 . TRP A 1 115 ? -2.040  -2.719  12.831  1.00 128.86 ? 113 TRP A CD2 1 
ATOM   898  N NE1 . TRP A 1 115 ? -1.444  -1.125  11.378  1.00 119.44 ? 113 TRP A NE1 1 
ATOM   899  C CE2 . TRP A 1 115 ? -2.499  -1.897  11.783  1.00 126.91 ? 113 TRP A CE2 1 
ATOM   900  C CE3 . TRP A 1 115 ? -2.933  -3.615  13.429  1.00 134.17 ? 113 TRP A CE3 1 
ATOM   901  C CZ2 . TRP A 1 115 ? -3.814  -1.944  11.316  1.00 132.02 ? 113 TRP A CZ2 1 
ATOM   902  C CZ3 . TRP A 1 115 ? -4.241  -3.660  12.967  1.00 136.59 ? 113 TRP A CZ3 1 
ATOM   903  C CH2 . TRP A 1 115 ? -4.668  -2.828  11.920  1.00 137.12 ? 113 TRP A CH2 1 
ATOM   904  N N   . ASN A 1 116 ? 1.055   -3.286  17.476  1.00 125.11 ? 114 ASN A N   1 
ATOM   905  C CA  . ASN A 1 116 ? 1.741   -4.171  18.421  1.00 132.59 ? 114 ASN A CA  1 
ATOM   906  C C   . ASN A 1 116 ? 1.014   -4.338  19.764  1.00 135.96 ? 114 ASN A C   1 
ATOM   907  O O   . ASN A 1 116 ? 0.880   -3.378  20.536  1.00 135.39 ? 114 ASN A O   1 
ATOM   908  C CB  . ASN A 1 116 ? 3.186   -3.707  18.647  1.00 132.32 ? 114 ASN A CB  1 
ATOM   909  C CG  . ASN A 1 116 ? 4.039   -4.768  19.320  1.00 135.95 ? 114 ASN A CG  1 
ATOM   910  O OD1 . ASN A 1 116 ? 5.050   -4.459  19.954  1.00 141.68 ? 114 ASN A OD1 1 
ATOM   911  N ND2 . ASN A 1 116 ? 3.631   -6.029  19.188  1.00 133.66 ? 114 ASN A ND2 1 
ATOM   912  N N   . PRO A 1 117 ? 0.554   -5.570  20.047  1.00 137.66 ? 115 PRO A N   1 
ATOM   913  C CA  . PRO A 1 117 ? -0.156  -5.884  21.285  1.00 137.54 ? 115 PRO A CA  1 
ATOM   914  C C   . PRO A 1 117 ? 0.598   -5.397  22.516  1.00 137.86 ? 115 PRO A C   1 
ATOM   915  O O   . PRO A 1 117 ? -0.018  -5.073  23.529  1.00 139.37 ? 115 PRO A O   1 
ATOM   916  C CB  . PRO A 1 117 ? -0.214  -7.421  21.287  1.00 137.49 ? 115 PRO A CB  1 
ATOM   917  C CG  . PRO A 1 117 ? 0.735   -7.872  20.209  1.00 138.56 ? 115 PRO A CG  1 
ATOM   918  C CD  . PRO A 1 117 ? 0.750   -6.765  19.208  1.00 136.76 ? 115 PRO A CD  1 
ATOM   919  N N   . GLU A 1 118 ? 1.921   -5.332  22.418  1.00 137.58 ? 116 GLU A N   1 
ATOM   920  C CA  . GLU A 1 118 ? 2.760   -5.082  23.583  1.00 137.46 ? 116 GLU A CA  1 
ATOM   921  C C   . GLU A 1 118 ? 3.561   -3.785  23.530  1.00 133.82 ? 116 GLU A C   1 
ATOM   922  O O   . GLU A 1 118 ? 4.717   -3.749  23.945  1.00 132.85 ? 116 GLU A O   1 
ATOM   923  C CB  . GLU A 1 118 ? 3.712   -6.257  23.787  1.00 138.93 ? 116 GLU A CB  1 
ATOM   924  C CG  . GLU A 1 118 ? 4.678   -6.062  24.937  1.00 156.21 ? 116 GLU A CG  1 
ATOM   925  C CD  . GLU A 1 118 ? 5.133   -7.377  25.542  1.00 171.72 ? 116 GLU A CD  1 
ATOM   926  O OE1 . GLU A 1 118 ? 4.917   -8.432  24.904  1.00 176.79 ? 116 GLU A OE1 1 
ATOM   927  O OE2 . GLU A 1 118 ? 5.702   -7.357  26.657  1.00 178.16 ? 116 GLU A OE2 1 
ATOM   928  N N   . SER A 1 119 ? 2.948   -2.716  23.042  1.00 131.13 ? 117 SER A N   1 
ATOM   929  C CA  . SER A 1 119 ? 3.673   -1.465  22.883  1.00 130.71 ? 117 SER A CA  1 
ATOM   930  C C   . SER A 1 119 ? 3.321   -0.477  23.981  1.00 129.07 ? 117 SER A C   1 
ATOM   931  O O   . SER A 1 119 ? 2.146   -0.268  24.262  1.00 129.31 ? 117 SER A O   1 
ATOM   932  C CB  . SER A 1 119 ? 3.378   -0.851  21.512  1.00 131.41 ? 117 SER A CB  1 
ATOM   933  O OG  . SER A 1 119 ? 3.627   -1.785  20.477  1.00 128.70 ? 117 SER A OG  1 
ATOM   934  N N   . PRO A 1 120 ? 4.342   0.128   24.615  1.00 129.03 ? 118 PRO A N   1 
ATOM   935  C CA  . PRO A 1 120 ? 4.093   1.223   25.544  1.00 128.84 ? 118 PRO A CA  1 
ATOM   936  C C   . PRO A 1 120 ? 3.088   2.201   24.953  1.00 130.31 ? 118 PRO A C   1 
ATOM   937  O O   . PRO A 1 120 ? 2.642   2.025   23.821  1.00 131.73 ? 118 PRO A O   1 
ATOM   938  C CB  . PRO A 1 120 ? 5.463   1.913   25.674  1.00 126.06 ? 118 PRO A CB  1 
ATOM   939  C CG  . PRO A 1 120 ? 6.466   0.995   25.025  1.00 129.66 ? 118 PRO A CG  1 
ATOM   940  C CD  . PRO A 1 120 ? 5.758   -0.267  24.602  1.00 128.87 ? 118 PRO A CD  1 
ATOM   941  N N   . GLU A 1 121 ? 2.737   3.222   25.723  1.00 133.65 ? 119 GLU A N   1 
ATOM   942  C CA  . GLU A 1 121 ? 1.822   4.240   25.248  1.00 135.83 ? 119 GLU A CA  1 
ATOM   943  C C   . GLU A 1 121 ? 2.630   5.477   24.933  1.00 134.62 ? 119 GLU A C   1 
ATOM   944  O O   . GLU A 1 121 ? 2.202   6.334   24.167  1.00 135.09 ? 119 GLU A O   1 
ATOM   945  C CB  . GLU A 1 121 ? 0.764   4.549   26.305  1.00 138.51 ? 119 GLU A CB  1 
ATOM   946  C CG  . GLU A 1 121 ? -0.001  3.321   26.786  1.00 152.94 ? 119 GLU A CG  1 
ATOM   947  C CD  . GLU A 1 121 ? -0.506  2.457   25.638  1.00 166.16 ? 119 GLU A CD  1 
ATOM   948  O OE1 . GLU A 1 121 ? -1.409  1.621   25.867  1.00 168.89 ? 119 GLU A OE1 1 
ATOM   949  O OE2 . GLU A 1 121 ? 0.004   2.616   24.505  1.00 172.30 ? 119 GLU A OE2 1 
ATOM   950  N N   . ALA A 1 122 ? 3.811   5.560   25.536  1.00 135.19 ? 120 ALA A N   1 
ATOM   951  C CA  . ALA A 1 122 ? 4.734   6.643   25.243  1.00 136.92 ? 120 ALA A CA  1 
ATOM   952  C C   . ALA A 1 122 ? 5.194   6.539   23.790  1.00 139.49 ? 120 ALA A C   1 
ATOM   953  O O   . ALA A 1 122 ? 5.532   7.547   23.162  1.00 141.00 ? 120 ALA A O   1 
ATOM   954  C CB  . ALA A 1 122 ? 5.922   6.599   26.186  1.00 134.01 ? 120 ALA A CB  1 
ATOM   955  N N   . SER A 1 123 ? 5.199   5.315   23.261  1.00 138.21 ? 121 SER A N   1 
ATOM   956  C CA  . SER A 1 123 ? 5.614   5.080   21.877  1.00 134.37 ? 121 SER A CA  1 
ATOM   957  C C   . SER A 1 123 ? 4.508   5.474   20.889  1.00 130.61 ? 121 SER A C   1 
ATOM   958  O O   . SER A 1 123 ? 4.742   6.277   19.981  1.00 129.46 ? 121 SER A O   1 
ATOM   959  C CB  . SER A 1 123 ? 6.075   3.627   21.667  1.00 135.43 ? 121 SER A CB  1 
ATOM   960  O OG  . SER A 1 123 ? 5.006   2.703   21.791  1.00 140.18 ? 121 SER A OG  1 
ATOM   961  N N   . LYS A 1 124 ? 3.308   4.926   21.076  1.00 123.77 ? 122 LYS A N   1 
ATOM   962  C CA  . LYS A 1 124 ? 2.163   5.308   20.254  1.00 116.47 ? 122 LYS A CA  1 
ATOM   963  C C   . LYS A 1 124 ? 1.961   6.819   20.279  1.00 116.13 ? 122 LYS A C   1 
ATOM   964  O O   . LYS A 1 124 ? 1.509   7.414   19.304  1.00 117.14 ? 122 LYS A O   1 
ATOM   965  C CB  . LYS A 1 124 ? 0.898   4.593   20.718  1.00 112.19 ? 122 LYS A CB  1 
ATOM   966  C CG  . LYS A 1 124 ? 1.042   3.093   20.755  1.00 109.02 ? 122 LYS A CG  1 
ATOM   967  C CD  . LYS A 1 124 ? -0.294  2.393   20.925  1.00 101.08 ? 122 LYS A CD  1 
ATOM   968  C CE  . LYS A 1 124 ? -0.060  0.942   21.319  1.00 110.08 ? 122 LYS A CE  1 
ATOM   969  N NZ  . LYS A 1 124 ? -1.244  0.079   21.084  1.00 109.73 ? 122 LYS A NZ  1 
ATOM   970  N N   . GLN A 1 125 ? 2.299   7.441   21.401  1.00 117.07 ? 123 GLN A N   1 
ATOM   971  C CA  . GLN A 1 125 ? 2.271   8.893   21.488  1.00 121.30 ? 123 GLN A CA  1 
ATOM   972  C C   . GLN A 1 125 ? 3.239   9.466   20.470  1.00 116.91 ? 123 GLN A C   1 
ATOM   973  O O   . GLN A 1 125 ? 2.880   10.329  19.679  1.00 116.91 ? 123 GLN A O   1 
ATOM   974  C CB  . GLN A 1 125 ? 2.671   9.368   22.890  1.00 127.96 ? 123 GLN A CB  1 
ATOM   975  C CG  . GLN A 1 125 ? 1.569   9.288   23.941  1.00 138.39 ? 123 GLN A CG  1 
ATOM   976  C CD  . GLN A 1 125 ? 0.593   10.444  23.846  1.00 150.39 ? 123 GLN A CD  1 
ATOM   977  O OE1 . GLN A 1 125 ? 0.086   10.757  22.766  1.00 146.53 ? 123 GLN A OE1 1 
ATOM   978  N NE2 . GLN A 1 125 ? 0.323   11.085  24.981  1.00 157.74 ? 123 GLN A NE2 1 
ATOM   979  N N   . ILE A 1 126 ? 4.473   8.978   20.498  1.00 115.15 ? 124 ILE A N   1 
ATOM   980  C CA  . ILE A 1 126 ? 5.507   9.495   19.612  1.00 114.02 ? 124 ILE A CA  1 
ATOM   981  C C   . ILE A 1 126 ? 5.178   9.152   18.161  1.00 109.47 ? 124 ILE A C   1 
ATOM   982  O O   . ILE A 1 126 ? 5.368   9.975   17.265  1.00 110.50 ? 124 ILE A O   1 
ATOM   983  C CB  . ILE A 1 126 ? 6.917   8.962   19.977  1.00 115.74 ? 124 ILE A CB  1 
ATOM   984  C CG1 . ILE A 1 126 ? 7.044   8.739   21.488  1.00 118.55 ? 124 ILE A CG1 1 
ATOM   985  C CG2 . ILE A 1 126 ? 7.996   9.926   19.486  1.00 115.46 ? 124 ILE A CG2 1 
ATOM   986  C CD1 . ILE A 1 126 ? 8.439   8.317   21.937  1.00 114.22 ? 124 ILE A CD1 1 
ATOM   987  N N   . ALA A 1 127 ? 4.680   7.940   17.934  1.00 100.96 ? 125 ALA A N   1 
ATOM   988  C CA  . ALA A 1 127 ? 4.263   7.539   16.600  1.00 97.25  ? 125 ALA A CA  1 
ATOM   989  C C   . ALA A 1 127 ? 3.343   8.603   16.006  1.00 102.39 ? 125 ALA A C   1 
ATOM   990  O O   . ALA A 1 127 ? 3.667   9.221   14.980  1.00 103.43 ? 125 ALA A O   1 
ATOM   991  C CB  . ALA A 1 127 ? 3.570   6.191   16.643  1.00 95.59  ? 125 ALA A CB  1 
ATOM   992  N N   . LEU A 1 128 ? 2.197   8.817   16.656  1.00 100.34 ? 126 LEU A N   1 
ATOM   993  C CA  . LEU A 1 128 ? 1.285   9.879   16.252  1.00 96.64  ? 126 LEU A CA  1 
ATOM   994  C C   . LEU A 1 128 ? 2.044   11.187  16.111  1.00 93.38  ? 126 LEU A C   1 
ATOM   995  O O   . LEU A 1 128 ? 1.808   11.965  15.192  1.00 93.57  ? 126 LEU A O   1 
ATOM   996  C CB  . LEU A 1 128 ? 0.158   10.046  17.267  1.00 98.91  ? 126 LEU A CB  1 
ATOM   997  C CG  . LEU A 1 128 ? -0.814  8.870   17.372  1.00 112.70 ? 126 LEU A CG  1 
ATOM   998  C CD1 . LEU A 1 128 ? -1.819  9.070   18.508  1.00 110.95 ? 126 LEU A CD1 1 
ATOM   999  C CD2 . LEU A 1 128 ? -1.532  8.666   16.047  1.00 119.97 ? 126 LEU A CD2 1 
ATOM   1000 N N   . GLY A 1 129 ? 2.964   11.437  17.027  1.00 92.39  ? 127 GLY A N   1 
ATOM   1001 C CA  . GLY A 1 129 ? 3.732   12.670  16.960  1.00 98.65  ? 127 GLY A CA  1 
ATOM   1002 C C   . GLY A 1 129 ? 4.362   12.794  15.590  1.00 101.20 ? 127 GLY A C   1 
ATOM   1003 O O   . GLY A 1 129 ? 4.147   13.777  14.873  1.00 101.41 ? 127 GLY A O   1 
ATOM   1004 N N   . LEU A 1 130 ? 5.140   11.776  15.233  1.00 101.42 ? 128 LEU A N   1 
ATOM   1005 C CA  . LEU A 1 130 ? 5.850   11.746  13.971  1.00 101.84 ? 128 LEU A CA  1 
ATOM   1006 C C   . LEU A 1 130 ? 4.847   11.686  12.830  1.00 102.14 ? 128 LEU A C   1 
ATOM   1007 O O   . LEU A 1 130 ? 4.782   12.583  11.977  1.00 100.76 ? 128 LEU A O   1 
ATOM   1008 C CB  . LEU A 1 130 ? 6.764   10.525  13.918  1.00 101.70 ? 128 LEU A CB  1 
ATOM   1009 C CG  . LEU A 1 130 ? 7.473   10.351  12.572  1.00 115.49 ? 128 LEU A CG  1 
ATOM   1010 C CD1 . LEU A 1 130 ? 8.621   11.357  12.398  1.00 117.51 ? 128 LEU A CD1 1 
ATOM   1011 C CD2 . LEU A 1 130 ? 7.959   8.926   12.393  1.00 110.58 ? 128 LEU A CD2 1 
ATOM   1012 N N   . LEU A 1 131 ? 4.059   10.618  12.822  1.00 98.58  ? 129 LEU A N   1 
ATOM   1013 C CA  . LEU A 1 131 ? 3.029   10.459  11.818  1.00 95.67  ? 129 LEU A CA  1 
ATOM   1014 C C   . LEU A 1 131 ? 2.397   11.810  11.458  1.00 97.03  ? 129 LEU A C   1 
ATOM   1015 O O   . LEU A 1 131 ? 2.203   12.124  10.290  1.00 102.52 ? 129 LEU A O   1 
ATOM   1016 C CB  . LEU A 1 131 ? 1.981   9.475   12.313  1.00 94.18  ? 129 LEU A CB  1 
ATOM   1017 C CG  . LEU A 1 131 ? 1.041   8.949   11.241  1.00 95.88  ? 129 LEU A CG  1 
ATOM   1018 C CD1 . LEU A 1 131 ? 0.123   7.902   11.835  1.00 92.39  ? 129 LEU A CD1 1 
ATOM   1019 C CD2 . LEU A 1 131 ? 0.251   10.108  10.679  1.00 92.18  ? 129 LEU A CD2 1 
ATOM   1020 N N   . SER A 1 132 ? 2.098   12.624  12.457  1.00 95.69  ? 130 SER A N   1 
ATOM   1021 C CA  . SER A 1 132 ? 1.493   13.920  12.190  1.00 99.10  ? 130 SER A CA  1 
ATOM   1022 C C   . SER A 1 132 ? 2.401   14.819  11.387  1.00 98.06  ? 130 SER A C   1 
ATOM   1023 O O   . SER A 1 132 ? 1.961   15.461  10.439  1.00 101.20 ? 130 SER A O   1 
ATOM   1024 C CB  . SER A 1 132 ? 1.126   14.631  13.488  1.00 100.92 ? 130 SER A CB  1 
ATOM   1025 O OG  . SER A 1 132 ? 0.038   13.980  14.109  1.00 111.21 ? 130 SER A OG  1 
ATOM   1026 N N   . ARG A 1 133 ? 3.666   14.898  11.775  1.00 98.88  ? 131 ARG A N   1 
ATOM   1027 C CA  A ARG A 1 133 ? 4.605   15.774  11.087  0.50 98.89  ? 131 ARG A CA  1 
ATOM   1028 C CA  B ARG A 1 133 ? 4.592   15.783  11.083  0.50 99.34  ? 131 ARG A CA  1 
ATOM   1029 C C   . ARG A 1 133 ? 4.732   15.360  9.622   1.00 99.05  ? 131 ARG A C   1 
ATOM   1030 O O   . ARG A 1 133 ? 4.902   16.204  8.745   1.00 96.06  ? 131 ARG A O   1 
ATOM   1031 C CB  A ARG A 1 133 ? 5.975   15.769  11.774  0.50 99.57  ? 131 ARG A CB  1 
ATOM   1032 C CB  B ARG A 1 133 ? 5.956   15.817  11.779  0.50 100.30 ? 131 ARG A CB  1 
ATOM   1033 C CG  A ARG A 1 133 ? 5.941   16.103  13.260  0.50 98.69  ? 131 ARG A CG  1 
ATOM   1034 C CG  B ARG A 1 133 ? 6.853   16.968  11.331  0.50 102.02 ? 131 ARG A CG  1 
ATOM   1035 C CD  A ARG A 1 133 ? 7.251   16.735  13.725  0.50 100.73 ? 131 ARG A CD  1 
ATOM   1036 C CD  B ARG A 1 133 ? 8.311   16.695  11.674  0.50 104.26 ? 131 ARG A CD  1 
ATOM   1037 N NE  A ARG A 1 133 ? 8.423   16.074  13.155  0.50 96.19  ? 131 ARG A NE  1 
ATOM   1038 N NE  B ARG A 1 133 ? 9.227   17.553  10.928  0.50 102.00 ? 131 ARG A NE  1 
ATOM   1039 C CZ  A ARG A 1 133 ? 9.033   15.025  13.698  0.50 91.54  ? 131 ARG A CZ  1 
ATOM   1040 C CZ  B ARG A 1 133 ? 10.551  17.462  10.992  0.50 100.55 ? 131 ARG A CZ  1 
ATOM   1041 N NH1 A ARG A 1 133 ? 8.584   14.508  14.835  0.50 75.67  ? 131 ARG A NH1 1 
ATOM   1042 N NH1 B ARG A 1 133 ? 11.113  16.549  11.772  0.50 103.63 ? 131 ARG A NH1 1 
ATOM   1043 N NH2 A ARG A 1 133 ? 10.092  14.491  13.099  0.50 84.76  ? 131 ARG A NH2 1 
ATOM   1044 N NH2 B ARG A 1 133 ? 11.311  18.285  10.280  0.50 88.29  ? 131 ARG A NH2 1 
ATOM   1045 N N   . ARG A 1 134 ? 4.639   14.050  9.368   1.00 99.00  ? 132 ARG A N   1 
ATOM   1046 C CA  . ARG A 1 134 ? 4.704   13.503  8.004   1.00 96.25  ? 132 ARG A CA  1 
ATOM   1047 C C   . ARG A 1 134 ? 3.485   13.903  7.166   1.00 98.26  ? 132 ARG A C   1 
ATOM   1048 O O   . ARG A 1 134 ? 3.620   14.325  6.006   1.00 101.51 ? 132 ARG A O   1 
ATOM   1049 C CB  . ARG A 1 134 ? 4.841   11.976  8.025   1.00 91.77  ? 132 ARG A CB  1 
ATOM   1050 C CG  . ARG A 1 134 ? 6.172   11.461  8.598   1.00 100.23 ? 132 ARG A CG  1 
ATOM   1051 C CD  . ARG A 1 134 ? 7.377   12.246  8.062   1.00 98.22  ? 132 ARG A CD  1 
ATOM   1052 N NE  . ARG A 1 134 ? 8.602   11.963  8.810   1.00 101.84 ? 132 ARG A NE  1 
ATOM   1053 C CZ  . ARG A 1 134 ? 9.581   12.844  9.011   1.00 110.41 ? 132 ARG A CZ  1 
ATOM   1054 N NH1 . ARG A 1 134 ? 10.651  12.489  9.710   1.00 104.53 ? 132 ARG A NH1 1 
ATOM   1055 N NH2 . ARG A 1 134 ? 9.490   14.083  8.526   1.00 105.96 ? 132 ARG A NH2 1 
ATOM   1056 N N   . LEU A 1 135 ? 2.299   13.772  7.756   1.00 93.50  ? 133 LEU A N   1 
ATOM   1057 C CA  . LEU A 1 135 ? 1.064   14.171  7.090   1.00 89.74  ? 133 LEU A CA  1 
ATOM   1058 C C   . LEU A 1 135 ? 1.036   15.663  6.761   1.00 92.60  ? 133 LEU A C   1 
ATOM   1059 O O   . LEU A 1 135 ? 0.400   16.078  5.792   1.00 95.38  ? 133 LEU A O   1 
ATOM   1060 C CB  . LEU A 1 135 ? -0.144  13.790  7.936   1.00 86.83  ? 133 LEU A CB  1 
ATOM   1061 C CG  . LEU A 1 135 ? -0.253  12.285  8.176   1.00 84.64  ? 133 LEU A CG  1 
ATOM   1062 C CD1 . LEU A 1 135 ? -1.550  11.955  8.896   1.00 80.35  ? 133 LEU A CD1 1 
ATOM   1063 C CD2 . LEU A 1 135 ? -0.161  11.523  6.859   1.00 81.32  ? 133 LEU A CD2 1 
ATOM   1064 N N   . ASP A 1 136 ? 1.721   16.470  7.562   1.00 92.84  ? 134 ASP A N   1 
ATOM   1065 C CA  . ASP A 1 136 ? 1.836   17.890  7.250   1.00 96.90  ? 134 ASP A CA  1 
ATOM   1066 C C   . ASP A 1 136 ? 2.480   18.067  5.887   1.00 95.65  ? 134 ASP A C   1 
ATOM   1067 O O   . ASP A 1 136 ? 2.056   18.914  5.104   1.00 99.33  ? 134 ASP A O   1 
ATOM   1068 C CB  . ASP A 1 136 ? 2.666   18.630  8.302   1.00 100.63 ? 134 ASP A CB  1 
ATOM   1069 C CG  . ASP A 1 136 ? 1.975   18.703  9.649   1.00 110.47 ? 134 ASP A CG  1 
ATOM   1070 O OD1 . ASP A 1 136 ? 0.724   18.727  9.674   1.00 114.90 ? 134 ASP A OD1 1 
ATOM   1071 O OD2 . ASP A 1 136 ? 2.685   18.735  10.682  1.00 118.87 ? 134 ASP A OD2 1 
ATOM   1072 N N   . TYR A 1 137 ? 3.504   17.267  5.606   1.00 94.38  ? 135 TYR A N   1 
ATOM   1073 C CA  . TYR A 1 137 ? 4.247   17.384  4.353   1.00 91.69  ? 135 TYR A CA  1 
ATOM   1074 C C   . TYR A 1 137 ? 3.391   16.932  3.181   1.00 90.45  ? 135 TYR A C   1 
ATOM   1075 O O   . TYR A 1 137 ? 3.346   17.581  2.132   1.00 90.40  ? 135 TYR A O   1 
ATOM   1076 C CB  . TYR A 1 137 ? 5.534   16.558  4.402   1.00 90.11  ? 135 TYR A CB  1 
ATOM   1077 C CG  . TYR A 1 137 ? 6.323   16.612  3.117   1.00 95.99  ? 135 TYR A CG  1 
ATOM   1078 C CD1 . TYR A 1 137 ? 7.042   17.753  2.769   1.00 98.68  ? 135 TYR A CD1 1 
ATOM   1079 C CD2 . TYR A 1 137 ? 6.341   15.529  2.242   1.00 86.66  ? 135 TYR A CD2 1 
ATOM   1080 C CE1 . TYR A 1 137 ? 7.768   17.809  1.589   1.00 101.74 ? 135 TYR A CE1 1 
ATOM   1081 C CE2 . TYR A 1 137 ? 7.060   15.577  1.059   1.00 88.50  ? 135 TYR A CE2 1 
ATOM   1082 C CZ  . TYR A 1 137 ? 7.770   16.716  0.741   1.00 97.69  ? 135 TYR A CZ  1 
ATOM   1083 O OH  . TYR A 1 137 ? 8.483   16.763  -0.428  1.00 104.91 ? 135 TYR A OH  1 
ATOM   1084 N N   . VAL A 1 138 ? 2.708   15.811  3.363   1.00 84.17  ? 136 VAL A N   1 
ATOM   1085 C CA  . VAL A 1 138 ? 1.836   15.315  2.320   1.00 84.48  ? 136 VAL A CA  1 
ATOM   1086 C C   . VAL A 1 138 ? 0.741   16.335  1.979   1.00 88.48  ? 136 VAL A C   1 
ATOM   1087 O O   . VAL A 1 138 ? 0.497   16.625  0.807   1.00 89.92  ? 136 VAL A O   1 
ATOM   1088 C CB  . VAL A 1 138 ? 1.232   13.977  2.713   1.00 81.50  ? 136 VAL A CB  1 
ATOM   1089 C CG1 . VAL A 1 138 ? 0.337   13.472  1.612   1.00 80.05  ? 136 VAL A CG1 1 
ATOM   1090 C CG2 . VAL A 1 138 ? 2.350   12.984  3.016   1.00 74.40  ? 136 VAL A CG2 1 
ATOM   1091 N N   . GLU A 1 139 ? 0.097   16.892  2.997   1.00 90.62  ? 137 GLU A N   1 
ATOM   1092 C CA  . GLU A 1 139 ? -0.913  17.928  2.772   1.00 94.20  ? 137 GLU A CA  1 
ATOM   1093 C C   . GLU A 1 139 ? -0.301  19.105  2.015   1.00 95.96  ? 137 GLU A C   1 
ATOM   1094 O O   . GLU A 1 139 ? -0.974  19.772  1.228   1.00 97.16  ? 137 GLU A O   1 
ATOM   1095 C CB  . GLU A 1 139 ? -1.517  18.393  4.101   1.00 93.31  ? 137 GLU A CB  1 
ATOM   1096 C CG  . GLU A 1 139 ? -2.671  19.396  3.978   1.00 102.34 ? 137 GLU A CG  1 
ATOM   1097 C CD  . GLU A 1 139 ? -4.059  18.765  4.140   1.00 121.08 ? 137 GLU A CD  1 
ATOM   1098 O OE1 . GLU A 1 139 ? -4.202  17.548  3.881   1.00 133.80 ? 137 GLU A OE1 1 
ATOM   1099 O OE2 . GLU A 1 139 ? -5.009  19.494  4.519   1.00 112.59 ? 137 GLU A OE2 1 
ATOM   1100 N N   . ASP A 1 140 ? 0.982   19.350  2.257   1.00 98.22  ? 138 ASP A N   1 
ATOM   1101 C CA  . ASP A 1 140 ? 1.731   20.372  1.535   1.00 102.40 ? 138 ASP A CA  1 
ATOM   1102 C C   . ASP A 1 140 ? 1.772   20.075  0.068   1.00 98.64  ? 138 ASP A C   1 
ATOM   1103 O O   . ASP A 1 140 ? 1.398   20.899  -0.768  1.00 96.22  ? 138 ASP A O   1 
ATOM   1104 C CB  . ASP A 1 140 ? 3.179   20.361  1.990   1.00 110.18 ? 138 ASP A CB  1 
ATOM   1105 C CG  . ASP A 1 140 ? 3.456   21.382  3.043   1.00 132.24 ? 138 ASP A CG  1 
ATOM   1106 O OD1 . ASP A 1 140 ? 4.407   21.166  3.826   1.00 154.88 ? 138 ASP A OD1 1 
ATOM   1107 O OD2 . ASP A 1 140 ? 2.723   22.397  3.082   1.00 144.59 ? 138 ASP A OD2 1 
ATOM   1108 N N   . ARG A 1 141 ? 2.290   18.892  -0.234  1.00 93.65  ? 139 ARG A N   1 
ATOM   1109 C CA  . ARG A 1 141 ? 2.480   18.493  -1.600  1.00 90.84  ? 139 ARG A CA  1 
ATOM   1110 C C   . ARG A 1 141 ? 1.127   18.497  -2.285  1.00 89.97  ? 139 ARG A C   1 
ATOM   1111 O O   . ARG A 1 141 ? 0.989   18.996  -3.404  1.00 87.69  ? 139 ARG A O   1 
ATOM   1112 C CB  . ARG A 1 141 ? 3.138   17.119  -1.666  1.00 89.27  ? 139 ARG A CB  1 
ATOM   1113 C CG  . ARG A 1 141 ? 4.466   17.058  -0.943  1.00 91.90  ? 139 ARG A CG  1 
ATOM   1114 C CD  . ARG A 1 141 ? 5.123   18.416  -0.936  1.00 94.95  ? 139 ARG A CD  1 
ATOM   1115 N NE  . ARG A 1 141 ? 5.370   18.910  -2.287  1.00 119.29 ? 139 ARG A NE  1 
ATOM   1116 C CZ  . ARG A 1 141 ? 5.489   20.200  -2.599  1.00 131.09 ? 139 ARG A CZ  1 
ATOM   1117 N NH1 . ARG A 1 141 ? 5.369   21.127  -1.653  1.00 135.91 ? 139 ARG A NH1 1 
ATOM   1118 N NH2 . ARG A 1 141 ? 5.719   20.564  -3.855  1.00 126.76 ? 139 ARG A NH2 1 
ATOM   1119 N N   . LEU A 1 142 ? 0.124   17.965  -1.593  1.00 85.29  ? 140 LEU A N   1 
ATOM   1120 C CA  . LEU A 1 142 ? -1.222  17.914  -2.140  1.00 83.97  ? 140 LEU A CA  1 
ATOM   1121 C C   . LEU A 1 142 ? -1.729  19.307  -2.422  1.00 86.75  ? 140 LEU A C   1 
ATOM   1122 O O   . LEU A 1 142 ? -2.425  19.536  -3.400  1.00 90.99  ? 140 LEU A O   1 
ATOM   1123 C CB  . LEU A 1 142 ? -2.173  17.218  -1.179  1.00 79.23  ? 140 LEU A CB  1 
ATOM   1124 C CG  . LEU A 1 142 ? -2.082  15.700  -1.259  1.00 83.01  ? 140 LEU A CG  1 
ATOM   1125 C CD1 . LEU A 1 142 ? -3.039  15.052  -0.273  1.00 87.53  ? 140 LEU A CD1 1 
ATOM   1126 C CD2 . LEU A 1 142 ? -2.380  15.255  -2.682  1.00 79.58  ? 140 LEU A CD2 1 
ATOM   1127 N N   . GLU A 1 143 ? -1.399  20.244  -1.551  1.00 89.21  ? 141 GLU A N   1 
ATOM   1128 C CA  . GLU A 1 143 ? -1.875  21.590  -1.747  1.00 91.82  ? 141 GLU A CA  1 
ATOM   1129 C C   . GLU A 1 143 ? -1.157  22.195  -2.943  1.00 91.93  ? 141 GLU A C   1 
ATOM   1130 O O   . GLU A 1 143 ? -1.728  22.962  -3.705  1.00 93.72  ? 141 GLU A O   1 
ATOM   1131 C CB  . GLU A 1 143 ? -1.623  22.428  -0.508  1.00 95.25  ? 141 GLU A CB  1 
ATOM   1132 C CG  . GLU A 1 143 ? -2.567  23.599  -0.388  1.00 112.27 ? 141 GLU A CG  1 
ATOM   1133 C CD  . GLU A 1 143 ? -1.882  24.832  0.151   1.00 126.09 ? 141 GLU A CD  1 
ATOM   1134 O OE1 . GLU A 1 143 ? -2.577  25.695  0.731   1.00 132.92 ? 141 GLU A OE1 1 
ATOM   1135 O OE2 . GLU A 1 143 ? -0.646  24.935  -0.010  1.00 136.46 ? 141 GLU A OE2 1 
ATOM   1136 N N   . ALA A 1 144 ? 0.105   21.841  -3.119  1.00 93.64  ? 142 ALA A N   1 
ATOM   1137 C CA  . ALA A 1 144 ? 0.855   22.354  -4.254  1.00 93.58  ? 142 ALA A CA  1 
ATOM   1138 C C   . ALA A 1 144 ? 0.577   21.573  -5.542  1.00 95.25  ? 142 ALA A C   1 
ATOM   1139 O O   . ALA A 1 144 ? 0.831   22.066  -6.634  1.00 96.02  ? 142 ALA A O   1 
ATOM   1140 C CB  . ALA A 1 144 ? 2.341   22.341  -3.944  1.00 92.64  ? 142 ALA A CB  1 
ATOM   1141 N N   . GLY A 1 145 ? 0.055   20.358  -5.419  1.00 96.12  ? 143 GLY A N   1 
ATOM   1142 C CA  . GLY A 1 145 ? 0.047   19.441  -6.550  1.00 95.38  ? 143 GLY A CA  1 
ATOM   1143 C C   . GLY A 1 145 ? -1.293  19.010  -7.110  1.00 96.30  ? 143 GLY A C   1 
ATOM   1144 O O   . GLY A 1 145 ? -2.343  19.251  -6.515  1.00 92.25  ? 143 GLY A O   1 
ATOM   1145 N N   . GLY A 1 146 ? -1.237  18.377  -8.283  1.00 101.37 ? 144 GLY A N   1 
ATOM   1146 C CA  . GLY A 1 146 ? -2.418  17.819  -8.941  1.00 93.94  ? 144 GLY A CA  1 
ATOM   1147 C C   . GLY A 1 146 ? -3.084  16.868  -7.973  1.00 89.63  ? 144 GLY A C   1 
ATOM   1148 O O   . GLY A 1 146 ? -2.587  16.674  -6.858  1.00 94.43  ? 144 GLY A O   1 
ATOM   1149 N N   . PRO A 1 147 ? -4.194  16.255  -8.400  1.00 80.75  ? 145 PRO A N   1 
ATOM   1150 C CA  . PRO A 1 147 ? -5.062  15.403  -7.573  1.00 79.30  ? 145 PRO A CA  1 
ATOM   1151 C C   . PRO A 1 147 ? -4.341  14.224  -6.895  1.00 81.70  ? 145 PRO A C   1 
ATOM   1152 O O   . PRO A 1 147 ? -4.716  13.824  -5.788  1.00 84.50  ? 145 PRO A O   1 
ATOM   1153 C CB  . PRO A 1 147 ? -6.114  14.887  -8.567  1.00 73.19  ? 145 PRO A CB  1 
ATOM   1154 C CG  . PRO A 1 147 ? -6.023  15.799  -9.746  1.00 76.61  ? 145 PRO A CG  1 
ATOM   1155 C CD  . PRO A 1 147 ? -4.625  16.305  -9.805  1.00 76.57  ? 145 PRO A CD  1 
ATOM   1156 N N   . TRP A 1 148 ? -3.323  13.679  -7.553  1.00 79.58  ? 146 TRP A N   1 
ATOM   1157 C CA  . TRP A 1 148 ? -2.600  12.532  -7.028  1.00 79.24  ? 146 TRP A CA  1 
ATOM   1158 C C   . TRP A 1 148 ? -1.209  12.952  -6.603  1.00 80.95  ? 146 TRP A C   1 
ATOM   1159 O O   . TRP A 1 148 ? -0.788  14.081  -6.859  1.00 79.15  ? 146 TRP A O   1 
ATOM   1160 C CB  . TRP A 1 148 ? -2.530  11.435  -8.088  1.00 78.25  ? 146 TRP A CB  1 
ATOM   1161 C CG  . TRP A 1 148 ? -3.845  11.221  -8.746  1.00 79.68  ? 146 TRP A CG  1 
ATOM   1162 C CD1 . TRP A 1 148 ? -4.225  11.657  -9.983  1.00 85.90  ? 146 TRP A CD1 1 
ATOM   1163 C CD2 . TRP A 1 148 ? -4.983  10.545  -8.192  1.00 76.39  ? 146 TRP A CD2 1 
ATOM   1164 N NE1 . TRP A 1 148 ? -5.527  11.277  -10.243 1.00 75.68  ? 146 TRP A NE1 1 
ATOM   1165 C CE2 . TRP A 1 148 ? -6.011  10.591  -9.161  1.00 80.30  ? 146 TRP A CE2 1 
ATOM   1166 C CE3 . TRP A 1 148 ? -5.226  9.895   -6.979  1.00 78.89  ? 146 TRP A CE3 1 
ATOM   1167 C CZ2 . TRP A 1 148 ? -7.269  10.021  -8.945  1.00 69.37  ? 146 TRP A CZ2 1 
ATOM   1168 C CZ3 . TRP A 1 148 ? -6.475  9.329   -6.768  1.00 83.81  ? 146 TRP A CZ3 1 
ATOM   1169 C CH2 . TRP A 1 148 ? -7.480  9.395   -7.747  1.00 79.37  ? 146 TRP A CH2 1 
ATOM   1170 N N   . LEU A 1 149 ? -0.493  12.043  -5.950  1.00 82.32  ? 147 LEU A N   1 
ATOM   1171 C CA  . LEU A 1 149 ? 0.832   12.357  -5.442  1.00 81.88  ? 147 LEU A CA  1 
ATOM   1172 C C   . LEU A 1 149 ? 1.712   12.866  -6.564  1.00 83.06  ? 147 LEU A C   1 
ATOM   1173 O O   . LEU A 1 149 ? 2.508   13.778  -6.367  1.00 85.88  ? 147 LEU A O   1 
ATOM   1174 C CB  . LEU A 1 149 ? 1.461   11.126  -4.799  1.00 83.39  ? 147 LEU A CB  1 
ATOM   1175 C CG  . LEU A 1 149 ? 0.860   10.734  -3.453  1.00 85.57  ? 147 LEU A CG  1 
ATOM   1176 C CD1 . LEU A 1 149 ? 1.309   9.344   -3.068  1.00 79.17  ? 147 LEU A CD1 1 
ATOM   1177 C CD2 . LEU A 1 149 ? 1.287   11.750  -2.410  1.00 83.55  ? 147 LEU A CD2 1 
ATOM   1178 N N   . MET A 1 150 ? 1.564   12.274  -7.744  1.00 85.14  ? 148 MET A N   1 
ATOM   1179 C CA  . MET A 1 150 ? 2.387   12.644  -8.896  1.00 89.85  ? 148 MET A CA  1 
ATOM   1180 C C   . MET A 1 150 ? 1.799   13.828  -9.665  1.00 93.57  ? 148 MET A C   1 
ATOM   1181 O O   . MET A 1 150 ? 2.326   14.229  -10.703 1.00 97.31  ? 148 MET A O   1 
ATOM   1182 C CB  . MET A 1 150 ? 2.564   11.452  -9.845  1.00 92.08  ? 148 MET A CB  1 
ATOM   1183 C CG  . MET A 1 150 ? 3.454   10.336  -9.312  1.00 98.35  ? 148 MET A CG  1 
ATOM   1184 S SD  . MET A 1 150 ? 5.096   10.926  -8.848  1.00 102.22 ? 148 MET A SD  1 
ATOM   1185 C CE  . MET A 1 150 ? 5.909   11.022  -10.441 1.00 103.70 ? 148 MET A CE  1 
ATOM   1186 N N   . GLY A 1 151 ? 0.707   14.390  -9.159  1.00 92.83  ? 149 GLY A N   1 
ATOM   1187 C CA  . GLY A 1 151 ? 0.045   15.478  -9.850  1.00 87.50  ? 149 GLY A CA  1 
ATOM   1188 C C   . GLY A 1 151 ? -1.135  14.919  -10.604 1.00 90.29  ? 149 GLY A C   1 
ATOM   1189 O O   . GLY A 1 151 ? -2.085  14.441  -9.994  1.00 93.57  ? 149 GLY A O   1 
ATOM   1190 N N   . ASP A 1 152 ? -1.068  14.949  -11.931 1.00 91.78  ? 150 ASP A N   1 
ATOM   1191 C CA  . ASP A 1 152 ? -2.191  14.496  -12.753 1.00 93.70  ? 150 ASP A CA  1 
ATOM   1192 C C   . ASP A 1 152 ? -2.185  12.996  -13.042 1.00 93.51  ? 150 ASP A C   1 
ATOM   1193 O O   . ASP A 1 152 ? -3.227  12.426  -13.336 1.00 93.55  ? 150 ASP A O   1 
ATOM   1194 C CB  . ASP A 1 152 ? -2.246  15.272  -14.068 1.00 95.90  ? 150 ASP A CB  1 
ATOM   1195 C CG  . ASP A 1 152 ? -2.233  16.778  -13.860 1.00 118.88 ? 150 ASP A CG  1 
ATOM   1196 O OD1 . ASP A 1 152 ? -2.901  17.260  -12.917 1.00 135.27 ? 150 ASP A OD1 1 
ATOM   1197 O OD2 . ASP A 1 152 ? -1.555  17.483  -14.646 1.00 138.16 ? 150 ASP A OD2 1 
ATOM   1198 N N   . ARG A 1 153 ? -1.016  12.363  -12.979 1.00 95.09  ? 151 ARG A N   1 
ATOM   1199 C CA  . ARG A 1 153 ? -0.917  10.918  -13.169 1.00 94.49  ? 151 ARG A CA  1 
ATOM   1200 C C   . ARG A 1 153 ? -1.214  10.156  -11.884 1.00 93.47  ? 151 ARG A C   1 
ATOM   1201 O O   . ARG A 1 153 ? -0.488  10.276  -10.898 1.00 95.84  ? 151 ARG A O   1 
ATOM   1202 C CB  . ARG A 1 153 ? 0.490   10.532  -13.624 1.00 101.56 ? 151 ARG A CB  1 
ATOM   1203 C CG  . ARG A 1 153 ? 0.959   9.148   -13.093 1.00 119.42 ? 151 ARG A CG  1 
ATOM   1204 C CD  . ARG A 1 153 ? 2.493   9.040   -12.953 1.00 121.49 ? 151 ARG A CD  1 
ATOM   1205 N NE  . ARG A 1 153 ? 3.176   9.558   -14.135 1.00 128.27 ? 151 ARG A NE  1 
ATOM   1206 C CZ  . ARG A 1 153 ? 3.293   8.893   -15.284 1.00 131.77 ? 151 ARG A CZ  1 
ATOM   1207 N NH1 . ARG A 1 153 ? 2.779   7.673   -15.400 1.00 130.32 ? 151 ARG A NH1 1 
ATOM   1208 N NH2 . ARG A 1 153 ? 3.922   9.447   -16.318 1.00 111.06 ? 151 ARG A NH2 1 
ATOM   1209 N N   . TYR A 1 154 ? -2.272  9.357   -11.895 1.00 89.70  ? 152 TYR A N   1 
ATOM   1210 C CA  . TYR A 1 154 ? -2.487  8.406   -10.821 1.00 84.78  ? 152 TYR A CA  1 
ATOM   1211 C C   . TYR A 1 154 ? -1.457  7.300   -10.967 1.00 86.10  ? 152 TYR A C   1 
ATOM   1212 O O   . TYR A 1 154 ? -1.297  6.719   -12.036 1.00 89.06  ? 152 TYR A O   1 
ATOM   1213 C CB  . TYR A 1 154 ? -3.890  7.828   -10.900 1.00 81.94  ? 152 TYR A CB  1 
ATOM   1214 C CG  . TYR A 1 154 ? -4.160  6.675   -9.959  1.00 80.92  ? 152 TYR A CG  1 
ATOM   1215 C CD1 . TYR A 1 154 ? -4.599  6.900   -8.661  1.00 86.57  ? 152 TYR A CD1 1 
ATOM   1216 C CD2 . TYR A 1 154 ? -4.007  5.368   -10.375 1.00 74.01  ? 152 TYR A CD2 1 
ATOM   1217 C CE1 . TYR A 1 154 ? -4.865  5.856   -7.805  1.00 77.64  ? 152 TYR A CE1 1 
ATOM   1218 C CE2 . TYR A 1 154 ? -4.273  4.312   -9.524  1.00 84.64  ? 152 TYR A CE2 1 
ATOM   1219 C CZ  . TYR A 1 154 ? -4.698  4.563   -8.240  1.00 87.45  ? 152 TYR A CZ  1 
ATOM   1220 O OH  . TYR A 1 154 ? -4.958  3.519   -7.382  1.00 97.21  ? 152 TYR A OH  1 
ATOM   1221 N N   . SER A 1 155 ? -0.745  7.014   -9.892  1.00 86.72  ? 153 SER A N   1 
ATOM   1222 C CA  . SER A 1 155 ? 0.318   6.039   -9.960  1.00 86.32  ? 153 SER A CA  1 
ATOM   1223 C C   . SER A 1 155 ? 0.208   5.018   -8.840  1.00 87.11  ? 153 SER A C   1 
ATOM   1224 O O   . SER A 1 155 ? -0.707  5.065   -8.021  1.00 92.18  ? 153 SER A O   1 
ATOM   1225 C CB  . SER A 1 155 ? 1.661   6.747   -9.871  1.00 88.23  ? 153 SER A CB  1 
ATOM   1226 O OG  . SER A 1 155 ? 1.704   7.540   -8.702  1.00 75.71  ? 153 SER A OG  1 
ATOM   1227 N N   . VAL A 1 156 ? 1.161   4.097   -8.818  1.00 85.45  ? 154 VAL A N   1 
ATOM   1228 C CA  . VAL A 1 156 ? 1.245   3.082   -7.785  1.00 81.25  ? 154 VAL A CA  1 
ATOM   1229 C C   . VAL A 1 156 ? 1.425   3.710   -6.403  1.00 83.75  ? 154 VAL A C   1 
ATOM   1230 O O   . VAL A 1 156 ? 1.009   3.140   -5.397  1.00 87.62  ? 154 VAL A O   1 
ATOM   1231 C CB  . VAL A 1 156 ? 2.415   2.115   -8.063  1.00 78.77  ? 154 VAL A CB  1 
ATOM   1232 C CG1 . VAL A 1 156 ? 2.110   1.261   -9.282  1.00 75.36  ? 154 VAL A CG1 1 
ATOM   1233 C CG2 . VAL A 1 156 ? 3.716   2.892   -8.268  1.00 75.53  ? 154 VAL A CG2 1 
ATOM   1234 N N   . ALA A 1 157 ? 2.045   4.884   -6.344  1.00 83.95  ? 155 ALA A N   1 
ATOM   1235 C CA  . ALA A 1 157 ? 2.253   5.539   -5.059  1.00 84.33  ? 155 ALA A CA  1 
ATOM   1236 C C   . ALA A 1 157 ? 0.914   5.862   -4.386  1.00 85.81  ? 155 ALA A C   1 
ATOM   1237 O O   . ALA A 1 157 ? 0.816   5.833   -3.159  1.00 86.71  ? 155 ALA A O   1 
ATOM   1238 C CB  . ALA A 1 157 ? 3.102   6.796   -5.217  1.00 80.21  ? 155 ALA A CB  1 
ATOM   1239 N N   . ASP A 1 158 ? -0.116  6.153   -5.184  1.00 80.68  ? 156 ASP A N   1 
ATOM   1240 C CA  . ASP A 1 158 ? -1.426  6.497   -4.627  1.00 83.20  ? 156 ASP A CA  1 
ATOM   1241 C C   . ASP A 1 158 ? -2.135  5.276   -4.053  1.00 83.72  ? 156 ASP A C   1 
ATOM   1242 O O   . ASP A 1 158 ? -2.885  5.391   -3.085  1.00 82.59  ? 156 ASP A O   1 
ATOM   1243 C CB  . ASP A 1 158 ? -2.334  7.162   -5.671  1.00 81.70  ? 156 ASP A CB  1 
ATOM   1244 C CG  . ASP A 1 158 ? -1.700  8.376   -6.314  1.00 84.88  ? 156 ASP A CG  1 
ATOM   1245 O OD1 . ASP A 1 158 ? -1.470  8.324   -7.541  1.00 82.81  ? 156 ASP A OD1 1 
ATOM   1246 O OD2 . ASP A 1 158 ? -1.433  9.376   -5.605  1.00 85.38  ? 156 ASP A OD2 1 
ATOM   1247 N N   . ALA A 1 159 ? -1.920  4.113   -4.663  1.00 80.71  ? 157 ALA A N   1 
ATOM   1248 C CA  . ALA A 1 159 ? -2.519  2.878   -4.162  1.00 84.06  ? 157 ALA A CA  1 
ATOM   1249 C C   . ALA A 1 159 ? -1.881  2.519   -2.822  1.00 88.64  ? 157 ALA A C   1 
ATOM   1250 O O   . ALA A 1 159 ? -2.548  2.015   -1.912  1.00 90.22  ? 157 ALA A O   1 
ATOM   1251 C CB  . ALA A 1 159 ? -2.331  1.737   -5.162  1.00 75.27  ? 157 ALA A CB  1 
ATOM   1252 N N   . TYR A 1 160 ? -0.582  2.785   -2.716  1.00 87.66  ? 158 TYR A N   1 
ATOM   1253 C CA  . TYR A 1 160 ? 0.182   2.517   -1.508  1.00 86.87  ? 158 TYR A CA  1 
ATOM   1254 C C   . TYR A 1 160 ? -0.233  3.469   -0.389  1.00 86.60  ? 158 TYR A C   1 
ATOM   1255 O O   . TYR A 1 160 ? -0.636  3.033   0.689   1.00 86.06  ? 158 TYR A O   1 
ATOM   1256 C CB  . TYR A 1 160 ? 1.680   2.669   -1.794  1.00 88.03  ? 158 TYR A CB  1 
ATOM   1257 C CG  . TYR A 1 160 ? 2.588   2.043   -0.755  1.00 89.58  ? 158 TYR A CG  1 
ATOM   1258 C CD1 . TYR A 1 160 ? 2.087   1.160   0.196   1.00 85.18  ? 158 TYR A CD1 1 
ATOM   1259 C CD2 . TYR A 1 160 ? 3.954   2.306   -0.750  1.00 84.21  ? 158 TYR A CD2 1 
ATOM   1260 C CE1 . TYR A 1 160 ? 2.914   0.571   1.132   1.00 85.42  ? 158 TYR A CE1 1 
ATOM   1261 C CE2 . TYR A 1 160 ? 4.794   1.718   0.185   1.00 87.09  ? 158 TYR A CE2 1 
ATOM   1262 C CZ  . TYR A 1 160 ? 4.267   0.847   1.122   1.00 90.81  ? 158 TYR A CZ  1 
ATOM   1263 O OH  . TYR A 1 160 ? 5.092   0.256   2.056   1.00 97.79  ? 158 TYR A OH  1 
ATOM   1264 N N   . LEU A 1 161 ? -0.135  4.771   -0.655  1.00 84.43  ? 159 LEU A N   1 
ATOM   1265 C CA  . LEU A 1 161 ? -0.453  5.781   0.346   1.00 84.60  ? 159 LEU A CA  1 
ATOM   1266 C C   . LEU A 1 161 ? -1.884  5.638   0.836   1.00 88.31  ? 159 LEU A C   1 
ATOM   1267 O O   . LEU A 1 161 ? -2.128  5.548   2.036   1.00 91.86  ? 159 LEU A O   1 
ATOM   1268 C CB  . LEU A 1 161 ? -0.244  7.187   -0.205  1.00 83.47  ? 159 LEU A CB  1 
ATOM   1269 C CG  . LEU A 1 161 ? -0.544  8.285   0.814   1.00 84.02  ? 159 LEU A CG  1 
ATOM   1270 C CD1 . LEU A 1 161 ? 0.186   7.971   2.100   1.00 72.69  ? 159 LEU A CD1 1 
ATOM   1271 C CD2 . LEU A 1 161 ? -0.167  9.689   0.293   1.00 68.45  ? 159 LEU A CD2 1 
ATOM   1272 N N   . SER A 1 162 ? -2.836  5.615   -0.090  1.00 89.04  ? 160 SER A N   1 
ATOM   1273 C CA  . SER A 1 162 ? -4.231  5.508   0.303   1.00 86.64  ? 160 SER A CA  1 
ATOM   1274 C C   . SER A 1 162 ? -4.486  4.231   1.096   1.00 86.70  ? 160 SER A C   1 
ATOM   1275 O O   . SER A 1 162 ? -5.240  4.245   2.066   1.00 89.76  ? 160 SER A O   1 
ATOM   1276 C CB  . SER A 1 162 ? -5.167  5.619   -0.908  1.00 85.17  ? 160 SER A CB  1 
ATOM   1277 O OG  . SER A 1 162 ? -5.129  4.453   -1.713  1.00 96.40  ? 160 SER A OG  1 
ATOM   1278 N N   . THR A 1 163 ? -3.855  3.130   0.701   1.00 87.65  ? 161 THR A N   1 
ATOM   1279 C CA  . THR A 1 163 ? -4.059  1.856   1.397   1.00 88.32  ? 161 THR A CA  1 
ATOM   1280 C C   . THR A 1 163 ? -3.630  1.959   2.852   1.00 91.61  ? 161 THR A C   1 
ATOM   1281 O O   . THR A 1 163 ? -4.335  1.500   3.753   1.00 94.17  ? 161 THR A O   1 
ATOM   1282 C CB  . THR A 1 163 ? -3.266  0.715   0.757   1.00 85.30  ? 161 THR A CB  1 
ATOM   1283 O OG1 . THR A 1 163 ? -4.033  0.137   -0.304  1.00 99.21  ? 161 THR A OG1 1 
ATOM   1284 C CG2 . THR A 1 163 ? -2.982  -0.360  1.783   1.00 88.16  ? 161 THR A CG2 1 
ATOM   1285 N N   . VAL A 1 164 ? -2.462  2.557   3.067   1.00 88.84  ? 162 VAL A N   1 
ATOM   1286 C CA  . VAL A 1 164 ? -1.914  2.743   4.402   1.00 89.47  ? 162 VAL A CA  1 
ATOM   1287 C C   . VAL A 1 164 ? -2.769  3.686   5.252   1.00 91.14  ? 162 VAL A C   1 
ATOM   1288 O O   . VAL A 1 164 ? -3.064  3.379   6.401   1.00 96.57  ? 162 VAL A O   1 
ATOM   1289 C CB  . VAL A 1 164 ? -0.450  3.249   4.350   1.00 91.14  ? 162 VAL A CB  1 
ATOM   1290 C CG1 . VAL A 1 164 ? -0.092  4.028   5.610   1.00 92.87  ? 162 VAL A CG1 1 
ATOM   1291 C CG2 . VAL A 1 164 ? 0.508   2.087   4.135   1.00 96.06  ? 162 VAL A CG2 1 
ATOM   1292 N N   . LEU A 1 165 ? -3.168  4.830   4.704   1.00 87.56  ? 163 LEU A N   1 
ATOM   1293 C CA  . LEU A 1 165 ? -4.044  5.735   5.452   1.00 88.92  ? 163 LEU A CA  1 
ATOM   1294 C C   . LEU A 1 165 ? -5.437  5.147   5.684   1.00 91.74  ? 163 LEU A C   1 
ATOM   1295 O O   . LEU A 1 165 ? -6.209  5.660   6.488   1.00 92.82  ? 163 LEU A O   1 
ATOM   1296 C CB  . LEU A 1 165 ? -4.148  7.094   4.769   1.00 84.14  ? 163 LEU A CB  1 
ATOM   1297 C CG  . LEU A 1 165 ? -2.790  7.798   4.744   1.00 96.54  ? 163 LEU A CG  1 
ATOM   1298 C CD1 . LEU A 1 165 ? -2.941  9.297   4.552   1.00 86.75  ? 163 LEU A CD1 1 
ATOM   1299 C CD2 . LEU A 1 165 ? -2.010  7.491   6.022   1.00 86.46  ? 163 LEU A CD2 1 
ATOM   1300 N N   . GLY A 1 166 ? -5.757  4.067   4.982   1.00 94.11  ? 164 GLY A N   1 
ATOM   1301 C CA  . GLY A 1 166 ? -7.007  3.373   5.221   1.00 97.65  ? 164 GLY A CA  1 
ATOM   1302 C C   . GLY A 1 166 ? -7.122  3.002   6.684   1.00 103.36 ? 164 GLY A C   1 
ATOM   1303 O O   . GLY A 1 166 ? -8.199  3.088   7.271   1.00 108.99 ? 164 GLY A O   1 
ATOM   1304 N N   . TRP A 1 167 ? -6.004  2.665   7.286   1.00 106.33 ? 165 TRP A N   1 
ATOM   1305 C CA  . TRP A 1 167 ? -5.968  2.177   8.647   1.00 105.95 ? 165 TRP A CA  1 
ATOM   1306 C C   . TRP A 1 167 ? -6.456  3.128   9.719   1.00 107.14 ? 165 TRP A C   1 
ATOM   1307 O O   . TRP A 1 167 ? -6.959  2.702   10.734  1.00 111.63 ? 165 TRP A O   1 
ATOM   1308 C CB  . TRP A 1 167 ? -4.571  1.708   8.979   1.00 105.61 ? 165 TRP A CB  1 
ATOM   1309 C CG  . TRP A 1 167 ? -4.132  0.596   8.128   1.00 106.97 ? 165 TRP A CG  1 
ATOM   1310 C CD1 . TRP A 1 167 ? -4.922  -0.298  7.493   1.00 111.26 ? 165 TRP A CD1 1 
ATOM   1311 C CD2 . TRP A 1 167 ? -2.791  0.225   7.838   1.00 110.96 ? 165 TRP A CD2 1 
ATOM   1312 N NE1 . TRP A 1 167 ? -4.158  -1.198  6.806   1.00 115.64 ? 165 TRP A NE1 1 
ATOM   1313 C CE2 . TRP A 1 167 ? -2.841  -0.896  7.008   1.00 116.17 ? 165 TRP A CE2 1 
ATOM   1314 C CE3 . TRP A 1 167 ? -1.551  0.741   8.193   1.00 105.36 ? 165 TRP A CE3 1 
ATOM   1315 C CZ2 . TRP A 1 167 ? -1.703  -1.509  6.530   1.00 115.70 ? 165 TRP A CZ2 1 
ATOM   1316 C CZ3 . TRP A 1 167 ? -0.430  0.131   7.723   1.00 101.43 ? 165 TRP A CZ3 1 
ATOM   1317 C CH2 . TRP A 1 167 ? -0.507  -0.980  6.901   1.00 105.05 ? 165 TRP A CH2 1 
ATOM   1318 N N   . CYS A 1 168 ? -6.308  4.418   9.510   1.00 109.22 ? 166 CYS A N   1 
ATOM   1319 C CA  . CYS A 1 168 ? -6.598  5.364   10.563  1.00 114.45 ? 166 CYS A CA  1 
ATOM   1320 C C   . CYS A 1 168 ? -8.001  5.303   11.093  1.00 118.79 ? 166 CYS A C   1 
ATOM   1321 O O   . CYS A 1 168 ? -8.213  5.438   12.287  1.00 121.86 ? 166 CYS A O   1 
ATOM   1322 C CB  . CYS A 1 168 ? -6.363  6.762   10.053  1.00 114.08 ? 166 CYS A CB  1 
ATOM   1323 S SG  . CYS A 1 168 ? -4.712  6.993   9.557   1.00 123.90 ? 166 CYS A SG  1 
ATOM   1324 N N   . GLU A 1 169 ? -8.981  5.111   10.235  1.00 125.54 ? 167 GLU A N   1 
ATOM   1325 C CA  . GLU A 1 169 ? -10.313 5.100   10.769  1.00 129.99 ? 167 GLU A CA  1 
ATOM   1326 C C   . GLU A 1 169 ? -10.348 3.964   11.752  1.00 129.16 ? 167 GLU A C   1 
ATOM   1327 O O   . GLU A 1 169 ? -10.848 4.112   12.852  1.00 130.69 ? 167 GLU A O   1 
ATOM   1328 C CB  . GLU A 1 169 ? -11.321 4.815   9.678   1.00 132.13 ? 167 GLU A CB  1 
ATOM   1329 C CG  . GLU A 1 169 ? -11.430 3.345   9.366   1.00 144.36 ? 167 GLU A CG  1 
ATOM   1330 C CD  . GLU A 1 169 ? -12.686 3.007   8.595   1.00 158.40 ? 167 GLU A CD  1 
ATOM   1331 O OE1 . GLU A 1 169 ? -12.948 1.808   8.372   1.00 162.84 ? 167 GLU A OE1 1 
ATOM   1332 O OE2 . GLU A 1 169 ? -13.413 3.945   8.212   1.00 164.11 ? 167 GLU A OE2 1 
ATOM   1333 N N   . TYR A 1 170 ? -9.787  2.829   11.377  1.00 124.22 ? 168 TYR A N   1 
ATOM   1334 C CA  . TYR A 1 170 ? -9.823  1.691   12.272  1.00 122.20 ? 168 TYR A CA  1 
ATOM   1335 C C   . TYR A 1 170 ? -9.069  1.896   13.556  1.00 119.18 ? 168 TYR A C   1 
ATOM   1336 O O   . TYR A 1 170 ? -9.497  1.463   14.599  1.00 122.73 ? 168 TYR A O   1 
ATOM   1337 C CB  . TYR A 1 170 ? -9.323  0.425   11.624  1.00 122.99 ? 168 TYR A CB  1 
ATOM   1338 C CG  . TYR A 1 170 ? -9.276  -0.686  12.629  1.00 132.64 ? 168 TYR A CG  1 
ATOM   1339 C CD1 . TYR A 1 170 ? -8.076  -1.168  13.099  1.00 141.12 ? 168 TYR A CD1 1 
ATOM   1340 C CD2 . TYR A 1 170 ? -10.438 -1.224  13.145  1.00 136.68 ? 168 TYR A CD2 1 
ATOM   1341 C CE1 . TYR A 1 170 ? -8.030  -2.176  14.028  1.00 145.30 ? 168 TYR A CE1 1 
ATOM   1342 C CE2 . TYR A 1 170 ? -10.402 -2.231  14.074  1.00 139.44 ? 168 TYR A CE2 1 
ATOM   1343 C CZ  . TYR A 1 170 ? -9.195  -2.702  14.512  1.00 144.46 ? 168 TYR A CZ  1 
ATOM   1344 O OH  . TYR A 1 170 ? -9.142  -3.706  15.441  1.00 144.20 ? 168 TYR A OH  1 
ATOM   1345 N N   . LEU A 1 171 ? -7.929  2.548   13.472  1.00 116.23 ? 169 LEU A N   1 
ATOM   1346 C CA  . LEU A 1 171 ? -7.123  2.793   14.643  1.00 113.82 ? 169 LEU A CA  1 
ATOM   1347 C C   . LEU A 1 171 ? -7.728  4.015   15.242  1.00 115.73 ? 169 LEU A C   1 
ATOM   1348 O O   . LEU A 1 171 ? -7.260  4.545   16.233  1.00 114.07 ? 169 LEU A O   1 
ATOM   1349 C CB  . LEU A 1 171 ? -5.675  3.035   14.273  1.00 112.18 ? 169 LEU A CB  1 
ATOM   1350 C CG  . LEU A 1 171 ? -5.082  1.832   13.566  1.00 114.84 ? 169 LEU A CG  1 
ATOM   1351 C CD1 . LEU A 1 171 ? -3.609  1.764   13.803  1.00 110.21 ? 169 LEU A CD1 1 
ATOM   1352 C CD2 . LEU A 1 171 ? -5.746  0.601   14.100  1.00 111.84 ? 169 LEU A CD2 1 
ATOM   1353 N N   . LYS A 1 172 ? -8.792  4.472   14.614  1.00 117.43 ? 170 LYS A N   1 
ATOM   1354 C CA  . LYS A 1 172 ? -9.497  5.595   15.160  1.00 119.61 ? 170 LYS A CA  1 
ATOM   1355 C C   . LYS A 1 172 ? -8.608  6.811   15.274  1.00 119.05 ? 170 LYS A C   1 
ATOM   1356 O O   . LYS A 1 172 ? -8.611  7.486   16.288  1.00 121.47 ? 170 LYS A O   1 
ATOM   1357 C CB  . LYS A 1 172 ? -9.983  5.223   16.549  1.00 120.54 ? 170 LYS A CB  1 
ATOM   1358 C CG  . LYS A 1 172 ? -11.323 5.802   16.919  1.00 124.23 ? 170 LYS A CG  1 
ATOM   1359 C CD  . LYS A 1 172 ? -12.416 4.744   16.920  1.00 123.54 ? 170 LYS A CD  1 
ATOM   1360 C CE  . LYS A 1 172 ? -13.650 5.274   17.640  1.00 129.84 ? 170 LYS A CE  1 
ATOM   1361 N NZ  . LYS A 1 172 ? -14.528 4.191   18.154  1.00 133.58 ? 170 LYS A NZ  1 
ATOM   1362 N N   . ILE A 1 173 ? -7.832  7.081   14.237  1.00 115.70 ? 171 ILE A N   1 
ATOM   1363 C CA  . ILE A 1 173 ? -6.994  8.266   14.216  1.00 110.49 ? 171 ILE A CA  1 
ATOM   1364 C C   . ILE A 1 173 ? -7.649  9.365   13.405  1.00 113.09 ? 171 ILE A C   1 
ATOM   1365 O O   . ILE A 1 173 ? -8.164  9.126   12.330  1.00 116.12 ? 171 ILE A O   1 
ATOM   1366 C CB  . ILE A 1 173 ? -5.646  7.970   13.633  1.00 106.89 ? 171 ILE A CB  1 
ATOM   1367 C CG1 . ILE A 1 173 ? -4.896  7.027   14.554  1.00 103.24 ? 171 ILE A CG1 1 
ATOM   1368 C CG2 . ILE A 1 173 ? -4.880  9.234   13.481  1.00 95.69  ? 171 ILE A CG2 1 
ATOM   1369 C CD1 . ILE A 1 173 ? -3.490  6.812   14.164  1.00 99.87  ? 171 ILE A CD1 1 
ATOM   1370 N N   . ASP A 1 174 ? -7.650  10.574  13.940  1.00 113.94 ? 172 ASP A N   1 
ATOM   1371 C CA  . ASP A 1 174 ? -8.356  11.684  13.311  1.00 118.33 ? 172 ASP A CA  1 
ATOM   1372 C C   . ASP A 1 174 ? -7.539  12.343  12.213  1.00 117.90 ? 172 ASP A C   1 
ATOM   1373 O O   . ASP A 1 174 ? -6.457  12.880  12.465  1.00 118.87 ? 172 ASP A O   1 
ATOM   1374 C CB  . ASP A 1 174 ? -8.738  12.751  14.340  1.00 120.94 ? 172 ASP A CB  1 
ATOM   1375 C CG  . ASP A 1 174 ? -9.024  14.104  13.695  1.00 133.87 ? 172 ASP A CG  1 
ATOM   1376 O OD1 . ASP A 1 174 ? -8.187  15.032  13.819  1.00 141.57 ? 172 ASP A OD1 1 
ATOM   1377 O OD2 . ASP A 1 174 ? -10.080 14.228  13.039  1.00 137.81 ? 172 ASP A OD2 1 
ATOM   1378 N N   . LEU A 1 175 ? -8.079  12.333  11.002  1.00 114.96 ? 173 LEU A N   1 
ATOM   1379 C CA  . LEU A 1 175 ? -7.427  12.996  9.891   1.00 112.61 ? 173 LEU A CA  1 
ATOM   1380 C C   . LEU A 1 175 ? -7.960  14.410  9.663   1.00 115.75 ? 173 LEU A C   1 
ATOM   1381 O O   . LEU A 1 175 ? -7.426  15.153  8.842   1.00 117.08 ? 173 LEU A O   1 
ATOM   1382 C CB  . LEU A 1 175 ? -7.579  12.153  8.630   1.00 111.30 ? 173 LEU A CB  1 
ATOM   1383 C CG  . LEU A 1 175 ? -6.872  10.800  8.728   1.00 106.48 ? 173 LEU A CG  1 
ATOM   1384 C CD1 . LEU A 1 175 ? -6.935  10.090  7.391   1.00 102.29 ? 173 LEU A CD1 1 
ATOM   1385 C CD2 . LEU A 1 175 ? -5.424  10.966  9.183   1.00 84.89  ? 173 LEU A CD2 1 
ATOM   1386 N N   . SER A 1 176 ? -9.003  14.784  10.401  1.00 117.31 ? 174 SER A N   1 
ATOM   1387 C CA  . SER A 1 176 ? -9.674  16.075  10.204  1.00 115.96 ? 174 SER A CA  1 
ATOM   1388 C C   . SER A 1 176 ? -8.696  17.204  9.961   1.00 112.32 ? 174 SER A C   1 
ATOM   1389 O O   . SER A 1 176 ? -8.929  18.074  9.125   1.00 114.11 ? 174 SER A O   1 
ATOM   1390 C CB  . SER A 1 176 ? -10.536 16.422  11.413  1.00 116.67 ? 174 SER A CB  1 
ATOM   1391 O OG  . SER A 1 176 ? -11.639 15.543  11.500  1.00 128.96 ? 174 SER A OG  1 
ATOM   1392 N N   . LYS A 1 177 ? -7.604  17.183  10.711  1.00 106.84 ? 175 LYS A N   1 
ATOM   1393 C CA  . LYS A 1 177 ? -6.598  18.230  10.657  1.00 104.75 ? 175 LYS A CA  1 
ATOM   1394 C C   . LYS A 1 177 ? -6.023  18.382  9.243   1.00 104.40 ? 175 LYS A C   1 
ATOM   1395 O O   . LYS A 1 177 ? -5.380  19.384  8.918   1.00 100.68 ? 175 LYS A O   1 
ATOM   1396 C CB  . LYS A 1 177 ? -5.517  17.886  11.675  1.00 104.02 ? 175 LYS A CB  1 
ATOM   1397 C CG  . LYS A 1 177 ? -6.118  17.123  12.868  1.00 113.91 ? 175 LYS A CG  1 
ATOM   1398 C CD  . LYS A 1 177 ? -5.137  16.168  13.537  1.00 119.48 ? 175 LYS A CD  1 
ATOM   1399 C CE  . LYS A 1 177 ? -4.336  16.853  14.645  1.00 123.55 ? 175 LYS A CE  1 
ATOM   1400 N NZ  . LYS A 1 177 ? -3.219  17.703  14.132  1.00 117.22 ? 175 LYS A NZ  1 
ATOM   1401 N N   . TRP A 1 178 ? -6.279  17.388  8.399   1.00 104.76 ? 176 TRP A N   1 
ATOM   1402 C CA  . TRP A 1 178 ? -5.754  17.375  7.034   1.00 102.62 ? 176 TRP A CA  1 
ATOM   1403 C C   . TRP A 1 178 ? -6.860  17.066  6.031   1.00 101.93 ? 176 TRP A C   1 
ATOM   1404 O O   . TRP A 1 178 ? -7.011  15.928  5.583   1.00 103.95 ? 176 TRP A O   1 
ATOM   1405 C CB  . TRP A 1 178 ? -4.629  16.346  6.902   1.00 101.29 ? 176 TRP A CB  1 
ATOM   1406 C CG  . TRP A 1 178 ? -3.549  16.471  7.956   1.00 99.60  ? 176 TRP A CG  1 
ATOM   1407 C CD1 . TRP A 1 178 ? -2.471  17.317  7.940   1.00 99.23  ? 176 TRP A CD1 1 
ATOM   1408 C CD2 . TRP A 1 178 ? -3.444  15.716  9.167   1.00 91.58  ? 176 TRP A CD2 1 
ATOM   1409 N NE1 . TRP A 1 178 ? -1.705  17.134  9.067   1.00 96.63  ? 176 TRP A NE1 1 
ATOM   1410 C CE2 . TRP A 1 178 ? -2.280  16.158  9.837   1.00 98.64  ? 176 TRP A CE2 1 
ATOM   1411 C CE3 . TRP A 1 178 ? -4.222  14.711  9.754   1.00 93.66  ? 176 TRP A CE3 1 
ATOM   1412 C CZ2 . TRP A 1 178 ? -1.879  15.629  11.063  1.00 94.26  ? 176 TRP A CZ2 1 
ATOM   1413 C CZ3 . TRP A 1 178 ? -3.820  14.186  10.973  1.00 89.08  ? 176 TRP A CZ3 1 
ATOM   1414 C CH2 . TRP A 1 178 ? -2.659  14.646  11.613  1.00 93.60  ? 176 TRP A CH2 1 
ATOM   1415 N N   . PRO A 1 179 ? -7.639  18.090  5.673   1.00 100.91 ? 177 PRO A N   1 
ATOM   1416 C CA  . PRO A 1 179 ? -8.781  17.951  4.774   1.00 99.59  ? 177 PRO A CA  1 
ATOM   1417 C C   . PRO A 1 179 ? -8.374  17.421  3.396   1.00 97.07  ? 177 PRO A C   1 
ATOM   1418 O O   . PRO A 1 179 ? -9.015  16.505  2.875   1.00 100.10 ? 177 PRO A O   1 
ATOM   1419 C CB  . PRO A 1 179 ? -9.316  19.386  4.654   1.00 99.80  ? 177 PRO A CB  1 
ATOM   1420 C CG  . PRO A 1 179 ? -8.693  20.139  5.795   1.00 97.90  ? 177 PRO A CG  1 
ATOM   1421 C CD  . PRO A 1 179 ? -7.385  19.491  6.049   1.00 100.27 ? 177 PRO A CD  1 
ATOM   1422 N N   . ARG A 1 180 ? -7.320  17.992  2.816   1.00 92.06  ? 178 ARG A N   1 
ATOM   1423 C CA  . ARG A 1 180 ? -6.843  17.558  1.507   1.00 87.09  ? 178 ARG A CA  1 
ATOM   1424 C C   . ARG A 1 180 ? -6.566  16.061  1.512   1.00 87.30  ? 178 ARG A C   1 
ATOM   1425 O O   . ARG A 1 180 ? -6.975  15.342  0.599   1.00 90.35  ? 178 ARG A O   1 
ATOM   1426 C CB  . ARG A 1 180 ? -5.592  18.330  1.089   1.00 81.14  ? 178 ARG A CB  1 
ATOM   1427 C CG  . ARG A 1 180 ? -5.708  19.841  1.271   1.00 87.38  ? 178 ARG A CG  1 
ATOM   1428 C CD  . ARG A 1 180 ? -4.640  20.597  0.478   1.00 90.21  ? 178 ARG A CD  1 
ATOM   1429 N NE  . ARG A 1 180 ? -5.215  21.208  -0.714  1.00 97.98  ? 178 ARG A NE  1 
ATOM   1430 C CZ  . ARG A 1 180 ? -5.647  22.460  -0.761  1.00 99.17  ? 178 ARG A CZ  1 
ATOM   1431 N NH1 . ARG A 1 180 ? -5.544  23.231  0.310   1.00 101.16 ? 178 ARG A NH1 1 
ATOM   1432 N NH2 . ARG A 1 180 ? -6.176  22.948  -1.875  1.00 109.43 ? 178 ARG A NH2 1 
ATOM   1433 N N   . ILE A 1 181 ? -5.883  15.587  2.547   1.00 84.37  ? 179 ILE A N   1 
ATOM   1434 C CA  . ILE A 1 181 ? -5.614  14.159  2.670   1.00 80.54  ? 179 ILE A CA  1 
ATOM   1435 C C   . ILE A 1 181 ? -6.900  13.367  2.745   1.00 83.63  ? 179 ILE A C   1 
ATOM   1436 O O   . ILE A 1 181 ? -7.008  12.286  2.162   1.00 89.00  ? 179 ILE A O   1 
ATOM   1437 C CB  . ILE A 1 181 ? -4.756  13.836  3.890   1.00 80.10  ? 179 ILE A CB  1 
ATOM   1438 C CG1 . ILE A 1 181 ? -3.333  14.378  3.684   1.00 86.47  ? 179 ILE A CG1 1 
ATOM   1439 C CG2 . ILE A 1 181 ? -4.754  12.333  4.143   1.00 71.39  ? 179 ILE A CG2 1 
ATOM   1440 C CD1 . ILE A 1 181 ? -2.315  13.859  4.680   1.00 85.63  ? 179 ILE A CD1 1 
ATOM   1441 N N   . LEU A 1 182 ? -7.880  13.898  3.467   1.00 85.98  ? 180 LEU A N   1 
ATOM   1442 C CA  . LEU A 1 182 ? -9.180  13.236  3.549   1.00 88.59  ? 180 LEU A CA  1 
ATOM   1443 C C   . LEU A 1 182 ? -9.848  13.228  2.187   1.00 87.10  ? 180 LEU A C   1 
ATOM   1444 O O   . LEU A 1 182 ? -10.431 12.221  1.777   1.00 85.29  ? 180 LEU A O   1 
ATOM   1445 C CB  . LEU A 1 182 ? -10.075 13.918  4.578   1.00 91.51  ? 180 LEU A CB  1 
ATOM   1446 C CG  . LEU A 1 182 ? -9.848  13.422  6.005   1.00 100.16 ? 180 LEU A CG  1 
ATOM   1447 C CD1 . LEU A 1 182 ? -10.567 14.315  7.008   1.00 102.57 ? 180 LEU A CD1 1 
ATOM   1448 C CD2 . LEU A 1 182 ? -10.300 11.973  6.125   1.00 95.16  ? 180 LEU A CD2 1 
ATOM   1449 N N   . ALA A 1 183 ? -9.749  14.355  1.486   1.00 84.50  ? 181 ALA A N   1 
ATOM   1450 C CA  . ALA A 1 183 ? -10.242 14.454  0.115   1.00 85.90  ? 181 ALA A CA  1 
ATOM   1451 C C   . ALA A 1 183 ? -9.559  13.401  -0.760  1.00 88.09  ? 181 ALA A C   1 
ATOM   1452 O O   . ALA A 1 183 ? -10.222 12.613  -1.438  1.00 90.42  ? 181 ALA A O   1 
ATOM   1453 C CB  . ALA A 1 183 ? -10.005 15.860  -0.440  1.00 80.07  ? 181 ALA A CB  1 
ATOM   1454 N N   . TYR A 1 184 ? -8.228  13.392  -0.718  1.00 87.28  ? 182 TYR A N   1 
ATOM   1455 C CA  . TYR A 1 184 ? -7.401  12.421  -1.427  1.00 88.36  ? 182 TYR A CA  1 
ATOM   1456 C C   . TYR A 1 184 ? -7.849  10.981  -1.177  1.00 90.99  ? 182 TYR A C   1 
ATOM   1457 O O   . TYR A 1 184 ? -7.998  10.189  -2.109  1.00 90.38  ? 182 TYR A O   1 
ATOM   1458 C CB  . TYR A 1 184 ? -5.954  12.609  -0.983  1.00 87.25  ? 182 TYR A CB  1 
ATOM   1459 C CG  . TYR A 1 184 ? -4.941  11.649  -1.568  1.00 92.64  ? 182 TYR A CG  1 
ATOM   1460 C CD1 . TYR A 1 184 ? -4.356  11.885  -2.809  1.00 87.98  ? 182 TYR A CD1 1 
ATOM   1461 C CD2 . TYR A 1 184 ? -4.534  10.526  -0.859  1.00 88.08  ? 182 TYR A CD2 1 
ATOM   1462 C CE1 . TYR A 1 184 ? -3.407  11.014  -3.333  1.00 85.27  ? 182 TYR A CE1 1 
ATOM   1463 C CE2 . TYR A 1 184 ? -3.583  9.654   -1.374  1.00 85.88  ? 182 TYR A CE2 1 
ATOM   1464 C CZ  . TYR A 1 184 ? -3.021  9.906   -2.606  1.00 87.63  ? 182 TYR A CZ  1 
ATOM   1465 O OH  . TYR A 1 184 ? -2.077  9.035   -3.105  1.00 91.47  ? 182 TYR A OH  1 
ATOM   1466 N N   . LEU A 1 185 ? -8.066  10.637  0.083   1.00 88.98  ? 183 LEU A N   1 
ATOM   1467 C CA  . LEU A 1 185 ? -8.513  9.295   0.408   1.00 90.58  ? 183 LEU A CA  1 
ATOM   1468 C C   . LEU A 1 185 ? -9.826  8.919   -0.259  1.00 90.58  ? 183 LEU A C   1 
ATOM   1469 O O   . LEU A 1 185 ? -9.981  7.801   -0.733  1.00 93.25  ? 183 LEU A O   1 
ATOM   1470 C CB  . LEU A 1 185 ? -8.644  9.146   1.912   1.00 95.71  ? 183 LEU A CB  1 
ATOM   1471 C CG  . LEU A 1 185 ? -7.396  8.556   2.552   1.00 106.96 ? 183 LEU A CG  1 
ATOM   1472 C CD1 . LEU A 1 185 ? -7.374  8.856   4.043   1.00 105.25 ? 183 LEU A CD1 1 
ATOM   1473 C CD2 . LEU A 1 185 ? -7.368  7.053   2.280   1.00 113.39 ? 183 LEU A CD2 1 
ATOM   1474 N N   . GLU A 1 186 ? -10.784 9.838   -0.270  1.00 93.33  ? 184 GLU A N   1 
ATOM   1475 C CA  . GLU A 1 186 ? -12.085 9.577   -0.888  1.00 95.89  ? 184 GLU A CA  1 
ATOM   1476 C C   . GLU A 1 186 ? -11.926 9.438   -2.404  1.00 95.48  ? 184 GLU A C   1 
ATOM   1477 O O   . GLU A 1 186 ? -12.588 8.622   -3.059  1.00 95.30  ? 184 GLU A O   1 
ATOM   1478 C CB  . GLU A 1 186 ? -13.069 10.707  -0.566  1.00 97.95  ? 184 GLU A CB  1 
ATOM   1479 C CG  . GLU A 1 186 ? -13.619 10.699  0.859   1.00 107.62 ? 184 GLU A CG  1 
ATOM   1480 C CD  . GLU A 1 186 ? -14.333 11.997  1.223   1.00 124.10 ? 184 GLU A CD  1 
ATOM   1481 O OE1 . GLU A 1 186 ? -14.122 13.013  0.523   1.00 137.06 ? 184 GLU A OE1 1 
ATOM   1482 O OE2 . GLU A 1 186 ? -15.101 12.008  2.213   1.00 125.68 ? 184 GLU A OE2 1 
ATOM   1483 N N   . ARG A 1 187 ? -11.040 10.261  -2.948  1.00 90.72  ? 185 ARG A N   1 
ATOM   1484 C CA  . ARG A 1 187 ? -10.674 10.213  -4.348  1.00 83.51  ? 185 ARG A CA  1 
ATOM   1485 C C   . ARG A 1 187 ? -10.173 8.811   -4.719  1.00 85.40  ? 185 ARG A C   1 
ATOM   1486 O O   . ARG A 1 187 ? -10.602 8.222   -5.708  1.00 85.03  ? 185 ARG A O   1 
ATOM   1487 C CB  . ARG A 1 187 ? -9.579  11.244  -4.584  1.00 78.94  ? 185 ARG A CB  1 
ATOM   1488 C CG  . ARG A 1 187 ? -9.705  11.975  -5.872  1.00 79.62  ? 185 ARG A CG  1 
ATOM   1489 C CD  . ARG A 1 187 ? -9.420  13.441  -5.661  1.00 88.81  ? 185 ARG A CD  1 
ATOM   1490 N NE  . ARG A 1 187 ? -8.079  13.669  -5.142  1.00 81.41  ? 185 ARG A NE  1 
ATOM   1491 C CZ  . ARG A 1 187 ? -7.752  14.713  -4.393  1.00 91.27  ? 185 ARG A CZ  1 
ATOM   1492 N NH1 . ARG A 1 187 ? -8.671  15.614  -4.071  1.00 88.41  ? 185 ARG A NH1 1 
ATOM   1493 N NH2 . ARG A 1 187 ? -6.510  14.850  -3.955  1.00 91.47  ? 185 ARG A NH2 1 
ATOM   1494 N N   . ASN A 1 188 ? -9.253  8.279   -3.924  1.00 88.89  ? 186 ASN A N   1 
ATOM   1495 C CA  . ASN A 1 188 ? -8.740  6.937   -4.170  1.00 87.03  ? 186 ASN A CA  1 
ATOM   1496 C C   . ASN A 1 188 ? -9.837  5.896   -4.115  1.00 87.79  ? 186 ASN A C   1 
ATOM   1497 O O   . ASN A 1 188 ? -9.972  5.074   -5.018  1.00 89.08  ? 186 ASN A O   1 
ATOM   1498 C CB  . ASN A 1 188 ? -7.631  6.584   -3.181  1.00 85.15  ? 186 ASN A CB  1 
ATOM   1499 C CG  . ASN A 1 188 ? -6.266  6.981   -3.685  1.00 93.39  ? 186 ASN A CG  1 
ATOM   1500 O OD1 . ASN A 1 188 ? -5.627  6.229   -4.430  1.00 102.42 ? 186 ASN A OD1 1 
ATOM   1501 N ND2 . ASN A 1 188 ? -5.809  8.168   -3.291  1.00 91.65  ? 186 ASN A ND2 1 
ATOM   1502 N N   . GLN A 1 189 ? -10.635 5.938   -3.059  1.00 90.47  ? 187 GLN A N   1 
ATOM   1503 C CA  . GLN A 1 189 ? -11.597 4.876   -2.831  1.00 94.15  ? 187 GLN A CA  1 
ATOM   1504 C C   . GLN A 1 189 ? -12.748 4.855   -3.817  1.00 93.36  ? 187 GLN A C   1 
ATOM   1505 O O   . GLN A 1 189 ? -13.397 3.825   -3.975  1.00 95.32  ? 187 GLN A O   1 
ATOM   1506 C CB  . GLN A 1 189 ? -12.091 4.910   -1.400  1.00 95.95  ? 187 GLN A CB  1 
ATOM   1507 C CG  . GLN A 1 189 ? -10.969 4.585   -0.442  1.00 114.02 ? 187 GLN A CG  1 
ATOM   1508 C CD  . GLN A 1 189 ? -11.322 4.910   0.976   1.00 124.84 ? 187 GLN A CD  1 
ATOM   1509 O OE1 . GLN A 1 189 ? -12.494 5.101   1.302   1.00 126.73 ? 187 GLN A OE1 1 
ATOM   1510 N NE2 . GLN A 1 189 ? -10.311 4.983   1.836   1.00 127.31 ? 187 GLN A NE2 1 
ATOM   1511 N N   . ALA A 1 190 ? -12.981 5.973   -4.503  1.00 92.64  ? 188 ALA A N   1 
ATOM   1512 C CA  . ALA A 1 190 ? -14.053 6.047   -5.499  1.00 89.39  ? 188 ALA A CA  1 
ATOM   1513 C C   . ALA A 1 190 ? -13.684 5.369   -6.816  1.00 92.44  ? 188 ALA A C   1 
ATOM   1514 O O   . ALA A 1 190 ? -14.540 5.181   -7.681  1.00 97.89  ? 188 ALA A O   1 
ATOM   1515 C CB  . ALA A 1 190 ? -14.447 7.483   -5.748  1.00 86.03  ? 188 ALA A CB  1 
ATOM   1516 N N   . ARG A 1 191 ? -12.413 5.008   -6.971  1.00 88.91  ? 189 ARG A N   1 
ATOM   1517 C CA  . ARG A 1 191 ? -11.951 4.388   -8.206  1.00 85.66  ? 189 ARG A CA  1 
ATOM   1518 C C   . ARG A 1 191 ? -12.392 2.934   -8.286  1.00 87.42  ? 189 ARG A C   1 
ATOM   1519 O O   . ARG A 1 191 ? -12.135 2.152   -7.376  1.00 89.15  ? 189 ARG A O   1 
ATOM   1520 C CB  . ARG A 1 191 ? -10.436 4.485   -8.315  1.00 82.65  ? 189 ARG A CB  1 
ATOM   1521 C CG  . ARG A 1 191 ? -9.939  5.906   -8.384  1.00 85.03  ? 189 ARG A CG  1 
ATOM   1522 C CD  . ARG A 1 191 ? -8.440  5.940   -8.413  1.00 86.88  ? 189 ARG A CD  1 
ATOM   1523 N NE  . ARG A 1 191 ? -7.908  5.220   -9.562  1.00 90.53  ? 189 ARG A NE  1 
ATOM   1524 C CZ  . ARG A 1 191 ? -7.565  5.806   -10.704 1.00 87.37  ? 189 ARG A CZ  1 
ATOM   1525 N NH1 . ARG A 1 191 ? -7.705  7.114   -10.848 1.00 91.38  ? 189 ARG A NH1 1 
ATOM   1526 N NH2 . ARG A 1 191 ? -7.081  5.088   -11.700 1.00 86.55  ? 189 ARG A NH2 1 
ATOM   1527 N N   . PRO A 1 192 ? -13.050 2.571   -9.390  1.00 86.76  ? 190 PRO A N   1 
ATOM   1528 C CA  . PRO A 1 192 ? -13.668 1.266   -9.594  1.00 86.62  ? 190 PRO A CA  1 
ATOM   1529 C C   . PRO A 1 192 ? -12.753 0.073   -9.321  1.00 86.86  ? 190 PRO A C   1 
ATOM   1530 O O   . PRO A 1 192 ? -13.231 -0.973  -8.884  1.00 90.64  ? 190 PRO A O   1 
ATOM   1531 C CB  . PRO A 1 192 ? -14.071 1.308   -11.066 1.00 86.82  ? 190 PRO A CB  1 
ATOM   1532 C CG  . PRO A 1 192 ? -14.355 2.757   -11.309 1.00 81.42  ? 190 PRO A CG  1 
ATOM   1533 C CD  . PRO A 1 192 ? -13.314 3.488   -10.513 1.00 83.97  ? 190 PRO A CD  1 
ATOM   1534 N N   . ALA A 1 193 ? -11.457 0.218   -9.580  1.00 86.03  ? 191 ALA A N   1 
ATOM   1535 C CA  . ALA A 1 193 ? -10.510 -0.877  -9.348  1.00 83.68  ? 191 ALA A CA  1 
ATOM   1536 C C   . ALA A 1 193 ? -10.240 -1.024  -7.863  1.00 87.77  ? 191 ALA A C   1 
ATOM   1537 O O   . ALA A 1 193 ? -9.999  -2.130  -7.373  1.00 92.27  ? 191 ALA A O   1 
ATOM   1538 C CB  . ALA A 1 193 ? -9.213  -0.631  -10.085 1.00 84.90  ? 191 ALA A CB  1 
ATOM   1539 N N   . VAL A 1 194 ? -10.271 0.106   -7.156  1.00 86.67  ? 192 VAL A N   1 
ATOM   1540 C CA  . VAL A 1 194 ? -10.130 0.136   -5.703  1.00 85.29  ? 192 VAL A CA  1 
ATOM   1541 C C   . VAL A 1 194 ? -11.377 -0.451  -5.052  1.00 87.99  ? 192 VAL A C   1 
ATOM   1542 O O   . VAL A 1 194 ? -11.293 -1.274  -4.151  1.00 91.18  ? 192 VAL A O   1 
ATOM   1543 C CB  . VAL A 1 194 ? -9.955  1.566   -5.193  1.00 83.68  ? 192 VAL A CB  1 
ATOM   1544 C CG1 . VAL A 1 194 ? -9.762  1.555   -3.692  1.00 78.83  ? 192 VAL A CG1 1 
ATOM   1545 C CG2 . VAL A 1 194 ? -8.778  2.242   -5.897  1.00 78.36  ? 192 VAL A CG2 1 
ATOM   1546 N N   . GLN A 1 195 ? -12.536 -0.007  -5.516  1.00 89.26  ? 193 GLN A N   1 
ATOM   1547 C CA  . GLN A 1 195 ? -13.800 -0.611  -5.140  1.00 88.26  ? 193 GLN A CA  1 
ATOM   1548 C C   . GLN A 1 195 ? -13.727 -2.121  -5.243  1.00 88.93  ? 193 GLN A C   1 
ATOM   1549 O O   . GLN A 1 195 ? -13.963 -2.837  -4.275  1.00 88.20  ? 193 GLN A O   1 
ATOM   1550 C CB  . GLN A 1 195 ? -14.894 -0.117  -6.080  1.00 90.56  ? 193 GLN A CB  1 
ATOM   1551 C CG  . GLN A 1 195 ? -15.353 1.276   -5.777  1.00 101.13 ? 193 GLN A CG  1 
ATOM   1552 C CD  . GLN A 1 195 ? -15.747 1.409   -4.334  1.00 109.06 ? 193 GLN A CD  1 
ATOM   1553 O OE1 . GLN A 1 195 ? -16.314 0.484   -3.751  1.00 128.50 ? 193 GLN A OE1 1 
ATOM   1554 N NE2 . GLN A 1 195 ? -15.434 2.548   -3.734  1.00 111.33 ? 193 GLN A NE2 1 
ATOM   1555 N N   . ALA A 1 196 ? -13.411 -2.590  -6.445  1.00 90.55  ? 194 ALA A N   1 
ATOM   1556 C CA  . ALA A 1 196 ? -13.450 -4.007  -6.772  1.00 90.45  ? 194 ALA A CA  1 
ATOM   1557 C C   . ALA A 1 196 ? -12.520 -4.819  -5.883  1.00 94.46  ? 194 ALA A C   1 
ATOM   1558 O O   . ALA A 1 196 ? -12.831 -5.953  -5.519  1.00 98.09  ? 194 ALA A O   1 
ATOM   1559 C CB  . ALA A 1 196 ? -13.099 -4.212  -8.235  1.00 83.57  ? 194 ALA A CB  1 
ATOM   1560 N N   . ALA A 1 197 ? -11.371 -4.246  -5.544  1.00 95.18  ? 195 ALA A N   1 
ATOM   1561 C CA  . ALA A 1 197 ? -10.414 -4.942  -4.698  1.00 96.42  ? 195 ALA A CA  1 
ATOM   1562 C C   . ALA A 1 197 ? -10.914 -4.962  -3.260  1.00 98.03  ? 195 ALA A C   1 
ATOM   1563 O O   . ALA A 1 197 ? -10.862 -5.994  -2.595  1.00 97.66  ? 195 ALA A O   1 
ATOM   1564 C CB  . ALA A 1 197 ? -9.041  -4.288  -4.781  1.00 95.85  ? 195 ALA A CB  1 
ATOM   1565 N N   . MET A 1 198 ? -11.396 -3.812  -2.791  1.00 97.93  ? 196 MET A N   1 
ATOM   1566 C CA  . MET A 1 198 ? -11.945 -3.695  -1.446  1.00 97.88  ? 196 MET A CA  1 
ATOM   1567 C C   . MET A 1 198 ? -13.120 -4.639  -1.248  1.00 101.08 ? 196 MET A C   1 
ATOM   1568 O O   . MET A 1 198 ? -13.230 -5.293  -0.215  1.00 102.87 ? 196 MET A O   1 
ATOM   1569 C CB  . MET A 1 198 ? -12.358 -2.257  -1.141  1.00 96.57  ? 196 MET A CB  1 
ATOM   1570 C CG  . MET A 1 198 ? -11.255 -1.447  -0.471  1.00 100.29 ? 196 MET A CG  1 
ATOM   1571 S SD  . MET A 1 198 ? -11.708 0.263   -0.123  1.00 110.11 ? 196 MET A SD  1 
ATOM   1572 C CE  . MET A 1 198 ? -13.210 0.046   0.842   1.00 119.26 ? 196 MET A CE  1 
ATOM   1573 N N   . LYS A 1 199 ? -14.002 -4.713  -2.237  1.00 102.14 ? 197 LYS A N   1 
ATOM   1574 C CA  . LYS A 1 199 ? -15.065 -5.704  -2.199  1.00 100.70 ? 197 LYS A CA  1 
ATOM   1575 C C   . LYS A 1 199 ? -14.437 -7.095  -2.167  1.00 101.75 ? 197 LYS A C   1 
ATOM   1576 O O   . LYS A 1 199 ? -14.719 -7.881  -1.272  1.00 103.34 ? 197 LYS A O   1 
ATOM   1577 C CB  . LYS A 1 199 ? -15.999 -5.551  -3.398  1.00 99.73  ? 197 LYS A CB  1 
ATOM   1578 C CG  . LYS A 1 199 ? -16.744 -4.220  -3.424  1.00 104.36 ? 197 LYS A CG  1 
ATOM   1579 C CD  . LYS A 1 199 ? -17.488 -3.975  -4.748  1.00 101.53 ? 197 LYS A CD  1 
ATOM   1580 C CE  . LYS A 1 199 ? -18.443 -2.783  -4.622  1.00 107.72 ? 197 LYS A CE  1 
ATOM   1581 N NZ  . LYS A 1 199 ? -18.887 -2.234  -5.932  1.00 106.93 ? 197 LYS A NZ  1 
ATOM   1582 N N   . ALA A 1 200 ? -13.565 -7.385  -3.129  1.00 102.49 ? 198 ALA A N   1 
ATOM   1583 C CA  . ALA A 1 200 ? -12.910 -8.691  -3.204  1.00 101.31 ? 198 ALA A CA  1 
ATOM   1584 C C   . ALA A 1 200 ? -12.271 -9.105  -1.882  1.00 104.37 ? 198 ALA A C   1 
ATOM   1585 O O   . ALA A 1 200 ? -12.332 -10.268 -1.504  1.00 106.21 ? 198 ALA A O   1 
ATOM   1586 C CB  . ALA A 1 200 ? -11.879 -8.712  -4.312  1.00 99.28  ? 198 ALA A CB  1 
ATOM   1587 N N   . GLU A 1 201 ? -11.651 -8.161  -1.182  1.00 108.84 ? 199 GLU A N   1 
ATOM   1588 C CA  . GLU A 1 201 ? -11.008 -8.471  0.099   1.00 114.67 ? 199 GLU A CA  1 
ATOM   1589 C C   . GLU A 1 201 ? -11.999 -8.490  1.272   1.00 117.44 ? 199 GLU A C   1 
ATOM   1590 O O   . GLU A 1 201 ? -11.619 -8.782  2.405   1.00 120.64 ? 199 GLU A O   1 
ATOM   1591 C CB  . GLU A 1 201 ? -9.857  -7.497  0.396   1.00 115.14 ? 199 GLU A CB  1 
ATOM   1592 C CG  . GLU A 1 201 ? -8.555  -7.782  -0.360  1.00 119.11 ? 199 GLU A CG  1 
ATOM   1593 C CD  . GLU A 1 201 ? -7.387  -6.966  0.173   1.00 122.19 ? 199 GLU A CD  1 
ATOM   1594 O OE1 . GLU A 1 201 ? -7.538  -6.364  1.254   1.00 129.30 ? 199 GLU A OE1 1 
ATOM   1595 O OE2 . GLU A 1 201 ? -6.319  -6.921  -0.476  1.00 128.20 ? 199 GLU A OE2 1 
ATOM   1596 N N   . GLY A 1 202 ? -13.263 -8.175  0.996   1.00 118.00 ? 200 GLY A N   1 
ATOM   1597 C CA  . GLY A 1 202 ? -14.306 -8.195  2.017   1.00 113.15 ? 200 GLY A CA  1 
ATOM   1598 C C   . GLY A 1 202 ? -14.430 -6.912  2.822   1.00 117.61 ? 200 GLY A C   1 
ATOM   1599 O O   . GLY A 1 202 ? -15.247 -6.829  3.733   1.00 122.43 ? 200 GLY A O   1 
ATOM   1600 N N   . LEU A 1 203 ? -13.638 -5.898  2.487   1.00 118.66 ? 201 LEU A N   1 
ATOM   1601 C CA  . LEU A 1 203 ? -13.642 -4.645  3.256   1.00 119.78 ? 201 LEU A CA  1 
ATOM   1602 C C   . LEU A 1 203 ? -14.932 -3.806  3.157   1.00 123.14 ? 201 LEU A C   1 
ATOM   1603 O O   . LEU A 1 203 ? -15.039 -2.760  3.802   1.00 124.67 ? 201 LEU A O   1 
ATOM   1604 C CB  . LEU A 1 203 ? -12.429 -3.779  2.888   1.00 117.84 ? 201 LEU A CB  1 
ATOM   1605 C CG  . LEU A 1 203 ? -11.085 -4.503  2.787   1.00 117.50 ? 201 LEU A CG  1 
ATOM   1606 C CD1 . LEU A 1 203 ? -9.924  -3.515  2.833   1.00 108.79 ? 201 LEU A CD1 1 
ATOM   1607 C CD2 . LEU A 1 203 ? -10.959 -5.530  3.897   1.00 113.74 ? 201 LEU A CD2 1 
ATOM   1608 N N   . ILE A 1 204 ? -15.905 -4.246  2.360   1.00 124.24 ? 202 ILE A N   1 
ATOM   1609 C CA  . ILE A 1 204 ? -17.133 -3.463  2.197   1.00 127.41 ? 202 ILE A CA  1 
ATOM   1610 C C   . ILE A 1 204 ? -18.407 -4.228  2.576   1.00 129.91 ? 202 ILE A C   1 
ATOM   1611 O O   . ILE A 1 204 ? -18.894 -5.072  1.821   1.00 131.52 ? 202 ILE A O   1 
ATOM   1612 C CB  . ILE A 1 204 ? -17.263 -2.884  0.768   1.00 127.04 ? 202 ILE A CB  1 
ATOM   1613 C CG1 . ILE A 1 204 ? -16.081 -1.960  0.453   1.00 124.46 ? 202 ILE A CG1 1 
ATOM   1614 C CG2 . ILE A 1 204 ? -18.574 -2.125  0.621   1.00 130.91 ? 202 ILE A CG2 1 
ATOM   1615 C CD1 . ILE A 1 204 ? -16.089 -1.401  -0.960  1.00 113.76 ? 202 ILE A CD1 1 
HETATM 1616 C C1  . GOL B 2 .   ? 8.802   14.389  -4.032  1.00 118.71 ? 226 GOL A C1  1 
HETATM 1617 O O1  . GOL B 2 .   ? 9.100   15.751  -4.273  1.00 125.77 ? 226 GOL A O1  1 
HETATM 1618 C C2  . GOL B 2 .   ? 8.582   14.188  -2.531  1.00 118.55 ? 226 GOL A C2  1 
HETATM 1619 O O2  . GOL B 2 .   ? 9.681   14.677  -1.781  1.00 112.52 ? 226 GOL A O2  1 
HETATM 1620 C C3  . GOL B 2 .   ? 8.416   12.706  -2.219  1.00 111.96 ? 226 GOL A C3  1 
HETATM 1621 O O3  . GOL B 2 .   ? 8.978   12.460  -0.943  1.00 100.16 ? 226 GOL A O3  1 
HETATM 1622 O O   . HOH C 3 .   ? -7.673  -7.883  -13.473 1.00 88.01  ? 227 HOH A O   1 
HETATM 1623 O O   . HOH C 3 .   ? 0.382   9.910   -8.393  1.00 76.09  ? 228 HOH A O   1 
HETATM 1624 O O   . HOH C 3 .   ? -15.901 -1.242  -9.088  1.00 86.58  ? 229 HOH A O   1 
# 
loop_
_pdbx_poly_seq_scheme.asym_id 
_pdbx_poly_seq_scheme.entity_id 
_pdbx_poly_seq_scheme.seq_id 
_pdbx_poly_seq_scheme.mon_id 
_pdbx_poly_seq_scheme.ndb_seq_num 
_pdbx_poly_seq_scheme.pdb_seq_num 
_pdbx_poly_seq_scheme.auth_seq_num 
_pdbx_poly_seq_scheme.pdb_mon_id 
_pdbx_poly_seq_scheme.auth_mon_id 
_pdbx_poly_seq_scheme.pdb_strand_id 
_pdbx_poly_seq_scheme.pdb_ins_code 
_pdbx_poly_seq_scheme.hetero 
A 1 1   MET 1   -1  ?   ?   ?   A . n 
A 1 2   VAL 2   0   0   VAL VAL A . n 
A 1 3   MET 3   1   1   MET MET A . n 
A 1 4   LYS 4   2   2   LYS LYS A . n 
A 1 5   LEU 5   3   3   LEU LEU A . n 
A 1 6   TYR 6   4   4   TYR TYR A . n 
A 1 7   TYR 7   5   5   TYR TYR A . n 
A 1 8   PHE 8   6   6   PHE PHE A . n 
A 1 9   PRO 9   7   7   PRO PRO A . n 
A 1 10  GLY 10  8   8   GLY GLY A . n 
A 1 11  ALA 11  9   9   ALA ALA A . n 
A 1 12  CYS 12  10  10  CYS CYS A . n 
A 1 13  SER 13  11  11  SER SER A . n 
A 1 14  LEU 14  12  12  LEU LEU A . n 
A 1 15  ALA 15  13  13  ALA ALA A . n 
A 1 16  PRO 16  14  14  PRO PRO A . n 
A 1 17  HIS 17  15  15  HIS HIS A . n 
A 1 18  ILE 18  16  16  ILE ILE A . n 
A 1 19  VAL 19  17  17  VAL VAL A . n 
A 1 20  LEU 20  18  18  LEU LEU A . n 
A 1 21  ARG 21  19  19  ARG ARG A . n 
A 1 22  GLU 22  20  20  GLU GLU A . n 
A 1 23  ALA 23  21  21  ALA ALA A . n 
A 1 24  GLY 24  22  22  GLY GLY A . n 
A 1 25  LEU 25  23  23  LEU LEU A . n 
A 1 26  ASP 26  24  24  ASP ASP A . n 
A 1 27  PHE 27  25  25  PHE PHE A . n 
A 1 28  GLU 28  26  26  GLU GLU A . n 
A 1 29  LEU 29  27  27  LEU LEU A . n 
A 1 30  GLU 30  28  28  GLU GLU A . n 
A 1 31  ASN 31  29  29  ASN ASN A . n 
A 1 32  VAL 32  30  30  VAL VAL A . n 
A 1 33  ASP 33  31  31  ASP ASP A . n 
A 1 34  LEU 34  32  32  LEU LEU A . n 
A 1 35  GLY 35  33  33  GLY GLY A . n 
A 1 36  THR 36  34  34  THR THR A . n 
A 1 37  LYS 37  35  35  LYS LYS A . n 
A 1 38  LYS 38  36  36  LYS LYS A . n 
A 1 39  THR 39  37  37  THR THR A . n 
A 1 40  GLY 40  38  38  GLY GLY A . n 
A 1 41  SER 41  39  39  SER SER A . n 
A 1 42  GLY 42  40  40  GLY GLY A . n 
A 1 43  ALA 43  41  41  ALA ALA A . n 
A 1 44  ASP 44  42  42  ASP ASP A . n 
A 1 45  PHE 45  43  43  PHE PHE A . n 
A 1 46  LEU 46  44  44  LEU LEU A . n 
A 1 47  GLN 47  45  45  GLN GLN A . n 
A 1 48  VAL 48  46  46  VAL VAL A . n 
A 1 49  ASN 49  47  47  ASN ASN A . n 
A 1 50  PRO 50  48  48  PRO PRO A . n 
A 1 51  LYS 51  49  49  LYS LYS A . n 
A 1 52  GLY 52  50  50  GLY GLY A . n 
A 1 53  TYR 53  51  51  TYR TYR A . n 
A 1 54  VAL 54  52  52  VAL VAL A . n 
A 1 55  PRO 55  53  53  PRO PRO A . n 
A 1 56  ALA 56  54  54  ALA ALA A . n 
A 1 57  LEU 57  55  55  LEU LEU A . n 
A 1 58  GLN 58  56  56  GLN GLN A . n 
A 1 59  LEU 59  57  57  LEU LEU A . n 
A 1 60  ASP 60  58  58  ASP ASP A . n 
A 1 61  ASP 61  59  59  ASP ASP A . n 
A 1 62  GLY 62  60  60  GLY GLY A . n 
A 1 63  GLN 63  61  61  GLN GLN A . n 
A 1 64  VAL 64  62  62  VAL VAL A . n 
A 1 65  LEU 65  63  63  LEU LEU A . n 
A 1 66  THR 66  64  64  THR THR A . n 
A 1 67  GLU 67  65  65  GLU GLU A . n 
A 1 68  ASP 68  66  66  ASP ASP A . n 
A 1 69  GLN 69  67  67  GLN GLN A . n 
A 1 70  VAL 70  68  68  VAL VAL A . n 
A 1 71  ILE 71  69  69  ILE ILE A . n 
A 1 72  LEU 72  70  70  LEU LEU A . n 
A 1 73  GLN 73  71  71  GLN GLN A . n 
A 1 74  TYR 74  72  72  TYR TYR A . n 
A 1 75  LEU 75  73  73  LEU LEU A . n 
A 1 76  ALA 76  74  74  ALA ALA A . n 
A 1 77  ASP 77  75  75  ASP ASP A . n 
A 1 78  LEU 78  76  76  LEU LEU A . n 
A 1 79  LYS 79  77  77  LYS LYS A . n 
A 1 80  PRO 80  78  78  PRO PRO A . n 
A 1 81  GLU 81  79  79  GLU GLU A . n 
A 1 82  SER 82  80  80  SER SER A . n 
A 1 83  GLY 83  81  81  GLY GLY A . n 
A 1 84  LEU 84  82  82  LEU LEU A . n 
A 1 85  MET 85  83  83  MET MET A . n 
A 1 86  PRO 86  84  84  PRO PRO A . n 
A 1 87  PRO 87  85  85  PRO PRO A . n 
A 1 88  SER 88  86  86  SER SER A . n 
A 1 89  GLY 89  87  87  GLY GLY A . n 
A 1 90  THR 90  88  88  THR THR A . n 
A 1 91  PHE 91  89  89  PHE PHE A . n 
A 1 92  GLU 92  90  90  GLU GLU A . n 
A 1 93  ARG 93  91  91  ARG ARG A . n 
A 1 94  TYR 94  92  92  TYR TYR A . n 
A 1 95  ARG 95  93  93  ARG ARG A . n 
A 1 96  LEU 96  94  94  LEU LEU A . n 
A 1 97  LEU 97  95  95  LEU LEU A . n 
A 1 98  GLU 98  96  96  GLU GLU A . n 
A 1 99  TRP 99  97  97  TRP TRP A . n 
A 1 100 LEU 100 98  98  LEU LEU A . n 
A 1 101 ALA 101 99  99  ALA ALA A . n 
A 1 102 PHE 102 100 100 PHE PHE A . n 
A 1 103 ILE 103 101 101 ILE ILE A . n 
A 1 104 SER 104 102 102 SER SER A . n 
A 1 105 THR 105 103 103 THR THR A . n 
A 1 106 GLU 106 104 104 GLU GLU A . n 
A 1 107 ILE 107 105 105 ILE ILE A . n 
A 1 108 HIS 108 106 106 HIS HIS A . n 
A 1 109 LYS 109 107 107 LYS LYS A . n 
A 1 110 THR 110 108 108 THR THR A . n 
A 1 111 PHE 111 109 109 PHE PHE A . n 
A 1 112 GLY 112 110 110 GLY GLY A . n 
A 1 113 PRO 113 111 111 PRO PRO A . n 
A 1 114 PHE 114 112 112 PHE PHE A . n 
A 1 115 TRP 115 113 113 TRP TRP A . n 
A 1 116 ASN 116 114 114 ASN ASN A . n 
A 1 117 PRO 117 115 115 PRO PRO A . n 
A 1 118 GLU 118 116 116 GLU GLU A . n 
A 1 119 SER 119 117 117 SER SER A . n 
A 1 120 PRO 120 118 118 PRO PRO A . n 
A 1 121 GLU 121 119 119 GLU GLU A . n 
A 1 122 ALA 122 120 120 ALA ALA A . n 
A 1 123 SER 123 121 121 SER SER A . n 
A 1 124 LYS 124 122 122 LYS LYS A . n 
A 1 125 GLN 125 123 123 GLN GLN A . n 
A 1 126 ILE 126 124 124 ILE ILE A . n 
A 1 127 ALA 127 125 125 ALA ALA A . n 
A 1 128 LEU 128 126 126 LEU LEU A . n 
A 1 129 GLY 129 127 127 GLY GLY A . n 
A 1 130 LEU 130 128 128 LEU LEU A . n 
A 1 131 LEU 131 129 129 LEU LEU A . n 
A 1 132 SER 132 130 130 SER SER A . n 
A 1 133 ARG 133 131 131 ARG ARG A . n 
A 1 134 ARG 134 132 132 ARG ARG A . n 
A 1 135 LEU 135 133 133 LEU LEU A . n 
A 1 136 ASP 136 134 134 ASP ASP A . n 
A 1 137 TYR 137 135 135 TYR TYR A . n 
A 1 138 VAL 138 136 136 VAL VAL A . n 
A 1 139 GLU 139 137 137 GLU GLU A . n 
A 1 140 ASP 140 138 138 ASP ASP A . n 
A 1 141 ARG 141 139 139 ARG ARG A . n 
A 1 142 LEU 142 140 140 LEU LEU A . n 
A 1 143 GLU 143 141 141 GLU GLU A . n 
A 1 144 ALA 144 142 142 ALA ALA A . n 
A 1 145 GLY 145 143 143 GLY GLY A . n 
A 1 146 GLY 146 144 144 GLY GLY A . n 
A 1 147 PRO 147 145 145 PRO PRO A . n 
A 1 148 TRP 148 146 146 TRP TRP A . n 
A 1 149 LEU 149 147 147 LEU LEU A . n 
A 1 150 MET 150 148 148 MET MET A . n 
A 1 151 GLY 151 149 149 GLY GLY A . n 
A 1 152 ASP 152 150 150 ASP ASP A . n 
A 1 153 ARG 153 151 151 ARG ARG A . n 
A 1 154 TYR 154 152 152 TYR TYR A . n 
A 1 155 SER 155 153 153 SER SER A . n 
A 1 156 VAL 156 154 154 VAL VAL A . n 
A 1 157 ALA 157 155 155 ALA ALA A . n 
A 1 158 ASP 158 156 156 ASP ASP A . n 
A 1 159 ALA 159 157 157 ALA ALA A . n 
A 1 160 TYR 160 158 158 TYR TYR A . n 
A 1 161 LEU 161 159 159 LEU LEU A . n 
A 1 162 SER 162 160 160 SER SER A . n 
A 1 163 THR 163 161 161 THR THR A . n 
A 1 164 VAL 164 162 162 VAL VAL A . n 
A 1 165 LEU 165 163 163 LEU LEU A . n 
A 1 166 GLY 166 164 164 GLY GLY A . n 
A 1 167 TRP 167 165 165 TRP TRP A . n 
A 1 168 CYS 168 166 166 CYS CYS A . n 
A 1 169 GLU 169 167 167 GLU GLU A . n 
A 1 170 TYR 170 168 168 TYR TYR A . n 
A 1 171 LEU 171 169 169 LEU LEU A . n 
A 1 172 LYS 172 170 170 LYS LYS A . n 
A 1 173 ILE 173 171 171 ILE ILE A . n 
A 1 174 ASP 174 172 172 ASP ASP A . n 
A 1 175 LEU 175 173 173 LEU LEU A . n 
A 1 176 SER 176 174 174 SER SER A . n 
A 1 177 LYS 177 175 175 LYS LYS A . n 
A 1 178 TRP 178 176 176 TRP TRP A . n 
A 1 179 PRO 179 177 177 PRO PRO A . n 
A 1 180 ARG 180 178 178 ARG ARG A . n 
A 1 181 ILE 181 179 179 ILE ILE A . n 
A 1 182 LEU 182 180 180 LEU LEU A . n 
A 1 183 ALA 183 181 181 ALA ALA A . n 
A 1 184 TYR 184 182 182 TYR TYR A . n 
A 1 185 LEU 185 183 183 LEU LEU A . n 
A 1 186 GLU 186 184 184 GLU GLU A . n 
A 1 187 ARG 187 185 185 ARG ARG A . n 
A 1 188 ASN 188 186 186 ASN ASN A . n 
A 1 189 GLN 189 187 187 GLN GLN A . n 
A 1 190 ALA 190 188 188 ALA ALA A . n 
A 1 191 ARG 191 189 189 ARG ARG A . n 
A 1 192 PRO 192 190 190 PRO PRO A . n 
A 1 193 ALA 193 191 191 ALA ALA A . n 
A 1 194 VAL 194 192 192 VAL VAL A . n 
A 1 195 GLN 195 193 193 GLN GLN A . n 
A 1 196 ALA 196 194 194 ALA ALA A . n 
A 1 197 ALA 197 195 195 ALA ALA A . n 
A 1 198 MET 198 196 196 MET MET A . n 
A 1 199 LYS 199 197 197 LYS LYS A . n 
A 1 200 ALA 200 198 198 ALA ALA A . n 
A 1 201 GLU 201 199 199 GLU GLU A . n 
A 1 202 GLY 202 200 200 GLY GLY A . n 
A 1 203 LEU 203 201 201 LEU LEU A . n 
A 1 204 ILE 204 202 202 ILE ILE A . n 
A 1 205 GLN 205 203 ?   ?   ?   A . n 
A 1 206 ALA 206 204 ?   ?   ?   A . n 
A 1 207 GLU 207 205 ?   ?   ?   A . n 
A 1 208 ASN 208 206 ?   ?   ?   A . n 
A 1 209 LEU 209 207 ?   ?   ?   A . n 
A 1 210 TYR 210 208 ?   ?   ?   A . n 
A 1 211 PHE 211 209 ?   ?   ?   A . n 
A 1 212 GLN 212 210 ?   ?   ?   A . n 
A 1 213 SER 213 211 ?   ?   ?   A . n 
A 1 214 HIS 214 212 ?   ?   ?   A . n 
A 1 215 HIS 215 213 ?   ?   ?   A . n 
A 1 216 HIS 216 214 ?   ?   ?   A . n 
A 1 217 HIS 217 215 ?   ?   ?   A . n 
A 1 218 HIS 218 216 ?   ?   ?   A . n 
A 1 219 HIS 219 217 ?   ?   ?   A . n 
A 1 220 TRP 220 218 ?   ?   ?   A . n 
A 1 221 SER 221 219 ?   ?   ?   A . n 
A 1 222 HIS 222 220 ?   ?   ?   A . n 
A 1 223 PRO 223 221 ?   ?   ?   A . n 
A 1 224 GLN 224 222 ?   ?   ?   A . n 
A 1 225 PHE 225 223 ?   ?   ?   A . n 
A 1 226 GLU 226 224 ?   ?   ?   A . n 
A 1 227 LYS 227 225 ?   ?   ?   A . n 
# 
_pdbx_SG_project.id                    1 
_pdbx_SG_project.project_name          'Enzyme Function Initiative' 
_pdbx_SG_project.full_name_of_center   ? 
_pdbx_SG_project.initial_of_center     ? 
# 
loop_
_pdbx_nonpoly_scheme.asym_id 
_pdbx_nonpoly_scheme.entity_id 
_pdbx_nonpoly_scheme.mon_id 
_pdbx_nonpoly_scheme.ndb_seq_num 
_pdbx_nonpoly_scheme.pdb_seq_num 
_pdbx_nonpoly_scheme.auth_seq_num 
_pdbx_nonpoly_scheme.pdb_mon_id 
_pdbx_nonpoly_scheme.auth_mon_id 
_pdbx_nonpoly_scheme.pdb_strand_id 
_pdbx_nonpoly_scheme.pdb_ins_code 
B 2 GOL 1 226 1 GOL GOL A . 
C 3 HOH 1 227 1 HOH HOH A . 
C 3 HOH 2 228 2 HOH HOH A . 
C 3 HOH 3 229 8 HOH HOH A . 
# 
_pdbx_struct_assembly.id                   1 
_pdbx_struct_assembly.details              author_and_software_defined_assembly 
_pdbx_struct_assembly.method_details       PISA 
_pdbx_struct_assembly.oligomeric_details   dimeric 
_pdbx_struct_assembly.oligomeric_count     2 
# 
_pdbx_struct_assembly_gen.assembly_id       1 
_pdbx_struct_assembly_gen.oper_expression   1,2 
_pdbx_struct_assembly_gen.asym_id_list      A,B,C 
# 
loop_
_pdbx_struct_assembly_prop.biol_id 
_pdbx_struct_assembly_prop.type 
_pdbx_struct_assembly_prop.value 
_pdbx_struct_assembly_prop.details 
1 'ABSA (A^2)' 3610  ? 
1 MORE         -13   ? 
1 'SSA (A^2)'  16840 ? 
# 
loop_
_pdbx_struct_oper_list.id 
_pdbx_struct_oper_list.type 
_pdbx_struct_oper_list.name 
_pdbx_struct_oper_list.symmetry_operation 
_pdbx_struct_oper_list.matrix[1][1] 
_pdbx_struct_oper_list.matrix[1][2] 
_pdbx_struct_oper_list.matrix[1][3] 
_pdbx_struct_oper_list.vector[1] 
_pdbx_struct_oper_list.matrix[2][1] 
_pdbx_struct_oper_list.matrix[2][2] 
_pdbx_struct_oper_list.matrix[2][3] 
_pdbx_struct_oper_list.vector[2] 
_pdbx_struct_oper_list.matrix[3][1] 
_pdbx_struct_oper_list.matrix[3][2] 
_pdbx_struct_oper_list.matrix[3][3] 
_pdbx_struct_oper_list.vector[3] 
1 'identity operation'         1_555  x,y,z              1.0000000000  0.0000000000  0.0000000000  0.0000000000  0.0000000000  1.0000000000  0.0000000000 0.0000000000 0.0000000000  0.0000000000 1.0000000000 0.0000000000 
2 'crystal symmetry operation' 18_454 -x-1/4,z+1/4,y-1/4 -0.9364420642 -0.0142245488 -0.3505337680 23.1355488502 -0.0142245488 -0.9968164827 0.0784510169 3.3165615894 -0.3505337680 0.0784510169 0.9332585469 4.0602967966 
# 
loop_
_pdbx_audit_revision_history.ordinal 
_pdbx_audit_revision_history.data_content_type 
_pdbx_audit_revision_history.major_revision 
_pdbx_audit_revision_history.minor_revision 
_pdbx_audit_revision_history.revision_date 
1 'Structure model' 1 0 2011-11-02 
2 'Structure model' 1 1 2012-02-29 
3 'Structure model' 1 2 2018-01-24 
4 'Structure model' 1 3 2023-09-13 
# 
_pdbx_audit_revision_details.ordinal             1 
_pdbx_audit_revision_details.revision_ordinal    1 
_pdbx_audit_revision_details.data_content_type   'Structure model' 
_pdbx_audit_revision_details.provider            repository 
_pdbx_audit_revision_details.type                'Initial release' 
_pdbx_audit_revision_details.description         ? 
_pdbx_audit_revision_details.details             ? 
# 
loop_
_pdbx_audit_revision_group.ordinal 
_pdbx_audit_revision_group.revision_ordinal 
_pdbx_audit_revision_group.data_content_type 
_pdbx_audit_revision_group.group 
1 2 'Structure model' 'Database references'    
2 2 'Structure model' 'Structure summary'      
3 3 'Structure model' 'Structure summary'      
4 4 'Structure model' 'Data collection'        
5 4 'Structure model' 'Database references'    
6 4 'Structure model' 'Derived calculations'   
7 4 'Structure model' 'Refinement description' 
# 
loop_
_pdbx_audit_revision_category.ordinal 
_pdbx_audit_revision_category.revision_ordinal 
_pdbx_audit_revision_category.data_content_type 
_pdbx_audit_revision_category.category 
1 3 'Structure model' audit_author                  
2 4 'Structure model' chem_comp_atom                
3 4 'Structure model' chem_comp_bond                
4 4 'Structure model' database_2                    
5 4 'Structure model' pdbx_initial_refinement_model 
6 4 'Structure model' struct_ref_seq_dif            
7 4 'Structure model' struct_site                   
# 
loop_
_pdbx_audit_revision_item.ordinal 
_pdbx_audit_revision_item.revision_ordinal 
_pdbx_audit_revision_item.data_content_type 
_pdbx_audit_revision_item.item 
1 3 'Structure model' '_audit_author.name'                  
2 4 'Structure model' '_database_2.pdbx_DOI'                
3 4 'Structure model' '_database_2.pdbx_database_accession' 
4 4 'Structure model' '_struct_ref_seq_dif.details'         
5 4 'Structure model' '_struct_site.pdbx_auth_asym_id'      
6 4 'Structure model' '_struct_site.pdbx_auth_comp_id'      
7 4 'Structure model' '_struct_site.pdbx_auth_seq_id'       
# 
loop_
_software.name 
_software.classification 
_software.version 
_software.citation_id 
_software.pdbx_ordinal 
PHASER   phasing          .        ? 1 
REFMAC   refinement       5.5.0109 ? 2 
HKL-2000 'data reduction' .        ? 3 
HKL-2000 'data scaling'   .        ? 4 
# 
loop_
_pdbx_validate_torsion.id 
_pdbx_validate_torsion.PDB_model_num 
_pdbx_validate_torsion.auth_comp_id 
_pdbx_validate_torsion.auth_asym_id 
_pdbx_validate_torsion.auth_seq_id 
_pdbx_validate_torsion.PDB_ins_code 
_pdbx_validate_torsion.label_alt_id 
_pdbx_validate_torsion.phi 
_pdbx_validate_torsion.psi 
1 1 VAL A 46  ? ? -65.07  -72.34 
2 1 ASP A 59  ? ? -59.60  4.53   
3 1 GLU A 65  ? ? 84.21   103.10 
4 1 MET A 83  ? ? -170.15 135.54 
5 1 PRO A 118 ? ? -44.83  177.61 
# 
loop_
_pdbx_unobs_or_zero_occ_residues.id 
_pdbx_unobs_or_zero_occ_residues.PDB_model_num 
_pdbx_unobs_or_zero_occ_residues.polymer_flag 
_pdbx_unobs_or_zero_occ_residues.occupancy_flag 
_pdbx_unobs_or_zero_occ_residues.auth_asym_id 
_pdbx_unobs_or_zero_occ_residues.auth_comp_id 
_pdbx_unobs_or_zero_occ_residues.auth_seq_id 
_pdbx_unobs_or_zero_occ_residues.PDB_ins_code 
_pdbx_unobs_or_zero_occ_residues.label_asym_id 
_pdbx_unobs_or_zero_occ_residues.label_comp_id 
_pdbx_unobs_or_zero_occ_residues.label_seq_id 
1  1 Y 1 A MET -1  ? A MET 1   
2  1 Y 1 A GLN 203 ? A GLN 205 
3  1 Y 1 A ALA 204 ? A ALA 206 
4  1 Y 1 A GLU 205 ? A GLU 207 
5  1 Y 1 A ASN 206 ? A ASN 208 
6  1 Y 1 A LEU 207 ? A LEU 209 
7  1 Y 1 A TYR 208 ? A TYR 210 
8  1 Y 1 A PHE 209 ? A PHE 211 
9  1 Y 1 A GLN 210 ? A GLN 212 
10 1 Y 1 A SER 211 ? A SER 213 
11 1 Y 1 A HIS 212 ? A HIS 214 
12 1 Y 1 A HIS 213 ? A HIS 215 
13 1 Y 1 A HIS 214 ? A HIS 216 
14 1 Y 1 A HIS 215 ? A HIS 217 
15 1 Y 1 A HIS 216 ? A HIS 218 
16 1 Y 1 A HIS 217 ? A HIS 219 
17 1 Y 1 A TRP 218 ? A TRP 220 
18 1 Y 1 A SER 219 ? A SER 221 
19 1 Y 1 A HIS 220 ? A HIS 222 
20 1 Y 1 A PRO 221 ? A PRO 223 
21 1 Y 1 A GLN 222 ? A GLN 224 
22 1 Y 1 A PHE 223 ? A PHE 225 
23 1 Y 1 A GLU 224 ? A GLU 226 
24 1 Y 1 A LYS 225 ? A LYS 227 
# 
loop_
_chem_comp_atom.comp_id 
_chem_comp_atom.atom_id 
_chem_comp_atom.type_symbol 
_chem_comp_atom.pdbx_aromatic_flag 
_chem_comp_atom.pdbx_stereo_config 
_chem_comp_atom.pdbx_ordinal 
ALA N    N N N 1   
ALA CA   C N S 2   
ALA C    C N N 3   
ALA O    O N N 4   
ALA CB   C N N 5   
ALA OXT  O N N 6   
ALA H    H N N 7   
ALA H2   H N N 8   
ALA HA   H N N 9   
ALA HB1  H N N 10  
ALA HB2  H N N 11  
ALA HB3  H N N 12  
ALA HXT  H N N 13  
ARG N    N N N 14  
ARG CA   C N S 15  
ARG C    C N N 16  
ARG O    O N N 17  
ARG CB   C N N 18  
ARG CG   C N N 19  
ARG CD   C N N 20  
ARG NE   N N N 21  
ARG CZ   C N N 22  
ARG NH1  N N N 23  
ARG NH2  N N N 24  
ARG OXT  O N N 25  
ARG H    H N N 26  
ARG H2   H N N 27  
ARG HA   H N N 28  
ARG HB2  H N N 29  
ARG HB3  H N N 30  
ARG HG2  H N N 31  
ARG HG3  H N N 32  
ARG HD2  H N N 33  
ARG HD3  H N N 34  
ARG HE   H N N 35  
ARG HH11 H N N 36  
ARG HH12 H N N 37  
ARG HH21 H N N 38  
ARG HH22 H N N 39  
ARG HXT  H N N 40  
ASN N    N N N 41  
ASN CA   C N S 42  
ASN C    C N N 43  
ASN O    O N N 44  
ASN CB   C N N 45  
ASN CG   C N N 46  
ASN OD1  O N N 47  
ASN ND2  N N N 48  
ASN OXT  O N N 49  
ASN H    H N N 50  
ASN H2   H N N 51  
ASN HA   H N N 52  
ASN HB2  H N N 53  
ASN HB3  H N N 54  
ASN HD21 H N N 55  
ASN HD22 H N N 56  
ASN HXT  H N N 57  
ASP N    N N N 58  
ASP CA   C N S 59  
ASP C    C N N 60  
ASP O    O N N 61  
ASP CB   C N N 62  
ASP CG   C N N 63  
ASP OD1  O N N 64  
ASP OD2  O N N 65  
ASP OXT  O N N 66  
ASP H    H N N 67  
ASP H2   H N N 68  
ASP HA   H N N 69  
ASP HB2  H N N 70  
ASP HB3  H N N 71  
ASP HD2  H N N 72  
ASP HXT  H N N 73  
CYS N    N N N 74  
CYS CA   C N R 75  
CYS C    C N N 76  
CYS O    O N N 77  
CYS CB   C N N 78  
CYS SG   S N N 79  
CYS OXT  O N N 80  
CYS H    H N N 81  
CYS H2   H N N 82  
CYS HA   H N N 83  
CYS HB2  H N N 84  
CYS HB3  H N N 85  
CYS HG   H N N 86  
CYS HXT  H N N 87  
GLN N    N N N 88  
GLN CA   C N S 89  
GLN C    C N N 90  
GLN O    O N N 91  
GLN CB   C N N 92  
GLN CG   C N N 93  
GLN CD   C N N 94  
GLN OE1  O N N 95  
GLN NE2  N N N 96  
GLN OXT  O N N 97  
GLN H    H N N 98  
GLN H2   H N N 99  
GLN HA   H N N 100 
GLN HB2  H N N 101 
GLN HB3  H N N 102 
GLN HG2  H N N 103 
GLN HG3  H N N 104 
GLN HE21 H N N 105 
GLN HE22 H N N 106 
GLN HXT  H N N 107 
GLU N    N N N 108 
GLU CA   C N S 109 
GLU C    C N N 110 
GLU O    O N N 111 
GLU CB   C N N 112 
GLU CG   C N N 113 
GLU CD   C N N 114 
GLU OE1  O N N 115 
GLU OE2  O N N 116 
GLU OXT  O N N 117 
GLU H    H N N 118 
GLU H2   H N N 119 
GLU HA   H N N 120 
GLU HB2  H N N 121 
GLU HB3  H N N 122 
GLU HG2  H N N 123 
GLU HG3  H N N 124 
GLU HE2  H N N 125 
GLU HXT  H N N 126 
GLY N    N N N 127 
GLY CA   C N N 128 
GLY C    C N N 129 
GLY O    O N N 130 
GLY OXT  O N N 131 
GLY H    H N N 132 
GLY H2   H N N 133 
GLY HA2  H N N 134 
GLY HA3  H N N 135 
GLY HXT  H N N 136 
GOL C1   C N N 137 
GOL O1   O N N 138 
GOL C2   C N N 139 
GOL O2   O N N 140 
GOL C3   C N N 141 
GOL O3   O N N 142 
GOL H11  H N N 143 
GOL H12  H N N 144 
GOL HO1  H N N 145 
GOL H2   H N N 146 
GOL HO2  H N N 147 
GOL H31  H N N 148 
GOL H32  H N N 149 
GOL HO3  H N N 150 
HIS N    N N N 151 
HIS CA   C N S 152 
HIS C    C N N 153 
HIS O    O N N 154 
HIS CB   C N N 155 
HIS CG   C Y N 156 
HIS ND1  N Y N 157 
HIS CD2  C Y N 158 
HIS CE1  C Y N 159 
HIS NE2  N Y N 160 
HIS OXT  O N N 161 
HIS H    H N N 162 
HIS H2   H N N 163 
HIS HA   H N N 164 
HIS HB2  H N N 165 
HIS HB3  H N N 166 
HIS HD1  H N N 167 
HIS HD2  H N N 168 
HIS HE1  H N N 169 
HIS HE2  H N N 170 
HIS HXT  H N N 171 
HOH O    O N N 172 
HOH H1   H N N 173 
HOH H2   H N N 174 
ILE N    N N N 175 
ILE CA   C N S 176 
ILE C    C N N 177 
ILE O    O N N 178 
ILE CB   C N S 179 
ILE CG1  C N N 180 
ILE CG2  C N N 181 
ILE CD1  C N N 182 
ILE OXT  O N N 183 
ILE H    H N N 184 
ILE H2   H N N 185 
ILE HA   H N N 186 
ILE HB   H N N 187 
ILE HG12 H N N 188 
ILE HG13 H N N 189 
ILE HG21 H N N 190 
ILE HG22 H N N 191 
ILE HG23 H N N 192 
ILE HD11 H N N 193 
ILE HD12 H N N 194 
ILE HD13 H N N 195 
ILE HXT  H N N 196 
LEU N    N N N 197 
LEU CA   C N S 198 
LEU C    C N N 199 
LEU O    O N N 200 
LEU CB   C N N 201 
LEU CG   C N N 202 
LEU CD1  C N N 203 
LEU CD2  C N N 204 
LEU OXT  O N N 205 
LEU H    H N N 206 
LEU H2   H N N 207 
LEU HA   H N N 208 
LEU HB2  H N N 209 
LEU HB3  H N N 210 
LEU HG   H N N 211 
LEU HD11 H N N 212 
LEU HD12 H N N 213 
LEU HD13 H N N 214 
LEU HD21 H N N 215 
LEU HD22 H N N 216 
LEU HD23 H N N 217 
LEU HXT  H N N 218 
LYS N    N N N 219 
LYS CA   C N S 220 
LYS C    C N N 221 
LYS O    O N N 222 
LYS CB   C N N 223 
LYS CG   C N N 224 
LYS CD   C N N 225 
LYS CE   C N N 226 
LYS NZ   N N N 227 
LYS OXT  O N N 228 
LYS H    H N N 229 
LYS H2   H N N 230 
LYS HA   H N N 231 
LYS HB2  H N N 232 
LYS HB3  H N N 233 
LYS HG2  H N N 234 
LYS HG3  H N N 235 
LYS HD2  H N N 236 
LYS HD3  H N N 237 
LYS HE2  H N N 238 
LYS HE3  H N N 239 
LYS HZ1  H N N 240 
LYS HZ2  H N N 241 
LYS HZ3  H N N 242 
LYS HXT  H N N 243 
MET N    N N N 244 
MET CA   C N S 245 
MET C    C N N 246 
MET O    O N N 247 
MET CB   C N N 248 
MET CG   C N N 249 
MET SD   S N N 250 
MET CE   C N N 251 
MET OXT  O N N 252 
MET H    H N N 253 
MET H2   H N N 254 
MET HA   H N N 255 
MET HB2  H N N 256 
MET HB3  H N N 257 
MET HG2  H N N 258 
MET HG3  H N N 259 
MET HE1  H N N 260 
MET HE2  H N N 261 
MET HE3  H N N 262 
MET HXT  H N N 263 
PHE N    N N N 264 
PHE CA   C N S 265 
PHE C    C N N 266 
PHE O    O N N 267 
PHE CB   C N N 268 
PHE CG   C Y N 269 
PHE CD1  C Y N 270 
PHE CD2  C Y N 271 
PHE CE1  C Y N 272 
PHE CE2  C Y N 273 
PHE CZ   C Y N 274 
PHE OXT  O N N 275 
PHE H    H N N 276 
PHE H2   H N N 277 
PHE HA   H N N 278 
PHE HB2  H N N 279 
PHE HB3  H N N 280 
PHE HD1  H N N 281 
PHE HD2  H N N 282 
PHE HE1  H N N 283 
PHE HE2  H N N 284 
PHE HZ   H N N 285 
PHE HXT  H N N 286 
PRO N    N N N 287 
PRO CA   C N S 288 
PRO C    C N N 289 
PRO O    O N N 290 
PRO CB   C N N 291 
PRO CG   C N N 292 
PRO CD   C N N 293 
PRO OXT  O N N 294 
PRO H    H N N 295 
PRO HA   H N N 296 
PRO HB2  H N N 297 
PRO HB3  H N N 298 
PRO HG2  H N N 299 
PRO HG3  H N N 300 
PRO HD2  H N N 301 
PRO HD3  H N N 302 
PRO HXT  H N N 303 
SER N    N N N 304 
SER CA   C N S 305 
SER C    C N N 306 
SER O    O N N 307 
SER CB   C N N 308 
SER OG   O N N 309 
SER OXT  O N N 310 
SER H    H N N 311 
SER H2   H N N 312 
SER HA   H N N 313 
SER HB2  H N N 314 
SER HB3  H N N 315 
SER HG   H N N 316 
SER HXT  H N N 317 
THR N    N N N 318 
THR CA   C N S 319 
THR C    C N N 320 
THR O    O N N 321 
THR CB   C N R 322 
THR OG1  O N N 323 
THR CG2  C N N 324 
THR OXT  O N N 325 
THR H    H N N 326 
THR H2   H N N 327 
THR HA   H N N 328 
THR HB   H N N 329 
THR HG1  H N N 330 
THR HG21 H N N 331 
THR HG22 H N N 332 
THR HG23 H N N 333 
THR HXT  H N N 334 
TRP N    N N N 335 
TRP CA   C N S 336 
TRP C    C N N 337 
TRP O    O N N 338 
TRP CB   C N N 339 
TRP CG   C Y N 340 
TRP CD1  C Y N 341 
TRP CD2  C Y N 342 
TRP NE1  N Y N 343 
TRP CE2  C Y N 344 
TRP CE3  C Y N 345 
TRP CZ2  C Y N 346 
TRP CZ3  C Y N 347 
TRP CH2  C Y N 348 
TRP OXT  O N N 349 
TRP H    H N N 350 
TRP H2   H N N 351 
TRP HA   H N N 352 
TRP HB2  H N N 353 
TRP HB3  H N N 354 
TRP HD1  H N N 355 
TRP HE1  H N N 356 
TRP HE3  H N N 357 
TRP HZ2  H N N 358 
TRP HZ3  H N N 359 
TRP HH2  H N N 360 
TRP HXT  H N N 361 
TYR N    N N N 362 
TYR CA   C N S 363 
TYR C    C N N 364 
TYR O    O N N 365 
TYR CB   C N N 366 
TYR CG   C Y N 367 
TYR CD1  C Y N 368 
TYR CD2  C Y N 369 
TYR CE1  C Y N 370 
TYR CE2  C Y N 371 
TYR CZ   C Y N 372 
TYR OH   O N N 373 
TYR OXT  O N N 374 
TYR H    H N N 375 
TYR H2   H N N 376 
TYR HA   H N N 377 
TYR HB2  H N N 378 
TYR HB3  H N N 379 
TYR HD1  H N N 380 
TYR HD2  H N N 381 
TYR HE1  H N N 382 
TYR HE2  H N N 383 
TYR HH   H N N 384 
TYR HXT  H N N 385 
VAL N    N N N 386 
VAL CA   C N S 387 
VAL C    C N N 388 
VAL O    O N N 389 
VAL CB   C N N 390 
VAL CG1  C N N 391 
VAL CG2  C N N 392 
VAL OXT  O N N 393 
VAL H    H N N 394 
VAL H2   H N N 395 
VAL HA   H N N 396 
VAL HB   H N N 397 
VAL HG11 H N N 398 
VAL HG12 H N N 399 
VAL HG13 H N N 400 
VAL HG21 H N N 401 
VAL HG22 H N N 402 
VAL HG23 H N N 403 
VAL HXT  H N N 404 
# 
loop_
_chem_comp_bond.comp_id 
_chem_comp_bond.atom_id_1 
_chem_comp_bond.atom_id_2 
_chem_comp_bond.value_order 
_chem_comp_bond.pdbx_aromatic_flag 
_chem_comp_bond.pdbx_stereo_config 
_chem_comp_bond.pdbx_ordinal 
ALA N   CA   sing N N 1   
ALA N   H    sing N N 2   
ALA N   H2   sing N N 3   
ALA CA  C    sing N N 4   
ALA CA  CB   sing N N 5   
ALA CA  HA   sing N N 6   
ALA C   O    doub N N 7   
ALA C   OXT  sing N N 8   
ALA CB  HB1  sing N N 9   
ALA CB  HB2  sing N N 10  
ALA CB  HB3  sing N N 11  
ALA OXT HXT  sing N N 12  
ARG N   CA   sing N N 13  
ARG N   H    sing N N 14  
ARG N   H2   sing N N 15  
ARG CA  C    sing N N 16  
ARG CA  CB   sing N N 17  
ARG CA  HA   sing N N 18  
ARG C   O    doub N N 19  
ARG C   OXT  sing N N 20  
ARG CB  CG   sing N N 21  
ARG CB  HB2  sing N N 22  
ARG CB  HB3  sing N N 23  
ARG CG  CD   sing N N 24  
ARG CG  HG2  sing N N 25  
ARG CG  HG3  sing N N 26  
ARG CD  NE   sing N N 27  
ARG CD  HD2  sing N N 28  
ARG CD  HD3  sing N N 29  
ARG NE  CZ   sing N N 30  
ARG NE  HE   sing N N 31  
ARG CZ  NH1  sing N N 32  
ARG CZ  NH2  doub N N 33  
ARG NH1 HH11 sing N N 34  
ARG NH1 HH12 sing N N 35  
ARG NH2 HH21 sing N N 36  
ARG NH2 HH22 sing N N 37  
ARG OXT HXT  sing N N 38  
ASN N   CA   sing N N 39  
ASN N   H    sing N N 40  
ASN N   H2   sing N N 41  
ASN CA  C    sing N N 42  
ASN CA  CB   sing N N 43  
ASN CA  HA   sing N N 44  
ASN C   O    doub N N 45  
ASN C   OXT  sing N N 46  
ASN CB  CG   sing N N 47  
ASN CB  HB2  sing N N 48  
ASN CB  HB3  sing N N 49  
ASN CG  OD1  doub N N 50  
ASN CG  ND2  sing N N 51  
ASN ND2 HD21 sing N N 52  
ASN ND2 HD22 sing N N 53  
ASN OXT HXT  sing N N 54  
ASP N   CA   sing N N 55  
ASP N   H    sing N N 56  
ASP N   H2   sing N N 57  
ASP CA  C    sing N N 58  
ASP CA  CB   sing N N 59  
ASP CA  HA   sing N N 60  
ASP C   O    doub N N 61  
ASP C   OXT  sing N N 62  
ASP CB  CG   sing N N 63  
ASP CB  HB2  sing N N 64  
ASP CB  HB3  sing N N 65  
ASP CG  OD1  doub N N 66  
ASP CG  OD2  sing N N 67  
ASP OD2 HD2  sing N N 68  
ASP OXT HXT  sing N N 69  
CYS N   CA   sing N N 70  
CYS N   H    sing N N 71  
CYS N   H2   sing N N 72  
CYS CA  C    sing N N 73  
CYS CA  CB   sing N N 74  
CYS CA  HA   sing N N 75  
CYS C   O    doub N N 76  
CYS C   OXT  sing N N 77  
CYS CB  SG   sing N N 78  
CYS CB  HB2  sing N N 79  
CYS CB  HB3  sing N N 80  
CYS SG  HG   sing N N 81  
CYS OXT HXT  sing N N 82  
GLN N   CA   sing N N 83  
GLN N   H    sing N N 84  
GLN N   H2   sing N N 85  
GLN CA  C    sing N N 86  
GLN CA  CB   sing N N 87  
GLN CA  HA   sing N N 88  
GLN C   O    doub N N 89  
GLN C   OXT  sing N N 90  
GLN CB  CG   sing N N 91  
GLN CB  HB2  sing N N 92  
GLN CB  HB3  sing N N 93  
GLN CG  CD   sing N N 94  
GLN CG  HG2  sing N N 95  
GLN CG  HG3  sing N N 96  
GLN CD  OE1  doub N N 97  
GLN CD  NE2  sing N N 98  
GLN NE2 HE21 sing N N 99  
GLN NE2 HE22 sing N N 100 
GLN OXT HXT  sing N N 101 
GLU N   CA   sing N N 102 
GLU N   H    sing N N 103 
GLU N   H2   sing N N 104 
GLU CA  C    sing N N 105 
GLU CA  CB   sing N N 106 
GLU CA  HA   sing N N 107 
GLU C   O    doub N N 108 
GLU C   OXT  sing N N 109 
GLU CB  CG   sing N N 110 
GLU CB  HB2  sing N N 111 
GLU CB  HB3  sing N N 112 
GLU CG  CD   sing N N 113 
GLU CG  HG2  sing N N 114 
GLU CG  HG3  sing N N 115 
GLU CD  OE1  doub N N 116 
GLU CD  OE2  sing N N 117 
GLU OE2 HE2  sing N N 118 
GLU OXT HXT  sing N N 119 
GLY N   CA   sing N N 120 
GLY N   H    sing N N 121 
GLY N   H2   sing N N 122 
GLY CA  C    sing N N 123 
GLY CA  HA2  sing N N 124 
GLY CA  HA3  sing N N 125 
GLY C   O    doub N N 126 
GLY C   OXT  sing N N 127 
GLY OXT HXT  sing N N 128 
GOL C1  O1   sing N N 129 
GOL C1  C2   sing N N 130 
GOL C1  H11  sing N N 131 
GOL C1  H12  sing N N 132 
GOL O1  HO1  sing N N 133 
GOL C2  O2   sing N N 134 
GOL C2  C3   sing N N 135 
GOL C2  H2   sing N N 136 
GOL O2  HO2  sing N N 137 
GOL C3  O3   sing N N 138 
GOL C3  H31  sing N N 139 
GOL C3  H32  sing N N 140 
GOL O3  HO3  sing N N 141 
HIS N   CA   sing N N 142 
HIS N   H    sing N N 143 
HIS N   H2   sing N N 144 
HIS CA  C    sing N N 145 
HIS CA  CB   sing N N 146 
HIS CA  HA   sing N N 147 
HIS C   O    doub N N 148 
HIS C   OXT  sing N N 149 
HIS CB  CG   sing N N 150 
HIS CB  HB2  sing N N 151 
HIS CB  HB3  sing N N 152 
HIS CG  ND1  sing Y N 153 
HIS CG  CD2  doub Y N 154 
HIS ND1 CE1  doub Y N 155 
HIS ND1 HD1  sing N N 156 
HIS CD2 NE2  sing Y N 157 
HIS CD2 HD2  sing N N 158 
HIS CE1 NE2  sing Y N 159 
HIS CE1 HE1  sing N N 160 
HIS NE2 HE2  sing N N 161 
HIS OXT HXT  sing N N 162 
HOH O   H1   sing N N 163 
HOH O   H2   sing N N 164 
ILE N   CA   sing N N 165 
ILE N   H    sing N N 166 
ILE N   H2   sing N N 167 
ILE CA  C    sing N N 168 
ILE CA  CB   sing N N 169 
ILE CA  HA   sing N N 170 
ILE C   O    doub N N 171 
ILE C   OXT  sing N N 172 
ILE CB  CG1  sing N N 173 
ILE CB  CG2  sing N N 174 
ILE CB  HB   sing N N 175 
ILE CG1 CD1  sing N N 176 
ILE CG1 HG12 sing N N 177 
ILE CG1 HG13 sing N N 178 
ILE CG2 HG21 sing N N 179 
ILE CG2 HG22 sing N N 180 
ILE CG2 HG23 sing N N 181 
ILE CD1 HD11 sing N N 182 
ILE CD1 HD12 sing N N 183 
ILE CD1 HD13 sing N N 184 
ILE OXT HXT  sing N N 185 
LEU N   CA   sing N N 186 
LEU N   H    sing N N 187 
LEU N   H2   sing N N 188 
LEU CA  C    sing N N 189 
LEU CA  CB   sing N N 190 
LEU CA  HA   sing N N 191 
LEU C   O    doub N N 192 
LEU C   OXT  sing N N 193 
LEU CB  CG   sing N N 194 
LEU CB  HB2  sing N N 195 
LEU CB  HB3  sing N N 196 
LEU CG  CD1  sing N N 197 
LEU CG  CD2  sing N N 198 
LEU CG  HG   sing N N 199 
LEU CD1 HD11 sing N N 200 
LEU CD1 HD12 sing N N 201 
LEU CD1 HD13 sing N N 202 
LEU CD2 HD21 sing N N 203 
LEU CD2 HD22 sing N N 204 
LEU CD2 HD23 sing N N 205 
LEU OXT HXT  sing N N 206 
LYS N   CA   sing N N 207 
LYS N   H    sing N N 208 
LYS N   H2   sing N N 209 
LYS CA  C    sing N N 210 
LYS CA  CB   sing N N 211 
LYS CA  HA   sing N N 212 
LYS C   O    doub N N 213 
LYS C   OXT  sing N N 214 
LYS CB  CG   sing N N 215 
LYS CB  HB2  sing N N 216 
LYS CB  HB3  sing N N 217 
LYS CG  CD   sing N N 218 
LYS CG  HG2  sing N N 219 
LYS CG  HG3  sing N N 220 
LYS CD  CE   sing N N 221 
LYS CD  HD2  sing N N 222 
LYS CD  HD3  sing N N 223 
LYS CE  NZ   sing N N 224 
LYS CE  HE2  sing N N 225 
LYS CE  HE3  sing N N 226 
LYS NZ  HZ1  sing N N 227 
LYS NZ  HZ2  sing N N 228 
LYS NZ  HZ3  sing N N 229 
LYS OXT HXT  sing N N 230 
MET N   CA   sing N N 231 
MET N   H    sing N N 232 
MET N   H2   sing N N 233 
MET CA  C    sing N N 234 
MET CA  CB   sing N N 235 
MET CA  HA   sing N N 236 
MET C   O    doub N N 237 
MET C   OXT  sing N N 238 
MET CB  CG   sing N N 239 
MET CB  HB2  sing N N 240 
MET CB  HB3  sing N N 241 
MET CG  SD   sing N N 242 
MET CG  HG2  sing N N 243 
MET CG  HG3  sing N N 244 
MET SD  CE   sing N N 245 
MET CE  HE1  sing N N 246 
MET CE  HE2  sing N N 247 
MET CE  HE3  sing N N 248 
MET OXT HXT  sing N N 249 
PHE N   CA   sing N N 250 
PHE N   H    sing N N 251 
PHE N   H2   sing N N 252 
PHE CA  C    sing N N 253 
PHE CA  CB   sing N N 254 
PHE CA  HA   sing N N 255 
PHE C   O    doub N N 256 
PHE C   OXT  sing N N 257 
PHE CB  CG   sing N N 258 
PHE CB  HB2  sing N N 259 
PHE CB  HB3  sing N N 260 
PHE CG  CD1  doub Y N 261 
PHE CG  CD2  sing Y N 262 
PHE CD1 CE1  sing Y N 263 
PHE CD1 HD1  sing N N 264 
PHE CD2 CE2  doub Y N 265 
PHE CD2 HD2  sing N N 266 
PHE CE1 CZ   doub Y N 267 
PHE CE1 HE1  sing N N 268 
PHE CE2 CZ   sing Y N 269 
PHE CE2 HE2  sing N N 270 
PHE CZ  HZ   sing N N 271 
PHE OXT HXT  sing N N 272 
PRO N   CA   sing N N 273 
PRO N   CD   sing N N 274 
PRO N   H    sing N N 275 
PRO CA  C    sing N N 276 
PRO CA  CB   sing N N 277 
PRO CA  HA   sing N N 278 
PRO C   O    doub N N 279 
PRO C   OXT  sing N N 280 
PRO CB  CG   sing N N 281 
PRO CB  HB2  sing N N 282 
PRO CB  HB3  sing N N 283 
PRO CG  CD   sing N N 284 
PRO CG  HG2  sing N N 285 
PRO CG  HG3  sing N N 286 
PRO CD  HD2  sing N N 287 
PRO CD  HD3  sing N N 288 
PRO OXT HXT  sing N N 289 
SER N   CA   sing N N 290 
SER N   H    sing N N 291 
SER N   H2   sing N N 292 
SER CA  C    sing N N 293 
SER CA  CB   sing N N 294 
SER CA  HA   sing N N 295 
SER C   O    doub N N 296 
SER C   OXT  sing N N 297 
SER CB  OG   sing N N 298 
SER CB  HB2  sing N N 299 
SER CB  HB3  sing N N 300 
SER OG  HG   sing N N 301 
SER OXT HXT  sing N N 302 
THR N   CA   sing N N 303 
THR N   H    sing N N 304 
THR N   H2   sing N N 305 
THR CA  C    sing N N 306 
THR CA  CB   sing N N 307 
THR CA  HA   sing N N 308 
THR C   O    doub N N 309 
THR C   OXT  sing N N 310 
THR CB  OG1  sing N N 311 
THR CB  CG2  sing N N 312 
THR CB  HB   sing N N 313 
THR OG1 HG1  sing N N 314 
THR CG2 HG21 sing N N 315 
THR CG2 HG22 sing N N 316 
THR CG2 HG23 sing N N 317 
THR OXT HXT  sing N N 318 
TRP N   CA   sing N N 319 
TRP N   H    sing N N 320 
TRP N   H2   sing N N 321 
TRP CA  C    sing N N 322 
TRP CA  CB   sing N N 323 
TRP CA  HA   sing N N 324 
TRP C   O    doub N N 325 
TRP C   OXT  sing N N 326 
TRP CB  CG   sing N N 327 
TRP CB  HB2  sing N N 328 
TRP CB  HB3  sing N N 329 
TRP CG  CD1  doub Y N 330 
TRP CG  CD2  sing Y N 331 
TRP CD1 NE1  sing Y N 332 
TRP CD1 HD1  sing N N 333 
TRP CD2 CE2  doub Y N 334 
TRP CD2 CE3  sing Y N 335 
TRP NE1 CE2  sing Y N 336 
TRP NE1 HE1  sing N N 337 
TRP CE2 CZ2  sing Y N 338 
TRP CE3 CZ3  doub Y N 339 
TRP CE3 HE3  sing N N 340 
TRP CZ2 CH2  doub Y N 341 
TRP CZ2 HZ2  sing N N 342 
TRP CZ3 CH2  sing Y N 343 
TRP CZ3 HZ3  sing N N 344 
TRP CH2 HH2  sing N N 345 
TRP OXT HXT  sing N N 346 
TYR N   CA   sing N N 347 
TYR N   H    sing N N 348 
TYR N   H2   sing N N 349 
TYR CA  C    sing N N 350 
TYR CA  CB   sing N N 351 
TYR CA  HA   sing N N 352 
TYR C   O    doub N N 353 
TYR C   OXT  sing N N 354 
TYR CB  CG   sing N N 355 
TYR CB  HB2  sing N N 356 
TYR CB  HB3  sing N N 357 
TYR CG  CD1  doub Y N 358 
TYR CG  CD2  sing Y N 359 
TYR CD1 CE1  sing Y N 360 
TYR CD1 HD1  sing N N 361 
TYR CD2 CE2  doub Y N 362 
TYR CD2 HD2  sing N N 363 
TYR CE1 CZ   doub Y N 364 
TYR CE1 HE1  sing N N 365 
TYR CE2 CZ   sing Y N 366 
TYR CE2 HE2  sing N N 367 
TYR CZ  OH   sing N N 368 
TYR OH  HH   sing N N 369 
TYR OXT HXT  sing N N 370 
VAL N   CA   sing N N 371 
VAL N   H    sing N N 372 
VAL N   H2   sing N N 373 
VAL CA  C    sing N N 374 
VAL CA  CB   sing N N 375 
VAL CA  HA   sing N N 376 
VAL C   O    doub N N 377 
VAL C   OXT  sing N N 378 
VAL CB  CG1  sing N N 379 
VAL CB  CG2  sing N N 380 
VAL CB  HB   sing N N 381 
VAL CG1 HG11 sing N N 382 
VAL CG1 HG12 sing N N 383 
VAL CG1 HG13 sing N N 384 
VAL CG2 HG21 sing N N 385 
VAL CG2 HG22 sing N N 386 
VAL CG2 HG23 sing N N 387 
VAL OXT HXT  sing N N 388 
# 
loop_
_pdbx_entity_nonpoly.entity_id 
_pdbx_entity_nonpoly.name 
_pdbx_entity_nonpoly.comp_id 
2 GLYCEROL GOL 
3 water    HOH 
# 
_pdbx_initial_refinement_model.id               1 
_pdbx_initial_refinement_model.entity_id_list   ? 
_pdbx_initial_refinement_model.type             'experimental model' 
_pdbx_initial_refinement_model.source_name      PDB 
_pdbx_initial_refinement_model.accession_code   2DSA 
_pdbx_initial_refinement_model.details          'PDB ENTRY 2DSA' 
# 
